data_3HAF
# 
_entry.id   3HAF 
# 
_audit_conform.dict_name       mmcif_pdbx.dic 
_audit_conform.dict_version    5.399 
_audit_conform.dict_location   http://mmcif.pdb.org/dictionaries/ascii/mmcif_pdbx.dic 
# 
loop_
_database_2.database_id 
_database_2.database_code 
_database_2.pdbx_database_accession 
_database_2.pdbx_DOI 
PDB   3HAF         pdb_00003haf 10.2210/pdb3haf/pdb 
RCSB  RCSB052893   ?            ?                   
WWPDB D_1000052893 ?            ?                   
# 
loop_
_pdbx_audit_revision_history.ordinal 
_pdbx_audit_revision_history.data_content_type 
_pdbx_audit_revision_history.major_revision 
_pdbx_audit_revision_history.minor_revision 
_pdbx_audit_revision_history.revision_date 
1 'Structure model' 1 0 2010-01-12 
2 'Structure model' 1 1 2011-07-13 
3 'Structure model' 1 2 2017-11-01 
4 'Structure model' 1 3 2024-11-20 
# 
_pdbx_audit_revision_details.ordinal             1 
_pdbx_audit_revision_details.revision_ordinal    1 
_pdbx_audit_revision_details.data_content_type   'Structure model' 
_pdbx_audit_revision_details.provider            repository 
_pdbx_audit_revision_details.type                'Initial release' 
_pdbx_audit_revision_details.description         ? 
_pdbx_audit_revision_details.details             ? 
# 
loop_
_pdbx_audit_revision_group.ordinal 
_pdbx_audit_revision_group.revision_ordinal 
_pdbx_audit_revision_group.data_content_type 
_pdbx_audit_revision_group.group 
1 2 'Structure model' 'Version format compliance' 
2 3 'Structure model' 'Refinement description'    
3 4 'Structure model' 'Data collection'           
4 4 'Structure model' 'Database references'       
5 4 'Structure model' 'Derived calculations'      
6 4 'Structure model' 'Structure summary'         
# 
loop_
_pdbx_audit_revision_category.ordinal 
_pdbx_audit_revision_category.revision_ordinal 
_pdbx_audit_revision_category.data_content_type 
_pdbx_audit_revision_category.category 
1 3 'Structure model' software                  
2 4 'Structure model' chem_comp_atom            
3 4 'Structure model' chem_comp_bond            
4 4 'Structure model' database_2                
5 4 'Structure model' pdbx_entry_details        
6 4 'Structure model' pdbx_modification_feature 
7 4 'Structure model' struct_ref_seq_dif        
8 4 'Structure model' struct_site               
# 
loop_
_pdbx_audit_revision_item.ordinal 
_pdbx_audit_revision_item.revision_ordinal 
_pdbx_audit_revision_item.data_content_type 
_pdbx_audit_revision_item.item 
1 4 'Structure model' '_database_2.pdbx_DOI'                
2 4 'Structure model' '_database_2.pdbx_database_accession' 
3 4 'Structure model' '_struct_ref_seq_dif.details'         
4 4 'Structure model' '_struct_site.pdbx_auth_asym_id'      
5 4 'Structure model' '_struct_site.pdbx_auth_comp_id'      
6 4 'Structure model' '_struct_site.pdbx_auth_seq_id'       
# 
_pdbx_database_status.entry_id                        3HAF 
_pdbx_database_status.deposit_site                    RCSB 
_pdbx_database_status.process_site                    RCSB 
_pdbx_database_status.recvd_initial_deposition_date   2009-05-01 
_pdbx_database_status.status_code                     REL 
_pdbx_database_status.status_code_sf                  REL 
_pdbx_database_status.status_code_mr                  ? 
_pdbx_database_status.SG_entry                        ? 
_pdbx_database_status.pdb_format_compatible           Y 
_pdbx_database_status.status_code_cs                  ? 
_pdbx_database_status.methods_development_category    ? 
_pdbx_database_status.status_code_nmr_data            ? 
# 
_pdbx_database_related.db_name        PDB 
_pdbx_database_related.db_id          3HAK 
_pdbx_database_related.details        . 
_pdbx_database_related.content_type   unspecified 
# 
loop_
_audit_author.name 
_audit_author.pdbx_ordinal 
'Lee, S.'        1 
'Antony, L.'     2 
'Hartmann, R.'   3 
'Knaus, K.J.'    4 
'Surewicz, K.'   5 
'Surewicz, W.K.' 6 
'Yee, V.C.'      7 
# 
_citation.id                        primary 
_citation.title                     
'Conformational diversity in prion protein variants influences intermolecular beta-sheet formation.' 
_citation.journal_abbrev            'Embo J.' 
_citation.journal_volume            29 
_citation.page_first                251 
_citation.page_last                 262 
_citation.year                      2010 
_citation.journal_id_ASTM           EMJODG 
_citation.country                   UK 
_citation.journal_id_ISSN           0261-4189 
_citation.journal_id_CSD            0897 
_citation.book_publisher            ? 
_citation.pdbx_database_id_PubMed   19927125 
_citation.pdbx_database_id_DOI      10.1038/emboj.2009.333 
# 
loop_
_citation_author.citation_id 
_citation_author.name 
_citation_author.ordinal 
_citation_author.identifier_ORCID 
primary 'Lee, S.'        1 ? 
primary 'Antony, L.'     2 ? 
primary 'Hartmann, R.'   3 ? 
primary 'Knaus, K.J.'    4 ? 
primary 'Surewicz, K.'   5 ? 
primary 'Surewicz, W.K.' 6 ? 
primary 'Yee, V.C.'      7 ? 
# 
loop_
_entity.id 
_entity.type 
_entity.src_method 
_entity.pdbx_description 
_entity.formula_weight 
_entity.pdbx_number_of_molecules 
_entity.pdbx_ec 
_entity.pdbx_mutation 
_entity.pdbx_fragment 
_entity.details 
1 polymer     man 'Major prion protein' 16136.933 1  ? ? 'UNP residues 90-231' ? 
2 non-polymer syn 'CADMIUM ION'         112.411   1  ? ? ?                     ? 
3 non-polymer syn 'CHLORIDE ION'        35.453    1  ? ? ?                     ? 
4 water       nat water                 18.015    52 ? ? ?                     ? 
# 
_entity_name_com.entity_id   1 
_entity_name_com.name        'PrP, PrP27-30, PrP33-35C, ASCR' 
# 
_entity_poly.entity_id                      1 
_entity_poly.type                           'polypeptide(L)' 
_entity_poly.nstd_linkage                   no 
_entity_poly.nstd_monomer                   no 
_entity_poly.pdbx_seq_one_letter_code       
;GQGGGTHSQWNKPSKPKTNMKHMAGAAAAGAVVGGLGGYVLGSAMSRPIIHFGSDYEDRYYRENMHRYPNQVYYRPMDEY
SNQNNFVHDCVNITIKQHTVTTTTKGENFTETDVKMMERVVEQMCITQYERESQAYYQRGSS
;
_entity_poly.pdbx_seq_one_letter_code_can   
;GQGGGTHSQWNKPSKPKTNMKHMAGAAAAGAVVGGLGGYVLGSAMSRPIIHFGSDYEDRYYRENMHRYPNQVYYRPMDEY
SNQNNFVHDCVNITIKQHTVTTTTKGENFTETDVKMMERVVEQMCITQYERESQAYYQRGSS
;
_entity_poly.pdbx_strand_id                 A 
_entity_poly.pdbx_target_identifier         ? 
# 
loop_
_pdbx_entity_nonpoly.entity_id 
_pdbx_entity_nonpoly.name 
_pdbx_entity_nonpoly.comp_id 
2 'CADMIUM ION'  CD  
3 'CHLORIDE ION' CL  
4 water          HOH 
# 
loop_
_entity_poly_seq.entity_id 
_entity_poly_seq.num 
_entity_poly_seq.mon_id 
_entity_poly_seq.hetero 
1 1   GLY n 
1 2   GLN n 
1 3   GLY n 
1 4   GLY n 
1 5   GLY n 
1 6   THR n 
1 7   HIS n 
1 8   SER n 
1 9   GLN n 
1 10  TRP n 
1 11  ASN n 
1 12  LYS n 
1 13  PRO n 
1 14  SER n 
1 15  LYS n 
1 16  PRO n 
1 17  LYS n 
1 18  THR n 
1 19  ASN n 
1 20  MET n 
1 21  LYS n 
1 22  HIS n 
1 23  MET n 
1 24  ALA n 
1 25  GLY n 
1 26  ALA n 
1 27  ALA n 
1 28  ALA n 
1 29  ALA n 
1 30  GLY n 
1 31  ALA n 
1 32  VAL n 
1 33  VAL n 
1 34  GLY n 
1 35  GLY n 
1 36  LEU n 
1 37  GLY n 
1 38  GLY n 
1 39  TYR n 
1 40  VAL n 
1 41  LEU n 
1 42  GLY n 
1 43  SER n 
1 44  ALA n 
1 45  MET n 
1 46  SER n 
1 47  ARG n 
1 48  PRO n 
1 49  ILE n 
1 50  ILE n 
1 51  HIS n 
1 52  PHE n 
1 53  GLY n 
1 54  SER n 
1 55  ASP n 
1 56  TYR n 
1 57  GLU n 
1 58  ASP n 
1 59  ARG n 
1 60  TYR n 
1 61  TYR n 
1 62  ARG n 
1 63  GLU n 
1 64  ASN n 
1 65  MET n 
1 66  HIS n 
1 67  ARG n 
1 68  TYR n 
1 69  PRO n 
1 70  ASN n 
1 71  GLN n 
1 72  VAL n 
1 73  TYR n 
1 74  TYR n 
1 75  ARG n 
1 76  PRO n 
1 77  MET n 
1 78  ASP n 
1 79  GLU n 
1 80  TYR n 
1 81  SER n 
1 82  ASN n 
1 83  GLN n 
1 84  ASN n 
1 85  ASN n 
1 86  PHE n 
1 87  VAL n 
1 88  HIS n 
1 89  ASP n 
1 90  CYS n 
1 91  VAL n 
1 92  ASN n 
1 93  ILE n 
1 94  THR n 
1 95  ILE n 
1 96  LYS n 
1 97  GLN n 
1 98  HIS n 
1 99  THR n 
1 100 VAL n 
1 101 THR n 
1 102 THR n 
1 103 THR n 
1 104 THR n 
1 105 LYS n 
1 106 GLY n 
1 107 GLU n 
1 108 ASN n 
1 109 PHE n 
1 110 THR n 
1 111 GLU n 
1 112 THR n 
1 113 ASP n 
1 114 VAL n 
1 115 LYS n 
1 116 MET n 
1 117 MET n 
1 118 GLU n 
1 119 ARG n 
1 120 VAL n 
1 121 VAL n 
1 122 GLU n 
1 123 GLN n 
1 124 MET n 
1 125 CYS n 
1 126 ILE n 
1 127 THR n 
1 128 GLN n 
1 129 TYR n 
1 130 GLU n 
1 131 ARG n 
1 132 GLU n 
1 133 SER n 
1 134 GLN n 
1 135 ALA n 
1 136 TYR n 
1 137 TYR n 
1 138 GLN n 
1 139 ARG n 
1 140 GLY n 
1 141 SER n 
1 142 SER n 
# 
_entity_src_gen.entity_id                          1 
_entity_src_gen.pdbx_src_id                        1 
_entity_src_gen.pdbx_alt_source_flag               sample 
_entity_src_gen.pdbx_seq_type                      ? 
_entity_src_gen.pdbx_beg_seq_num                   ? 
_entity_src_gen.pdbx_end_seq_num                   ? 
_entity_src_gen.gene_src_common_name               human 
_entity_src_gen.gene_src_genus                     ? 
_entity_src_gen.pdbx_gene_src_gene                 'PRNP, PRIP, PRP' 
_entity_src_gen.gene_src_species                   ? 
_entity_src_gen.gene_src_strain                    ? 
_entity_src_gen.gene_src_tissue                    ? 
_entity_src_gen.gene_src_tissue_fraction           ? 
_entity_src_gen.gene_src_details                   ? 
_entity_src_gen.pdbx_gene_src_fragment             ? 
_entity_src_gen.pdbx_gene_src_scientific_name      'Homo sapiens' 
_entity_src_gen.pdbx_gene_src_ncbi_taxonomy_id     9606 
_entity_src_gen.pdbx_gene_src_variant              ? 
_entity_src_gen.pdbx_gene_src_cell_line            ? 
_entity_src_gen.pdbx_gene_src_atcc                 ? 
_entity_src_gen.pdbx_gene_src_organ                ? 
_entity_src_gen.pdbx_gene_src_organelle            ? 
_entity_src_gen.pdbx_gene_src_cell                 ? 
_entity_src_gen.pdbx_gene_src_cellular_location    ? 
_entity_src_gen.host_org_common_name               ? 
_entity_src_gen.pdbx_host_org_scientific_name      'Escherichia coli' 
_entity_src_gen.pdbx_host_org_ncbi_taxonomy_id     562 
_entity_src_gen.host_org_genus                     ? 
_entity_src_gen.pdbx_host_org_gene                 ? 
_entity_src_gen.pdbx_host_org_organ                ? 
_entity_src_gen.host_org_species                   ? 
_entity_src_gen.pdbx_host_org_tissue               ? 
_entity_src_gen.pdbx_host_org_tissue_fraction      ? 
_entity_src_gen.pdbx_host_org_strain               ? 
_entity_src_gen.pdbx_host_org_variant              ? 
_entity_src_gen.pdbx_host_org_cell_line            ? 
_entity_src_gen.pdbx_host_org_atcc                 ? 
_entity_src_gen.pdbx_host_org_culture_collection   ? 
_entity_src_gen.pdbx_host_org_cell                 ? 
_entity_src_gen.pdbx_host_org_organelle            ? 
_entity_src_gen.pdbx_host_org_cellular_location    ? 
_entity_src_gen.pdbx_host_org_vector_type          ? 
_entity_src_gen.pdbx_host_org_vector               ? 
_entity_src_gen.host_org_details                   ? 
_entity_src_gen.expression_system_id               ? 
_entity_src_gen.plasmid_name                       ? 
_entity_src_gen.plasmid_details                    ? 
_entity_src_gen.pdbx_description                   ? 
# 
loop_
_chem_comp.id 
_chem_comp.type 
_chem_comp.mon_nstd_flag 
_chem_comp.name 
_chem_comp.pdbx_synonyms 
_chem_comp.formula 
_chem_comp.formula_weight 
ALA 'L-peptide linking' y ALANINE         ? 'C3 H7 N O2'     89.093  
ARG 'L-peptide linking' y ARGININE        ? 'C6 H15 N4 O2 1' 175.209 
ASN 'L-peptide linking' y ASPARAGINE      ? 'C4 H8 N2 O3'    132.118 
ASP 'L-peptide linking' y 'ASPARTIC ACID' ? 'C4 H7 N O4'     133.103 
CD  non-polymer         . 'CADMIUM ION'   ? 'Cd 2'           112.411 
CL  non-polymer         . 'CHLORIDE ION'  ? 'Cl -1'          35.453  
CYS 'L-peptide linking' y CYSTEINE        ? 'C3 H7 N O2 S'   121.158 
GLN 'L-peptide linking' y GLUTAMINE       ? 'C5 H10 N2 O3'   146.144 
GLU 'L-peptide linking' y 'GLUTAMIC ACID' ? 'C5 H9 N O4'     147.129 
GLY 'peptide linking'   y GLYCINE         ? 'C2 H5 N O2'     75.067  
HIS 'L-peptide linking' y HISTIDINE       ? 'C6 H10 N3 O2 1' 156.162 
HOH non-polymer         . WATER           ? 'H2 O'           18.015  
ILE 'L-peptide linking' y ISOLEUCINE      ? 'C6 H13 N O2'    131.173 
LEU 'L-peptide linking' y LEUCINE         ? 'C6 H13 N O2'    131.173 
LYS 'L-peptide linking' y LYSINE          ? 'C6 H15 N2 O2 1' 147.195 
MET 'L-peptide linking' y METHIONINE      ? 'C5 H11 N O2 S'  149.211 
PHE 'L-peptide linking' y PHENYLALANINE   ? 'C9 H11 N O2'    165.189 
PRO 'L-peptide linking' y PROLINE         ? 'C5 H9 N O2'     115.130 
SER 'L-peptide linking' y SERINE          ? 'C3 H7 N O3'     105.093 
THR 'L-peptide linking' y THREONINE       ? 'C4 H9 N O3'     119.119 
TRP 'L-peptide linking' y TRYPTOPHAN      ? 'C11 H12 N2 O2'  204.225 
TYR 'L-peptide linking' y TYROSINE        ? 'C9 H11 N O3'    181.189 
VAL 'L-peptide linking' y VALINE          ? 'C5 H11 N O2'    117.146 
# 
loop_
_pdbx_poly_seq_scheme.asym_id 
_pdbx_poly_seq_scheme.entity_id 
_pdbx_poly_seq_scheme.seq_id 
_pdbx_poly_seq_scheme.mon_id 
_pdbx_poly_seq_scheme.ndb_seq_num 
_pdbx_poly_seq_scheme.pdb_seq_num 
_pdbx_poly_seq_scheme.auth_seq_num 
_pdbx_poly_seq_scheme.pdb_mon_id 
_pdbx_poly_seq_scheme.auth_mon_id 
_pdbx_poly_seq_scheme.pdb_strand_id 
_pdbx_poly_seq_scheme.pdb_ins_code 
_pdbx_poly_seq_scheme.hetero 
A 1 1   GLY 1   90  ?   ?   ?   A . n 
A 1 2   GLN 2   91  ?   ?   ?   A . n 
A 1 3   GLY 3   92  ?   ?   ?   A . n 
A 1 4   GLY 4   93  ?   ?   ?   A . n 
A 1 5   GLY 5   94  ?   ?   ?   A . n 
A 1 6   THR 6   95  ?   ?   ?   A . n 
A 1 7   HIS 7   96  ?   ?   ?   A . n 
A 1 8   SER 8   97  ?   ?   ?   A . n 
A 1 9   GLN 9   98  ?   ?   ?   A . n 
A 1 10  TRP 10  99  ?   ?   ?   A . n 
A 1 11  ASN 11  100 ?   ?   ?   A . n 
A 1 12  LYS 12  101 ?   ?   ?   A . n 
A 1 13  PRO 13  102 ?   ?   ?   A . n 
A 1 14  SER 14  103 ?   ?   ?   A . n 
A 1 15  LYS 15  104 ?   ?   ?   A . n 
A 1 16  PRO 16  105 ?   ?   ?   A . n 
A 1 17  LYS 17  106 ?   ?   ?   A . n 
A 1 18  THR 18  107 ?   ?   ?   A . n 
A 1 19  ASN 19  108 ?   ?   ?   A . n 
A 1 20  MET 20  109 ?   ?   ?   A . n 
A 1 21  LYS 21  110 ?   ?   ?   A . n 
A 1 22  HIS 22  111 ?   ?   ?   A . n 
A 1 23  MET 23  112 ?   ?   ?   A . n 
A 1 24  ALA 24  113 ?   ?   ?   A . n 
A 1 25  GLY 25  114 ?   ?   ?   A . n 
A 1 26  ALA 26  115 ?   ?   ?   A . n 
A 1 27  ALA 27  116 ?   ?   ?   A . n 
A 1 28  ALA 28  117 ?   ?   ?   A . n 
A 1 29  ALA 29  118 ?   ?   ?   A . n 
A 1 30  GLY 30  119 ?   ?   ?   A . n 
A 1 31  ALA 31  120 120 ALA ALA A . n 
A 1 32  VAL 32  121 121 VAL VAL A . n 
A 1 33  VAL 33  122 122 VAL VAL A . n 
A 1 34  GLY 34  123 123 GLY GLY A . n 
A 1 35  GLY 35  124 124 GLY GLY A . n 
A 1 36  LEU 36  125 125 LEU LEU A . n 
A 1 37  GLY 37  126 126 GLY GLY A . n 
A 1 38  GLY 38  127 127 GLY GLY A . n 
A 1 39  TYR 39  128 128 TYR TYR A . n 
A 1 40  VAL 40  129 129 VAL VAL A . n 
A 1 41  LEU 41  130 130 LEU LEU A . n 
A 1 42  GLY 42  131 131 GLY GLY A . n 
A 1 43  SER 43  132 132 SER SER A . n 
A 1 44  ALA 44  133 133 ALA ALA A . n 
A 1 45  MET 45  134 134 MET MET A . n 
A 1 46  SER 46  135 135 SER SER A . n 
A 1 47  ARG 47  136 136 ARG ARG A . n 
A 1 48  PRO 48  137 137 PRO PRO A . n 
A 1 49  ILE 49  138 138 ILE ILE A . n 
A 1 50  ILE 50  139 139 ILE ILE A . n 
A 1 51  HIS 51  140 140 HIS HIS A . n 
A 1 52  PHE 52  141 141 PHE PHE A . n 
A 1 53  GLY 53  142 142 GLY GLY A . n 
A 1 54  SER 54  143 143 SER SER A . n 
A 1 55  ASP 55  144 144 ASP ASP A . n 
A 1 56  TYR 56  145 145 TYR TYR A . n 
A 1 57  GLU 57  146 146 GLU GLU A . n 
A 1 58  ASP 58  147 147 ASP ASP A . n 
A 1 59  ARG 59  148 148 ARG ARG A . n 
A 1 60  TYR 60  149 149 TYR TYR A . n 
A 1 61  TYR 61  150 150 TYR TYR A . n 
A 1 62  ARG 62  151 151 ARG ARG A . n 
A 1 63  GLU 63  152 152 GLU GLU A . n 
A 1 64  ASN 64  153 153 ASN ASN A . n 
A 1 65  MET 65  154 154 MET MET A . n 
A 1 66  HIS 66  155 155 HIS HIS A . n 
A 1 67  ARG 67  156 156 ARG ARG A . n 
A 1 68  TYR 68  157 157 TYR TYR A . n 
A 1 69  PRO 69  158 158 PRO PRO A . n 
A 1 70  ASN 70  159 159 ASN ASN A . n 
A 1 71  GLN 71  160 160 GLN GLN A . n 
A 1 72  VAL 72  161 161 VAL VAL A . n 
A 1 73  TYR 73  162 162 TYR TYR A . n 
A 1 74  TYR 74  163 163 TYR TYR A . n 
A 1 75  ARG 75  164 164 ARG ARG A . n 
A 1 76  PRO 76  165 165 PRO PRO A . n 
A 1 77  MET 77  166 166 MET MET A . n 
A 1 78  ASP 78  167 167 ASP ASP A . n 
A 1 79  GLU 79  168 168 GLU GLU A . n 
A 1 80  TYR 80  169 169 TYR TYR A . n 
A 1 81  SER 81  170 170 SER SER A . n 
A 1 82  ASN 82  171 171 ASN ASN A . n 
A 1 83  GLN 83  172 172 GLN GLN A . n 
A 1 84  ASN 84  173 173 ASN ASN A . n 
A 1 85  ASN 85  174 174 ASN ASN A . n 
A 1 86  PHE 86  175 175 PHE PHE A . n 
A 1 87  VAL 87  176 176 VAL VAL A . n 
A 1 88  HIS 88  177 177 HIS HIS A . n 
A 1 89  ASP 89  178 178 ASP ASP A . n 
A 1 90  CYS 90  179 179 CYS CYS A . n 
A 1 91  VAL 91  180 180 VAL VAL A . n 
A 1 92  ASN 92  181 181 ASN ASN A . n 
A 1 93  ILE 93  182 182 ILE ILE A . n 
A 1 94  THR 94  183 183 THR THR A . n 
A 1 95  ILE 95  184 184 ILE ILE A . n 
A 1 96  LYS 96  185 185 LYS LYS A . n 
A 1 97  GLN 97  186 186 GLN GLN A . n 
A 1 98  HIS 98  187 187 HIS HIS A . n 
A 1 99  THR 99  188 188 THR THR A . n 
A 1 100 VAL 100 189 189 VAL VAL A . n 
A 1 101 THR 101 190 190 THR THR A . n 
A 1 102 THR 102 191 191 THR THR A . n 
A 1 103 THR 103 192 192 THR THR A . n 
A 1 104 THR 104 193 193 THR THR A . n 
A 1 105 LYS 105 194 194 LYS LYS A . n 
A 1 106 GLY 106 195 195 GLY GLY A . n 
A 1 107 GLU 107 196 196 GLU GLU A . n 
A 1 108 ASN 108 197 197 ASN ASN A . n 
A 1 109 PHE 109 198 198 PHE PHE A . n 
A 1 110 THR 110 199 199 THR THR A . n 
A 1 111 GLU 111 200 200 GLU GLU A . n 
A 1 112 THR 112 201 201 THR THR A . n 
A 1 113 ASP 113 202 202 ASP ASP A . n 
A 1 114 VAL 114 203 203 VAL VAL A . n 
A 1 115 LYS 115 204 204 LYS LYS A . n 
A 1 116 MET 116 205 205 MET MET A . n 
A 1 117 MET 117 206 206 MET MET A . n 
A 1 118 GLU 118 207 207 GLU GLU A . n 
A 1 119 ARG 119 208 208 ARG ARG A . n 
A 1 120 VAL 120 209 209 VAL VAL A . n 
A 1 121 VAL 121 210 210 VAL VAL A . n 
A 1 122 GLU 122 211 211 GLU GLU A . n 
A 1 123 GLN 123 212 212 GLN GLN A . n 
A 1 124 MET 124 213 213 MET MET A . n 
A 1 125 CYS 125 214 214 CYS CYS A . n 
A 1 126 ILE 126 215 215 ILE ILE A . n 
A 1 127 THR 127 216 216 THR THR A . n 
A 1 128 GLN 128 217 217 GLN GLN A . n 
A 1 129 TYR 129 218 218 TYR TYR A . n 
A 1 130 GLU 130 219 219 GLU GLU A . n 
A 1 131 ARG 131 220 220 ARG ARG A . n 
A 1 132 GLU 132 221 221 GLU GLU A . n 
A 1 133 SER 133 222 222 SER SER A . n 
A 1 134 GLN 134 223 223 GLN GLN A . n 
A 1 135 ALA 135 224 224 ALA ALA A . n 
A 1 136 TYR 136 225 225 TYR TYR A . n 
A 1 137 TYR 137 226 ?   ?   ?   A . n 
A 1 138 GLN 138 227 ?   ?   ?   A . n 
A 1 139 ARG 139 228 ?   ?   ?   A . n 
A 1 140 GLY 140 229 ?   ?   ?   A . n 
A 1 141 SER 141 230 ?   ?   ?   A . n 
A 1 142 SER 142 231 ?   ?   ?   A . n 
# 
loop_
_pdbx_nonpoly_scheme.asym_id 
_pdbx_nonpoly_scheme.entity_id 
_pdbx_nonpoly_scheme.mon_id 
_pdbx_nonpoly_scheme.ndb_seq_num 
_pdbx_nonpoly_scheme.pdb_seq_num 
_pdbx_nonpoly_scheme.auth_seq_num 
_pdbx_nonpoly_scheme.pdb_mon_id 
_pdbx_nonpoly_scheme.auth_mon_id 
_pdbx_nonpoly_scheme.pdb_strand_id 
_pdbx_nonpoly_scheme.pdb_ins_code 
B 2 CD  1  300 300 CD  CD  A . 
C 3 CL  1  301 301 CL  CL  A . 
D 4 HOH 1  302 302 HOH HOH A . 
D 4 HOH 2  303 303 HOH HOH A . 
D 4 HOH 3  304 304 HOH HOH A . 
D 4 HOH 4  305 305 HOH HOH A . 
D 4 HOH 5  306 306 HOH HOH A . 
D 4 HOH 6  307 307 HOH HOH A . 
D 4 HOH 7  308 308 HOH HOH A . 
D 4 HOH 8  309 309 HOH HOH A . 
D 4 HOH 9  310 310 HOH HOH A . 
D 4 HOH 10 311 311 HOH HOH A . 
D 4 HOH 11 312 312 HOH HOH A . 
D 4 HOH 12 313 313 HOH HOH A . 
D 4 HOH 13 314 314 HOH HOH A . 
D 4 HOH 14 315 315 HOH HOH A . 
D 4 HOH 15 316 316 HOH HOH A . 
D 4 HOH 16 317 317 HOH HOH A . 
D 4 HOH 17 318 318 HOH HOH A . 
D 4 HOH 18 319 319 HOH HOH A . 
D 4 HOH 19 320 320 HOH HOH A . 
D 4 HOH 20 321 321 HOH HOH A . 
D 4 HOH 21 322 322 HOH HOH A . 
D 4 HOH 22 323 323 HOH HOH A . 
D 4 HOH 23 324 324 HOH HOH A . 
D 4 HOH 24 325 325 HOH HOH A . 
D 4 HOH 25 326 326 HOH HOH A . 
D 4 HOH 26 327 327 HOH HOH A . 
D 4 HOH 27 328 328 HOH HOH A . 
D 4 HOH 28 329 329 HOH HOH A . 
D 4 HOH 29 330 330 HOH HOH A . 
D 4 HOH 30 331 331 HOH HOH A . 
D 4 HOH 31 332 332 HOH HOH A . 
D 4 HOH 32 333 333 HOH HOH A . 
D 4 HOH 33 334 334 HOH HOH A . 
D 4 HOH 34 335 335 HOH HOH A . 
D 4 HOH 35 336 336 HOH HOH A . 
D 4 HOH 36 337 337 HOH HOH A . 
D 4 HOH 37 338 338 HOH HOH A . 
D 4 HOH 38 339 339 HOH HOH A . 
D 4 HOH 39 340 340 HOH HOH A . 
D 4 HOH 40 341 341 HOH HOH A . 
D 4 HOH 41 342 342 HOH HOH A . 
D 4 HOH 42 343 343 HOH HOH A . 
D 4 HOH 43 344 344 HOH HOH A . 
D 4 HOH 44 345 345 HOH HOH A . 
D 4 HOH 45 346 346 HOH HOH A . 
D 4 HOH 46 347 347 HOH HOH A . 
D 4 HOH 47 348 348 HOH HOH A . 
D 4 HOH 48 349 349 HOH HOH A . 
D 4 HOH 49 350 350 HOH HOH A . 
D 4 HOH 50 351 351 HOH HOH A . 
D 4 HOH 51 352 352 HOH HOH A . 
D 4 HOH 52 353 353 HOH HOH A . 
# 
loop_
_software.pdbx_ordinal 
_software.name 
_software.version 
_software.date 
_software.type 
_software.contact_author 
_software.contact_author_email 
_software.classification 
_software.location 
_software.language 
_software.citation_id 
1 DENZO       .        ?               package 'Zbyszek Otwinowski' hkl@hkl-xray.com      'data reduction'  
http://www.hkl-xray.com/                     ?          ? 
2 SCALEPACK   .        ?               package 'Zbyszek Otwinowski' hkl@hkl-xray.com      'data scaling'    
http://www.hkl-xray.com/                     ?          ? 
3 REFMAC      5.5.0066 ?               program 'Garib N. Murshudov' garib@ysbl.york.ac.uk refinement        
http://www.ccp4.ac.uk/dist/html/refmac5.html Fortran_77 ? 
4 PDB_EXTRACT 3.005    'June 11, 2008' package PDB                  help@deposit.rcsb.org 'data extraction' 
http://sw-tools.pdb.org/apps/PDB_EXTRACT/    C++        ? 
5 HKL-2000    .        ?               ?       ?                    ?                     'data collection' ? ?          ? 
6 EPMR        .        ?               ?       ?                    ?                     phasing           ? ?          ? 
# 
_cell.entry_id           3HAF 
_cell.length_a           85.287 
_cell.length_b           86.358 
_cell.length_c           40.736 
_cell.angle_alpha        90.00 
_cell.angle_beta         90.00 
_cell.angle_gamma        90.00 
_cell.Z_PDB              8 
_cell.pdbx_unique_axis   ? 
_cell.length_a_esd       ? 
_cell.length_b_esd       ? 
_cell.length_c_esd       ? 
_cell.angle_alpha_esd    ? 
_cell.angle_beta_esd     ? 
_cell.angle_gamma_esd    ? 
# 
_symmetry.entry_id                         3HAF 
_symmetry.space_group_name_H-M             'C 2 2 21' 
_symmetry.pdbx_full_space_group_name_H-M   ? 
_symmetry.cell_setting                     ? 
_symmetry.Int_Tables_number                20 
_symmetry.space_group_name_Hall            ? 
# 
_exptl.crystals_number   1 
_exptl.entry_id          3HAF 
_exptl.method            'X-RAY DIFFRACTION' 
# 
_exptl_crystal.id                    1 
_exptl_crystal.density_Matthews      2.32 
_exptl_crystal.density_meas          ? 
_exptl_crystal.density_percent_sol   47.08 
_exptl_crystal.description           ? 
_exptl_crystal.F_000                 ? 
_exptl_crystal.preparation           ? 
# 
_exptl_crystal_grow.crystal_id      1 
_exptl_crystal_grow.method          'VAPOR DIFFUSION, SITTING DROP' 
_exptl_crystal_grow.pH              10.0 
_exptl_crystal_grow.temp            293 
_exptl_crystal_grow.temp_details    ? 
_exptl_crystal_grow.pdbx_details    '0.1M Tris, 3.4M NaCl, pH 10.0, VAPOR DIFFUSION, SITTING DROP, temperature 293K' 
_exptl_crystal_grow.pdbx_pH_range   ? 
# 
_diffrn.id                     1 
_diffrn.ambient_temp           100 
_diffrn.ambient_temp_details   ? 
_diffrn.crystal_id             1 
# 
_diffrn_detector.diffrn_id              1 
_diffrn_detector.detector               CCD 
_diffrn_detector.type                   ? 
_diffrn_detector.pdbx_collection_date   2006-04-14 
_diffrn_detector.details                ? 
# 
_diffrn_radiation.diffrn_id                        1 
_diffrn_radiation.wavelength_id                    1 
_diffrn_radiation.pdbx_diffrn_protocol             'SINGLE WAVELENGTH' 
_diffrn_radiation.monochromator                    ? 
_diffrn_radiation.pdbx_monochromatic_or_laue_m_l   M 
_diffrn_radiation.pdbx_scattering_type             x-ray 
# 
_diffrn_radiation_wavelength.id           1 
_diffrn_radiation_wavelength.wavelength   0.9787 
_diffrn_radiation_wavelength.wt           1.0 
# 
_diffrn_source.diffrn_id                   1 
_diffrn_source.source                      SYNCHROTRON 
_diffrn_source.type                        'APS BEAMLINE 19-BM' 
_diffrn_source.pdbx_wavelength             ? 
_diffrn_source.pdbx_wavelength_list        0.9787 
_diffrn_source.pdbx_synchrotron_site       APS 
_diffrn_source.pdbx_synchrotron_beamline   19-BM 
# 
_reflns.entry_id                     3HAF 
_reflns.d_resolution_high            2.150 
_reflns.d_resolution_low             30.000 
_reflns.number_obs                   7351 
_reflns.pdbx_Rmerge_I_obs            0.086 
_reflns.pdbx_netI_over_sigmaI        3.889 
_reflns.pdbx_chi_squared             0.256 
_reflns.pdbx_redundancy              5.500 
_reflns.percent_possible_obs         83.400 
_reflns.observed_criterion_sigma_F   ? 
_reflns.observed_criterion_sigma_I   ? 
_reflns.number_all                   ? 
_reflns.pdbx_Rsym_value              ? 
_reflns.B_iso_Wilson_estimate        ? 
_reflns.R_free_details               ? 
_reflns.limit_h_max                  ? 
_reflns.limit_h_min                  ? 
_reflns.limit_k_max                  ? 
_reflns.limit_k_min                  ? 
_reflns.limit_l_max                  ? 
_reflns.limit_l_min                  ? 
_reflns.observed_criterion_F_max     ? 
_reflns.observed_criterion_F_min     ? 
_reflns.pdbx_scaling_rejects         ? 
_reflns.pdbx_diffrn_id               1 
_reflns.pdbx_ordinal                 1 
# 
loop_
_reflns_shell.d_res_high 
_reflns_shell.d_res_low 
_reflns_shell.number_measured_obs 
_reflns_shell.number_measured_all 
_reflns_shell.number_unique_obs 
_reflns_shell.Rmerge_I_obs 
_reflns_shell.meanI_over_sigI_obs 
_reflns_shell.pdbx_Rsym_value 
_reflns_shell.pdbx_chi_squared 
_reflns_shell.pdbx_redundancy 
_reflns_shell.percent_possible_obs 
_reflns_shell.number_unique_all 
_reflns_shell.percent_possible_all 
_reflns_shell.pdbx_diffrn_id 
_reflns_shell.pdbx_ordinal 
2.15 2.23  ? ? ? 0.378 ? ? 0.323 2.30 ? 344 40.20  ? 1  
2.23 2.32  ? ? ? 0.353 ? ? 0.373 3.00 ? 427 49.30  ? 2  
2.32 2.42  ? ? ? 0.394 ? ? 0.377 3.80 ? 560 65.30  ? 3  
2.42 2.55  ? ? ? 0.435 ? ? 0.338 4.60 ? 717 81.40  ? 4  
2.55 2.71  ? ? ? 0.405 ? ? 0.351 5.40 ? 810 94.20  ? 5  
2.71 2.92  ? ? ? 0.242 ? ? 0.390 6.30 ? 871 99.70  ? 6  
2.92 3.21  ? ? ? 0.152 ? ? 0.387 6.60 ? 884 99.90  ? 7  
3.21 3.67  ? ? ? 0.088 ? ? 0.130 6.50 ? 886 100.00 ? 8  
3.67 4.63  ? ? ? 0.057 ? ? 0.095 6.30 ? 899 100.00 ? 9  
4.63 30.00 ? ? ? 0.047 ? ? 0.086 5.70 ? 953 99.90  ? 10 
# 
_refine.entry_id                                 3HAF 
_refine.ls_d_res_high                            2.260 
_refine.ls_d_res_low                             27.270 
_refine.pdbx_ls_sigma_F                          0.00 
_refine.pdbx_data_cutoff_high_absF               ? 
_refine.pdbx_data_cutoff_low_absF                ? 
_refine.ls_percent_reflns_obs                    90.270 
_refine.ls_number_reflns_obs                     6669 
_refine.ls_number_reflns_all                     ? 
_refine.pdbx_ls_cross_valid_method               THROUGHOUT 
_refine.pdbx_R_Free_selection_details            RANDOM 
_refine.details                                  
'HYDROGENS HAVE BEEN ADDED IN THE RIDING POSITIONS. U VALUES: REFINED INDIVIDUALLY' 
_refine.ls_R_factor_all                          ? 
_refine.ls_R_factor_obs                          0.206 
_refine.ls_R_factor_R_work                       0.203 
_refine.ls_wR_factor_R_work                      ? 
_refine.ls_R_factor_R_free                       0.278 
_refine.ls_wR_factor_R_free                      ? 
_refine.ls_percent_reflns_R_free                 4.700 
_refine.ls_number_reflns_R_free                  313 
_refine.ls_R_factor_R_free_error                 ? 
_refine.B_iso_mean                               47.225 
_refine.solvent_model_param_bsol                 ? 
_refine.solvent_model_param_ksol                 ? 
_refine.pdbx_isotropic_thermal_model             ? 
_refine.aniso_B[1][1]                            -0.010 
_refine.aniso_B[2][2]                            -0.010 
_refine.aniso_B[3][3]                            0.020 
_refine.aniso_B[1][2]                            0.000 
_refine.aniso_B[1][3]                            0.000 
_refine.aniso_B[2][3]                            0.000 
_refine.correlation_coeff_Fo_to_Fc               0.955 
_refine.correlation_coeff_Fo_to_Fc_free          0.918 
_refine.overall_SU_R_Cruickshank_DPI             ? 
_refine.overall_SU_R_free                        ? 
_refine.pdbx_overall_ESU_R                       0.287 
_refine.pdbx_overall_ESU_R_Free                  0.252 
_refine.overall_SU_ML                            0.175 
_refine.overall_SU_B                             7.617 
_refine.solvent_model_details                    MASK 
_refine.pdbx_solvent_vdw_probe_radii             1.400 
_refine.pdbx_solvent_ion_probe_radii             0.800 
_refine.pdbx_solvent_shrinkage_radii             0.800 
_refine.ls_number_parameters                     ? 
_refine.ls_number_restraints                     ? 
_refine.pdbx_starting_model                      ? 
_refine.pdbx_method_to_determine_struct          'MOLECULAR REPLACEMENT' 
_refine.pdbx_stereochemistry_target_values       'MAXIMUM LIKELIHOOD' 
_refine.pdbx_stereochem_target_val_spec_case     ? 
_refine.overall_FOM_work_R_set                   ? 
_refine.B_iso_max                                92.35 
_refine.B_iso_min                                21.50 
_refine.occupancy_max                            1.00 
_refine.occupancy_min                            0.50 
_refine.pdbx_ls_sigma_I                          ? 
_refine.ls_redundancy_reflns_obs                 ? 
_refine.ls_R_factor_R_free_error_details         ? 
_refine.pdbx_data_cutoff_high_rms_absF           ? 
_refine.overall_FOM_free_R_set                   ? 
_refine.pdbx_overall_phase_error                 ? 
_refine.pdbx_refine_id                           'X-RAY DIFFRACTION' 
_refine.pdbx_diffrn_id                           1 
_refine.pdbx_TLS_residual_ADP_flag               ? 
_refine.pdbx_overall_SU_R_free_Cruickshank_DPI   ? 
_refine.pdbx_overall_SU_R_Blow_DPI               ? 
_refine.pdbx_overall_SU_R_free_Blow_DPI          ? 
# 
_refine_hist.pdbx_refine_id                   'X-RAY DIFFRACTION' 
_refine_hist.cycle_id                         LAST 
_refine_hist.pdbx_number_atoms_protein        878 
_refine_hist.pdbx_number_atoms_nucleic_acid   0 
_refine_hist.pdbx_number_atoms_ligand         2 
_refine_hist.number_atoms_solvent             52 
_refine_hist.number_atoms_total               932 
_refine_hist.d_res_high                       2.260 
_refine_hist.d_res_low                        27.270 
# 
loop_
_refine_ls_restr.type 
_refine_ls_restr.number 
_refine_ls_restr.dev_ideal 
_refine_ls_restr.dev_ideal_target 
_refine_ls_restr.weight 
_refine_ls_restr.pdbx_refine_id 
_refine_ls_restr.pdbx_restraint_function 
r_bond_refined_d       900  0.013  0.021  ? 'X-RAY DIFFRACTION' ? 
r_angle_refined_deg    1219 1.428  1.922  ? 'X-RAY DIFFRACTION' ? 
r_dihedral_angle_1_deg 107  5.163  5.000  ? 'X-RAY DIFFRACTION' ? 
r_dihedral_angle_2_deg 52   35.003 23.846 ? 'X-RAY DIFFRACTION' ? 
r_dihedral_angle_3_deg 151  16.159 15.000 ? 'X-RAY DIFFRACTION' ? 
r_dihedral_angle_4_deg 7    15.194 15.000 ? 'X-RAY DIFFRACTION' ? 
r_chiral_restr         126  0.091  0.200  ? 'X-RAY DIFFRACTION' ? 
r_gen_planes_refined   714  0.006  0.021  ? 'X-RAY DIFFRACTION' ? 
r_mcbond_it            529  0.952  1.500  ? 'X-RAY DIFFRACTION' ? 
r_mcangle_it           862  1.816  2.000  ? 'X-RAY DIFFRACTION' ? 
r_scbond_it            371  2.031  3.000  ? 'X-RAY DIFFRACTION' ? 
r_scangle_it           356  3.347  4.500  ? 'X-RAY DIFFRACTION' ? 
# 
_refine_ls_shell.d_res_high                       2.255 
_refine_ls_shell.d_res_low                        2.314 
_refine_ls_shell.pdbx_total_number_of_bins_used   20 
_refine_ls_shell.percent_reflns_obs               42.280 
_refine_ls_shell.number_reflns_R_work             210 
_refine_ls_shell.R_factor_all                     ? 
_refine_ls_shell.R_factor_R_work                  0.326 
_refine_ls_shell.R_factor_R_free                  0.320 
_refine_ls_shell.percent_reflns_R_free            ? 
_refine_ls_shell.number_reflns_R_free             9 
_refine_ls_shell.R_factor_R_free_error            ? 
_refine_ls_shell.number_reflns_all                219 
_refine_ls_shell.number_reflns_obs                ? 
_refine_ls_shell.redundancy_reflns_obs            ? 
_refine_ls_shell.pdbx_refine_id                   'X-RAY DIFFRACTION' 
# 
_struct.entry_id                  3HAF 
_struct.title                     'Human prion protein variant V129 domain swapped dimer' 
_struct.pdbx_model_details        ? 
_struct.pdbx_CASP_flag            ? 
_struct.pdbx_model_type_details   ? 
# 
_struct_keywords.entry_id        3HAF 
_struct_keywords.pdbx_keywords   'MEMBRANE PROTEIN' 
_struct_keywords.text            
;Prion, Cell membrane, Disease mutation, Disulfide bond, Glycoprotein, Golgi apparatus, GPI-anchor, Lipoprotein, Membrane, Polymorphism, MEMBRANE PROTEIN
;
# 
loop_
_struct_asym.id 
_struct_asym.pdbx_blank_PDB_chainid_flag 
_struct_asym.pdbx_modified 
_struct_asym.entity_id 
_struct_asym.details 
A N N 1 ? 
B N N 2 ? 
C N N 3 ? 
D N N 4 ? 
# 
_struct_ref.id                         1 
_struct_ref.db_name                    UNP 
_struct_ref.db_code                    PRIO_HUMAN 
_struct_ref.pdbx_db_accession          P04156 
_struct_ref.entity_id                  1 
_struct_ref.pdbx_seq_one_letter_code   
;GQGGGTHSQWNKPSKPKTNMKHMAGAAAAGAVVGGLGGYMLGSAMSRPIIHFGSDYEDRYYRENMHRYPNQVYYRPMDEY
SNQNNFVHDCVNITIKQHTVTTTTKGENFTETDVKMMERVVEQMCITQYERESQAYYQRGSS
;
_struct_ref.pdbx_align_begin           90 
_struct_ref.pdbx_db_isoform            ? 
# 
_struct_ref_seq.align_id                      1 
_struct_ref_seq.ref_id                        1 
_struct_ref_seq.pdbx_PDB_id_code              3HAF 
_struct_ref_seq.pdbx_strand_id                A 
_struct_ref_seq.seq_align_beg                 1 
_struct_ref_seq.pdbx_seq_align_beg_ins_code   ? 
_struct_ref_seq.seq_align_end                 142 
_struct_ref_seq.pdbx_seq_align_end_ins_code   ? 
_struct_ref_seq.pdbx_db_accession             P04156 
_struct_ref_seq.db_align_beg                  90 
_struct_ref_seq.pdbx_db_align_beg_ins_code    ? 
_struct_ref_seq.db_align_end                  231 
_struct_ref_seq.pdbx_db_align_end_ins_code    ? 
_struct_ref_seq.pdbx_auth_seq_align_beg       90 
_struct_ref_seq.pdbx_auth_seq_align_end       231 
# 
_struct_ref_seq_dif.align_id                     1 
_struct_ref_seq_dif.pdbx_pdb_id_code             3HAF 
_struct_ref_seq_dif.mon_id                       VAL 
_struct_ref_seq_dif.pdbx_pdb_strand_id           A 
_struct_ref_seq_dif.seq_num                      40 
_struct_ref_seq_dif.pdbx_pdb_ins_code            ? 
_struct_ref_seq_dif.pdbx_seq_db_name             UNP 
_struct_ref_seq_dif.pdbx_seq_db_accession_code   P04156 
_struct_ref_seq_dif.db_mon_id                    MET 
_struct_ref_seq_dif.pdbx_seq_db_seq_num          129 
_struct_ref_seq_dif.details                      variant 
_struct_ref_seq_dif.pdbx_auth_seq_num            129 
_struct_ref_seq_dif.pdbx_ordinal                 1 
# 
_pdbx_struct_assembly.id                   1 
_pdbx_struct_assembly.details              software_defined_assembly 
_pdbx_struct_assembly.method_details       PISA 
_pdbx_struct_assembly.oligomeric_details   dimeric 
_pdbx_struct_assembly.oligomeric_count     2 
# 
loop_
_pdbx_struct_assembly_prop.biol_id 
_pdbx_struct_assembly_prop.type 
_pdbx_struct_assembly_prop.value 
_pdbx_struct_assembly_prop.details 
1 'ABSA (A^2)' 6660  ? 
1 MORE         -81   ? 
1 'SSA (A^2)'  11180 ? 
# 
_pdbx_struct_assembly_gen.assembly_id       1 
_pdbx_struct_assembly_gen.oper_expression   1,2 
_pdbx_struct_assembly_gen.asym_id_list      A,B,C,D 
# 
loop_
_pdbx_struct_oper_list.id 
_pdbx_struct_oper_list.type 
_pdbx_struct_oper_list.name 
_pdbx_struct_oper_list.symmetry_operation 
_pdbx_struct_oper_list.matrix[1][1] 
_pdbx_struct_oper_list.matrix[1][2] 
_pdbx_struct_oper_list.matrix[1][3] 
_pdbx_struct_oper_list.vector[1] 
_pdbx_struct_oper_list.matrix[2][1] 
_pdbx_struct_oper_list.matrix[2][2] 
_pdbx_struct_oper_list.matrix[2][3] 
_pdbx_struct_oper_list.vector[2] 
_pdbx_struct_oper_list.matrix[3][1] 
_pdbx_struct_oper_list.matrix[3][2] 
_pdbx_struct_oper_list.matrix[3][3] 
_pdbx_struct_oper_list.vector[3] 
1 'identity operation'         1_555 x,y,z     1.0000000000  0.0000000000 0.0000000000 0.0000000000   0.0000000000 1.0000000000 0.0000000000 0.0000000000  0.0000000000 0.0000000000 1.0000000000  0.0000000000 
2 'crystal symmetry operation' 4_556 x,-y,-z+1 -0.8605081156 0.4176614419 0.2916928228 -10.1750807944 0.4176614419 0.2505464447 0.8733758635 -1.5504664857 0.2916928228 0.8733758635 -0.3900383291 7.0859174453 
# 
_struct_biol.id        1 
_struct_biol.details   ? 
# 
loop_
_struct_conf.conf_type_id 
_struct_conf.id 
_struct_conf.pdbx_PDB_helix_id 
_struct_conf.beg_label_comp_id 
_struct_conf.beg_label_asym_id 
_struct_conf.beg_label_seq_id 
_struct_conf.pdbx_beg_PDB_ins_code 
_struct_conf.end_label_comp_id 
_struct_conf.end_label_asym_id 
_struct_conf.end_label_seq_id 
_struct_conf.pdbx_end_PDB_ins_code 
_struct_conf.beg_auth_comp_id 
_struct_conf.beg_auth_asym_id 
_struct_conf.beg_auth_seq_id 
_struct_conf.end_auth_comp_id 
_struct_conf.end_auth_asym_id 
_struct_conf.end_auth_seq_id 
_struct_conf.pdbx_PDB_helix_class 
_struct_conf.details 
_struct_conf.pdbx_PDB_helix_length 
HELX_P HELX_P1 1 SER A 54  ? MET A 65  ? SER A 143 MET A 154 1 ? 12 
HELX_P HELX_P2 2 HIS A 66  ? TYR A 68  ? HIS A 155 TYR A 157 5 ? 3  
HELX_P HELX_P3 3 PRO A 76  ? TYR A 80  ? PRO A 165 TYR A 169 5 ? 5  
HELX_P HELX_P4 4 ASN A 82  ? THR A 101 ? ASN A 171 THR A 190 1 ? 20 
HELX_P HELX_P5 5 THR A 104 ? PHE A 109 ? THR A 193 PHE A 198 1 ? 6  
HELX_P HELX_P6 6 THR A 110 ? ALA A 135 ? THR A 199 ALA A 224 1 ? 26 
# 
_struct_conf_type.id          HELX_P 
_struct_conf_type.criteria    ? 
_struct_conf_type.reference   ? 
# 
_struct_conn.id                            disulf1 
_struct_conn.conn_type_id                  disulf 
_struct_conn.pdbx_leaving_atom_flag        ? 
_struct_conn.pdbx_PDB_id                   ? 
_struct_conn.ptnr1_label_asym_id           A 
_struct_conn.ptnr1_label_comp_id           CYS 
_struct_conn.ptnr1_label_seq_id            90 
_struct_conn.ptnr1_label_atom_id           SG 
_struct_conn.pdbx_ptnr1_label_alt_id       ? 
_struct_conn.pdbx_ptnr1_PDB_ins_code       ? 
_struct_conn.pdbx_ptnr1_standard_comp_id   ? 
_struct_conn.ptnr1_symmetry                1_555 
_struct_conn.ptnr2_label_asym_id           A 
_struct_conn.ptnr2_label_comp_id           CYS 
_struct_conn.ptnr2_label_seq_id            125 
_struct_conn.ptnr2_label_atom_id           SG 
_struct_conn.pdbx_ptnr2_label_alt_id       ? 
_struct_conn.pdbx_ptnr2_PDB_ins_code       ? 
_struct_conn.ptnr1_auth_asym_id            A 
_struct_conn.ptnr1_auth_comp_id            CYS 
_struct_conn.ptnr1_auth_seq_id             179 
_struct_conn.ptnr2_auth_asym_id            A 
_struct_conn.ptnr2_auth_comp_id            CYS 
_struct_conn.ptnr2_auth_seq_id             214 
_struct_conn.ptnr2_symmetry                4_556 
_struct_conn.pdbx_ptnr3_label_atom_id      ? 
_struct_conn.pdbx_ptnr3_label_seq_id       ? 
_struct_conn.pdbx_ptnr3_label_comp_id      ? 
_struct_conn.pdbx_ptnr3_label_asym_id      ? 
_struct_conn.pdbx_ptnr3_label_alt_id       ? 
_struct_conn.pdbx_ptnr3_PDB_ins_code       ? 
_struct_conn.details                       ? 
_struct_conn.pdbx_dist_value               2.120 
_struct_conn.pdbx_value_order              ? 
_struct_conn.pdbx_role                     ? 
# 
_struct_conn_type.id          disulf 
_struct_conn_type.criteria    ? 
_struct_conn_type.reference   ? 
# 
_pdbx_modification_feature.ordinal                            1 
_pdbx_modification_feature.label_comp_id                      CYS 
_pdbx_modification_feature.label_asym_id                      A 
_pdbx_modification_feature.label_seq_id                       90 
_pdbx_modification_feature.label_alt_id                       ? 
_pdbx_modification_feature.modified_residue_label_comp_id     CYS 
_pdbx_modification_feature.modified_residue_label_asym_id     A 
_pdbx_modification_feature.modified_residue_label_seq_id      125 
_pdbx_modification_feature.modified_residue_label_alt_id      ? 
_pdbx_modification_feature.auth_comp_id                       CYS 
_pdbx_modification_feature.auth_asym_id                       A 
_pdbx_modification_feature.auth_seq_id                        179 
_pdbx_modification_feature.PDB_ins_code                       ? 
_pdbx_modification_feature.symmetry                           1_555 
_pdbx_modification_feature.modified_residue_auth_comp_id      CYS 
_pdbx_modification_feature.modified_residue_auth_asym_id      A 
_pdbx_modification_feature.modified_residue_auth_seq_id       214 
_pdbx_modification_feature.modified_residue_PDB_ins_code      ? 
_pdbx_modification_feature.modified_residue_symmetry          4_556 
_pdbx_modification_feature.comp_id_linking_atom               SG 
_pdbx_modification_feature.modified_residue_id_linking_atom   SG 
_pdbx_modification_feature.modified_residue_id                . 
_pdbx_modification_feature.ref_pcm_id                         . 
_pdbx_modification_feature.ref_comp_id                        . 
_pdbx_modification_feature.type                               None 
_pdbx_modification_feature.category                           'Disulfide bridge' 
# 
_struct_sheet.id               A 
_struct_sheet.type             ? 
_struct_sheet.number_strands   2 
_struct_sheet.details          ? 
# 
_struct_sheet_order.sheet_id     A 
_struct_sheet_order.range_id_1   1 
_struct_sheet_order.range_id_2   2 
_struct_sheet_order.offset       ? 
_struct_sheet_order.sense        anti-parallel 
# 
loop_
_struct_sheet_range.sheet_id 
_struct_sheet_range.id 
_struct_sheet_range.beg_label_comp_id 
_struct_sheet_range.beg_label_asym_id 
_struct_sheet_range.beg_label_seq_id 
_struct_sheet_range.pdbx_beg_PDB_ins_code 
_struct_sheet_range.end_label_comp_id 
_struct_sheet_range.end_label_asym_id 
_struct_sheet_range.end_label_seq_id 
_struct_sheet_range.pdbx_end_PDB_ins_code 
_struct_sheet_range.beg_auth_comp_id 
_struct_sheet_range.beg_auth_asym_id 
_struct_sheet_range.beg_auth_seq_id 
_struct_sheet_range.end_auth_comp_id 
_struct_sheet_range.end_auth_asym_id 
_struct_sheet_range.end_auth_seq_id 
A 1 VAL A 40 ? LEU A 41 ? VAL A 129 LEU A 130 
A 2 TYR A 73 ? TYR A 74 ? TYR A 162 TYR A 163 
# 
_pdbx_struct_sheet_hbond.sheet_id                A 
_pdbx_struct_sheet_hbond.range_id_1              1 
_pdbx_struct_sheet_hbond.range_id_2              2 
_pdbx_struct_sheet_hbond.range_1_label_atom_id   N 
_pdbx_struct_sheet_hbond.range_1_label_comp_id   VAL 
_pdbx_struct_sheet_hbond.range_1_label_asym_id   A 
_pdbx_struct_sheet_hbond.range_1_label_seq_id    40 
_pdbx_struct_sheet_hbond.range_1_PDB_ins_code    ? 
_pdbx_struct_sheet_hbond.range_1_auth_atom_id    N 
_pdbx_struct_sheet_hbond.range_1_auth_comp_id    VAL 
_pdbx_struct_sheet_hbond.range_1_auth_asym_id    A 
_pdbx_struct_sheet_hbond.range_1_auth_seq_id     129 
_pdbx_struct_sheet_hbond.range_2_label_atom_id   O 
_pdbx_struct_sheet_hbond.range_2_label_comp_id   TYR 
_pdbx_struct_sheet_hbond.range_2_label_asym_id   A 
_pdbx_struct_sheet_hbond.range_2_label_seq_id    74 
_pdbx_struct_sheet_hbond.range_2_PDB_ins_code    ? 
_pdbx_struct_sheet_hbond.range_2_auth_atom_id    O 
_pdbx_struct_sheet_hbond.range_2_auth_comp_id    TYR 
_pdbx_struct_sheet_hbond.range_2_auth_asym_id    A 
_pdbx_struct_sheet_hbond.range_2_auth_seq_id     163 
# 
loop_
_struct_site.id 
_struct_site.pdbx_evidence_code 
_struct_site.pdbx_auth_asym_id 
_struct_site.pdbx_auth_comp_id 
_struct_site.pdbx_auth_seq_id 
_struct_site.pdbx_auth_ins_code 
_struct_site.pdbx_num_residues 
_struct_site.details 
AC1 Software A CD 300 ? 2 'BINDING SITE FOR RESIDUE CD A 300' 
AC2 Software A CL 301 ? 4 'BINDING SITE FOR RESIDUE CL A 301' 
# 
loop_
_struct_site_gen.id 
_struct_site_gen.site_id 
_struct_site_gen.pdbx_num_res 
_struct_site_gen.label_comp_id 
_struct_site_gen.label_asym_id 
_struct_site_gen.label_seq_id 
_struct_site_gen.pdbx_auth_ins_code 
_struct_site_gen.auth_comp_id 
_struct_site_gen.auth_asym_id 
_struct_site_gen.auth_seq_id 
_struct_site_gen.label_atom_id 
_struct_site_gen.label_alt_id 
_struct_site_gen.symmetry 
_struct_site_gen.details 
1 AC1 2 HIS A 51  ? HIS A 140 . ? 1_555 ? 
2 AC1 2 ASP A 58  ? ASP A 147 . ? 1_555 ? 
3 AC2 4 SER A 43  ? SER A 132 . ? 1_555 ? 
4 AC2 4 LYS A 96  ? LYS A 185 . ? 6_554 ? 
5 AC2 4 GLN A 128 ? GLN A 217 . ? 4_556 ? 
6 AC2 4 HOH D .   ? HOH A 343 . ? 1_555 ? 
# 
_pdbx_entry_details.entry_id                   3HAF 
_pdbx_entry_details.compound_details           ? 
_pdbx_entry_details.source_details             ? 
_pdbx_entry_details.nonpolymer_details         ? 
_pdbx_entry_details.sequence_details           ? 
_pdbx_entry_details.has_ligand_of_interest     ? 
_pdbx_entry_details.has_protein_modification   Y 
# 
_pdbx_validate_torsion.id              1 
_pdbx_validate_torsion.PDB_model_num   1 
_pdbx_validate_torsion.auth_comp_id    ASP 
_pdbx_validate_torsion.auth_asym_id    A 
_pdbx_validate_torsion.auth_seq_id     167 
_pdbx_validate_torsion.PDB_ins_code    ? 
_pdbx_validate_torsion.label_alt_id    ? 
_pdbx_validate_torsion.phi             -56.99 
_pdbx_validate_torsion.psi             1.27 
# 
loop_
_pdbx_unobs_or_zero_occ_residues.id 
_pdbx_unobs_or_zero_occ_residues.PDB_model_num 
_pdbx_unobs_or_zero_occ_residues.polymer_flag 
_pdbx_unobs_or_zero_occ_residues.occupancy_flag 
_pdbx_unobs_or_zero_occ_residues.auth_asym_id 
_pdbx_unobs_or_zero_occ_residues.auth_comp_id 
_pdbx_unobs_or_zero_occ_residues.auth_seq_id 
_pdbx_unobs_or_zero_occ_residues.PDB_ins_code 
_pdbx_unobs_or_zero_occ_residues.label_asym_id 
_pdbx_unobs_or_zero_occ_residues.label_comp_id 
_pdbx_unobs_or_zero_occ_residues.label_seq_id 
1  1 Y 1 A GLY 90  ? A GLY 1   
2  1 Y 1 A GLN 91  ? A GLN 2   
3  1 Y 1 A GLY 92  ? A GLY 3   
4  1 Y 1 A GLY 93  ? A GLY 4   
5  1 Y 1 A GLY 94  ? A GLY 5   
6  1 Y 1 A THR 95  ? A THR 6   
7  1 Y 1 A HIS 96  ? A HIS 7   
8  1 Y 1 A SER 97  ? A SER 8   
9  1 Y 1 A GLN 98  ? A GLN 9   
10 1 Y 1 A TRP 99  ? A TRP 10  
11 1 Y 1 A ASN 100 ? A ASN 11  
12 1 Y 1 A LYS 101 ? A LYS 12  
13 1 Y 1 A PRO 102 ? A PRO 13  
14 1 Y 1 A SER 103 ? A SER 14  
15 1 Y 1 A LYS 104 ? A LYS 15  
16 1 Y 1 A PRO 105 ? A PRO 16  
17 1 Y 1 A LYS 106 ? A LYS 17  
18 1 Y 1 A THR 107 ? A THR 18  
19 1 Y 1 A ASN 108 ? A ASN 19  
20 1 Y 1 A MET 109 ? A MET 20  
21 1 Y 1 A LYS 110 ? A LYS 21  
22 1 Y 1 A HIS 111 ? A HIS 22  
23 1 Y 1 A MET 112 ? A MET 23  
24 1 Y 1 A ALA 113 ? A ALA 24  
25 1 Y 1 A GLY 114 ? A GLY 25  
26 1 Y 1 A ALA 115 ? A ALA 26  
27 1 Y 1 A ALA 116 ? A ALA 27  
28 1 Y 1 A ALA 117 ? A ALA 28  
29 1 Y 1 A ALA 118 ? A ALA 29  
30 1 Y 1 A GLY 119 ? A GLY 30  
31 1 Y 1 A TYR 226 ? A TYR 137 
32 1 Y 1 A GLN 227 ? A GLN 138 
33 1 Y 1 A ARG 228 ? A ARG 139 
34 1 Y 1 A GLY 229 ? A GLY 140 
35 1 Y 1 A SER 230 ? A SER 141 
36 1 Y 1 A SER 231 ? A SER 142 
# 
loop_
_chem_comp_atom.comp_id 
_chem_comp_atom.atom_id 
_chem_comp_atom.type_symbol 
_chem_comp_atom.pdbx_aromatic_flag 
_chem_comp_atom.pdbx_stereo_config 
_chem_comp_atom.pdbx_ordinal 
ALA N    N  N N 1   
ALA CA   C  N S 2   
ALA C    C  N N 3   
ALA O    O  N N 4   
ALA CB   C  N N 5   
ALA OXT  O  N N 6   
ALA H    H  N N 7   
ALA H2   H  N N 8   
ALA HA   H  N N 9   
ALA HB1  H  N N 10  
ALA HB2  H  N N 11  
ALA HB3  H  N N 12  
ALA HXT  H  N N 13  
ARG N    N  N N 14  
ARG CA   C  N S 15  
ARG C    C  N N 16  
ARG O    O  N N 17  
ARG CB   C  N N 18  
ARG CG   C  N N 19  
ARG CD   C  N N 20  
ARG NE   N  N N 21  
ARG CZ   C  N N 22  
ARG NH1  N  N N 23  
ARG NH2  N  N N 24  
ARG OXT  O  N N 25  
ARG H    H  N N 26  
ARG H2   H  N N 27  
ARG HA   H  N N 28  
ARG HB2  H  N N 29  
ARG HB3  H  N N 30  
ARG HG2  H  N N 31  
ARG HG3  H  N N 32  
ARG HD2  H  N N 33  
ARG HD3  H  N N 34  
ARG HE   H  N N 35  
ARG HH11 H  N N 36  
ARG HH12 H  N N 37  
ARG HH21 H  N N 38  
ARG HH22 H  N N 39  
ARG HXT  H  N N 40  
ASN N    N  N N 41  
ASN CA   C  N S 42  
ASN C    C  N N 43  
ASN O    O  N N 44  
ASN CB   C  N N 45  
ASN CG   C  N N 46  
ASN OD1  O  N N 47  
ASN ND2  N  N N 48  
ASN OXT  O  N N 49  
ASN H    H  N N 50  
ASN H2   H  N N 51  
ASN HA   H  N N 52  
ASN HB2  H  N N 53  
ASN HB3  H  N N 54  
ASN HD21 H  N N 55  
ASN HD22 H  N N 56  
ASN HXT  H  N N 57  
ASP N    N  N N 58  
ASP CA   C  N S 59  
ASP C    C  N N 60  
ASP O    O  N N 61  
ASP CB   C  N N 62  
ASP CG   C  N N 63  
ASP OD1  O  N N 64  
ASP OD2  O  N N 65  
ASP OXT  O  N N 66  
ASP H    H  N N 67  
ASP H2   H  N N 68  
ASP HA   H  N N 69  
ASP HB2  H  N N 70  
ASP HB3  H  N N 71  
ASP HD2  H  N N 72  
ASP HXT  H  N N 73  
CD  CD   CD N N 74  
CL  CL   CL N N 75  
CYS N    N  N N 76  
CYS CA   C  N R 77  
CYS C    C  N N 78  
CYS O    O  N N 79  
CYS CB   C  N N 80  
CYS SG   S  N N 81  
CYS OXT  O  N N 82  
CYS H    H  N N 83  
CYS H2   H  N N 84  
CYS HA   H  N N 85  
CYS HB2  H  N N 86  
CYS HB3  H  N N 87  
CYS HG   H  N N 88  
CYS HXT  H  N N 89  
GLN N    N  N N 90  
GLN CA   C  N S 91  
GLN C    C  N N 92  
GLN O    O  N N 93  
GLN CB   C  N N 94  
GLN CG   C  N N 95  
GLN CD   C  N N 96  
GLN OE1  O  N N 97  
GLN NE2  N  N N 98  
GLN OXT  O  N N 99  
GLN H    H  N N 100 
GLN H2   H  N N 101 
GLN HA   H  N N 102 
GLN HB2  H  N N 103 
GLN HB3  H  N N 104 
GLN HG2  H  N N 105 
GLN HG3  H  N N 106 
GLN HE21 H  N N 107 
GLN HE22 H  N N 108 
GLN HXT  H  N N 109 
GLU N    N  N N 110 
GLU CA   C  N S 111 
GLU C    C  N N 112 
GLU O    O  N N 113 
GLU CB   C  N N 114 
GLU CG   C  N N 115 
GLU CD   C  N N 116 
GLU OE1  O  N N 117 
GLU OE2  O  N N 118 
GLU OXT  O  N N 119 
GLU H    H  N N 120 
GLU H2   H  N N 121 
GLU HA   H  N N 122 
GLU HB2  H  N N 123 
GLU HB3  H  N N 124 
GLU HG2  H  N N 125 
GLU HG3  H  N N 126 
GLU HE2  H  N N 127 
GLU HXT  H  N N 128 
GLY N    N  N N 129 
GLY CA   C  N N 130 
GLY C    C  N N 131 
GLY O    O  N N 132 
GLY OXT  O  N N 133 
GLY H    H  N N 134 
GLY H2   H  N N 135 
GLY HA2  H  N N 136 
GLY HA3  H  N N 137 
GLY HXT  H  N N 138 
HIS N    N  N N 139 
HIS CA   C  N S 140 
HIS C    C  N N 141 
HIS O    O  N N 142 
HIS CB   C  N N 143 
HIS CG   C  Y N 144 
HIS ND1  N  Y N 145 
HIS CD2  C  Y N 146 
HIS CE1  C  Y N 147 
HIS NE2  N  Y N 148 
HIS OXT  O  N N 149 
HIS H    H  N N 150 
HIS H2   H  N N 151 
HIS HA   H  N N 152 
HIS HB2  H  N N 153 
HIS HB3  H  N N 154 
HIS HD1  H  N N 155 
HIS HD2  H  N N 156 
HIS HE1  H  N N 157 
HIS HE2  H  N N 158 
HIS HXT  H  N N 159 
HOH O    O  N N 160 
HOH H1   H  N N 161 
HOH H2   H  N N 162 
ILE N    N  N N 163 
ILE CA   C  N S 164 
ILE C    C  N N 165 
ILE O    O  N N 166 
ILE CB   C  N S 167 
ILE CG1  C  N N 168 
ILE CG2  C  N N 169 
ILE CD1  C  N N 170 
ILE OXT  O  N N 171 
ILE H    H  N N 172 
ILE H2   H  N N 173 
ILE HA   H  N N 174 
ILE HB   H  N N 175 
ILE HG12 H  N N 176 
ILE HG13 H  N N 177 
ILE HG21 H  N N 178 
ILE HG22 H  N N 179 
ILE HG23 H  N N 180 
ILE HD11 H  N N 181 
ILE HD12 H  N N 182 
ILE HD13 H  N N 183 
ILE HXT  H  N N 184 
LEU N    N  N N 185 
LEU CA   C  N S 186 
LEU C    C  N N 187 
LEU O    O  N N 188 
LEU CB   C  N N 189 
LEU CG   C  N N 190 
LEU CD1  C  N N 191 
LEU CD2  C  N N 192 
LEU OXT  O  N N 193 
LEU H    H  N N 194 
LEU H2   H  N N 195 
LEU HA   H  N N 196 
LEU HB2  H  N N 197 
LEU HB3  H  N N 198 
LEU HG   H  N N 199 
LEU HD11 H  N N 200 
LEU HD12 H  N N 201 
LEU HD13 H  N N 202 
LEU HD21 H  N N 203 
LEU HD22 H  N N 204 
LEU HD23 H  N N 205 
LEU HXT  H  N N 206 
LYS N    N  N N 207 
LYS CA   C  N S 208 
LYS C    C  N N 209 
LYS O    O  N N 210 
LYS CB   C  N N 211 
LYS CG   C  N N 212 
LYS CD   C  N N 213 
LYS CE   C  N N 214 
LYS NZ   N  N N 215 
LYS OXT  O  N N 216 
LYS H    H  N N 217 
LYS H2   H  N N 218 
LYS HA   H  N N 219 
LYS HB2  H  N N 220 
LYS HB3  H  N N 221 
LYS HG2  H  N N 222 
LYS HG3  H  N N 223 
LYS HD2  H  N N 224 
LYS HD3  H  N N 225 
LYS HE2  H  N N 226 
LYS HE3  H  N N 227 
LYS HZ1  H  N N 228 
LYS HZ2  H  N N 229 
LYS HZ3  H  N N 230 
LYS HXT  H  N N 231 
MET N    N  N N 232 
MET CA   C  N S 233 
MET C    C  N N 234 
MET O    O  N N 235 
MET CB   C  N N 236 
MET CG   C  N N 237 
MET SD   S  N N 238 
MET CE   C  N N 239 
MET OXT  O  N N 240 
MET H    H  N N 241 
MET H2   H  N N 242 
MET HA   H  N N 243 
MET HB2  H  N N 244 
MET HB3  H  N N 245 
MET HG2  H  N N 246 
MET HG3  H  N N 247 
MET HE1  H  N N 248 
MET HE2  H  N N 249 
MET HE3  H  N N 250 
MET HXT  H  N N 251 
PHE N    N  N N 252 
PHE CA   C  N S 253 
PHE C    C  N N 254 
PHE O    O  N N 255 
PHE CB   C  N N 256 
PHE CG   C  Y N 257 
PHE CD1  C  Y N 258 
PHE CD2  C  Y N 259 
PHE CE1  C  Y N 260 
PHE CE2  C  Y N 261 
PHE CZ   C  Y N 262 
PHE OXT  O  N N 263 
PHE H    H  N N 264 
PHE H2   H  N N 265 
PHE HA   H  N N 266 
PHE HB2  H  N N 267 
PHE HB3  H  N N 268 
PHE HD1  H  N N 269 
PHE HD2  H  N N 270 
PHE HE1  H  N N 271 
PHE HE2  H  N N 272 
PHE HZ   H  N N 273 
PHE HXT  H  N N 274 
PRO N    N  N N 275 
PRO CA   C  N S 276 
PRO C    C  N N 277 
PRO O    O  N N 278 
PRO CB   C  N N 279 
PRO CG   C  N N 280 
PRO CD   C  N N 281 
PRO OXT  O  N N 282 
PRO H    H  N N 283 
PRO HA   H  N N 284 
PRO HB2  H  N N 285 
PRO HB3  H  N N 286 
PRO HG2  H  N N 287 
PRO HG3  H  N N 288 
PRO HD2  H  N N 289 
PRO HD3  H  N N 290 
PRO HXT  H  N N 291 
SER N    N  N N 292 
SER CA   C  N S 293 
SER C    C  N N 294 
SER O    O  N N 295 
SER CB   C  N N 296 
SER OG   O  N N 297 
SER OXT  O  N N 298 
SER H    H  N N 299 
SER H2   H  N N 300 
SER HA   H  N N 301 
SER HB2  H  N N 302 
SER HB3  H  N N 303 
SER HG   H  N N 304 
SER HXT  H  N N 305 
THR N    N  N N 306 
THR CA   C  N S 307 
THR C    C  N N 308 
THR O    O  N N 309 
THR CB   C  N R 310 
THR OG1  O  N N 311 
THR CG2  C  N N 312 
THR OXT  O  N N 313 
THR H    H  N N 314 
THR H2   H  N N 315 
THR HA   H  N N 316 
THR HB   H  N N 317 
THR HG1  H  N N 318 
THR HG21 H  N N 319 
THR HG22 H  N N 320 
THR HG23 H  N N 321 
THR HXT  H  N N 322 
TRP N    N  N N 323 
TRP CA   C  N S 324 
TRP C    C  N N 325 
TRP O    O  N N 326 
TRP CB   C  N N 327 
TRP CG   C  Y N 328 
TRP CD1  C  Y N 329 
TRP CD2  C  Y N 330 
TRP NE1  N  Y N 331 
TRP CE2  C  Y N 332 
TRP CE3  C  Y N 333 
TRP CZ2  C  Y N 334 
TRP CZ3  C  Y N 335 
TRP CH2  C  Y N 336 
TRP OXT  O  N N 337 
TRP H    H  N N 338 
TRP H2   H  N N 339 
TRP HA   H  N N 340 
TRP HB2  H  N N 341 
TRP HB3  H  N N 342 
TRP HD1  H  N N 343 
TRP HE1  H  N N 344 
TRP HE3  H  N N 345 
TRP HZ2  H  N N 346 
TRP HZ3  H  N N 347 
TRP HH2  H  N N 348 
TRP HXT  H  N N 349 
TYR N    N  N N 350 
TYR CA   C  N S 351 
TYR C    C  N N 352 
TYR O    O  N N 353 
TYR CB   C  N N 354 
TYR CG   C  Y N 355 
TYR CD1  C  Y N 356 
TYR CD2  C  Y N 357 
TYR CE1  C  Y N 358 
TYR CE2  C  Y N 359 
TYR CZ   C  Y N 360 
TYR OH   O  N N 361 
TYR OXT  O  N N 362 
TYR H    H  N N 363 
TYR H2   H  N N 364 
TYR HA   H  N N 365 
TYR HB2  H  N N 366 
TYR HB3  H  N N 367 
TYR HD1  H  N N 368 
TYR HD2  H  N N 369 
TYR HE1  H  N N 370 
TYR HE2  H  N N 371 
TYR HH   H  N N 372 
TYR HXT  H  N N 373 
VAL N    N  N N 374 
VAL CA   C  N S 375 
VAL C    C  N N 376 
VAL O    O  N N 377 
VAL CB   C  N N 378 
VAL CG1  C  N N 379 
VAL CG2  C  N N 380 
VAL OXT  O  N N 381 
VAL H    H  N N 382 
VAL H2   H  N N 383 
VAL HA   H  N N 384 
VAL HB   H  N N 385 
VAL HG11 H  N N 386 
VAL HG12 H  N N 387 
VAL HG13 H  N N 388 
VAL HG21 H  N N 389 
VAL HG22 H  N N 390 
VAL HG23 H  N N 391 
VAL HXT  H  N N 392 
# 
loop_
_chem_comp_bond.comp_id 
_chem_comp_bond.atom_id_1 
_chem_comp_bond.atom_id_2 
_chem_comp_bond.value_order 
_chem_comp_bond.pdbx_aromatic_flag 
_chem_comp_bond.pdbx_stereo_config 
_chem_comp_bond.pdbx_ordinal 
ALA N   CA   sing N N 1   
ALA N   H    sing N N 2   
ALA N   H2   sing N N 3   
ALA CA  C    sing N N 4   
ALA CA  CB   sing N N 5   
ALA CA  HA   sing N N 6   
ALA C   O    doub N N 7   
ALA C   OXT  sing N N 8   
ALA CB  HB1  sing N N 9   
ALA CB  HB2  sing N N 10  
ALA CB  HB3  sing N N 11  
ALA OXT HXT  sing N N 12  
ARG N   CA   sing N N 13  
ARG N   H    sing N N 14  
ARG N   H2   sing N N 15  
ARG CA  C    sing N N 16  
ARG CA  CB   sing N N 17  
ARG CA  HA   sing N N 18  
ARG C   O    doub N N 19  
ARG C   OXT  sing N N 20  
ARG CB  CG   sing N N 21  
ARG CB  HB2  sing N N 22  
ARG CB  HB3  sing N N 23  
ARG CG  CD   sing N N 24  
ARG CG  HG2  sing N N 25  
ARG CG  HG3  sing N N 26  
ARG CD  NE   sing N N 27  
ARG CD  HD2  sing N N 28  
ARG CD  HD3  sing N N 29  
ARG NE  CZ   sing N N 30  
ARG NE  HE   sing N N 31  
ARG CZ  NH1  sing N N 32  
ARG CZ  NH2  doub N N 33  
ARG NH1 HH11 sing N N 34  
ARG NH1 HH12 sing N N 35  
ARG NH2 HH21 sing N N 36  
ARG NH2 HH22 sing N N 37  
ARG OXT HXT  sing N N 38  
ASN N   CA   sing N N 39  
ASN N   H    sing N N 40  
ASN N   H2   sing N N 41  
ASN CA  C    sing N N 42  
ASN CA  CB   sing N N 43  
ASN CA  HA   sing N N 44  
ASN C   O    doub N N 45  
ASN C   OXT  sing N N 46  
ASN CB  CG   sing N N 47  
ASN CB  HB2  sing N N 48  
ASN CB  HB3  sing N N 49  
ASN CG  OD1  doub N N 50  
ASN CG  ND2  sing N N 51  
ASN ND2 HD21 sing N N 52  
ASN ND2 HD22 sing N N 53  
ASN OXT HXT  sing N N 54  
ASP N   CA   sing N N 55  
ASP N   H    sing N N 56  
ASP N   H2   sing N N 57  
ASP CA  C    sing N N 58  
ASP CA  CB   sing N N 59  
ASP CA  HA   sing N N 60  
ASP C   O    doub N N 61  
ASP C   OXT  sing N N 62  
ASP CB  CG   sing N N 63  
ASP CB  HB2  sing N N 64  
ASP CB  HB3  sing N N 65  
ASP CG  OD1  doub N N 66  
ASP CG  OD2  sing N N 67  
ASP OD2 HD2  sing N N 68  
ASP OXT HXT  sing N N 69  
CYS N   CA   sing N N 70  
CYS N   H    sing N N 71  
CYS N   H2   sing N N 72  
CYS CA  C    sing N N 73  
CYS CA  CB   sing N N 74  
CYS CA  HA   sing N N 75  
CYS C   O    doub N N 76  
CYS C   OXT  sing N N 77  
CYS CB  SG   sing N N 78  
CYS CB  HB2  sing N N 79  
CYS CB  HB3  sing N N 80  
CYS SG  HG   sing N N 81  
CYS OXT HXT  sing N N 82  
GLN N   CA   sing N N 83  
GLN N   H    sing N N 84  
GLN N   H2   sing N N 85  
GLN CA  C    sing N N 86  
GLN CA  CB   sing N N 87  
GLN CA  HA   sing N N 88  
GLN C   O    doub N N 89  
GLN C   OXT  sing N N 90  
GLN CB  CG   sing N N 91  
GLN CB  HB2  sing N N 92  
GLN CB  HB3  sing N N 93  
GLN CG  CD   sing N N 94  
GLN CG  HG2  sing N N 95  
GLN CG  HG3  sing N N 96  
GLN CD  OE1  doub N N 97  
GLN CD  NE2  sing N N 98  
GLN NE2 HE21 sing N N 99  
GLN NE2 HE22 sing N N 100 
GLN OXT HXT  sing N N 101 
GLU N   CA   sing N N 102 
GLU N   H    sing N N 103 
GLU N   H2   sing N N 104 
GLU CA  C    sing N N 105 
GLU CA  CB   sing N N 106 
GLU CA  HA   sing N N 107 
GLU C   O    doub N N 108 
GLU C   OXT  sing N N 109 
GLU CB  CG   sing N N 110 
GLU CB  HB2  sing N N 111 
GLU CB  HB3  sing N N 112 
GLU CG  CD   sing N N 113 
GLU CG  HG2  sing N N 114 
GLU CG  HG3  sing N N 115 
GLU CD  OE1  doub N N 116 
GLU CD  OE2  sing N N 117 
GLU OE2 HE2  sing N N 118 
GLU OXT HXT  sing N N 119 
GLY N   CA   sing N N 120 
GLY N   H    sing N N 121 
GLY N   H2   sing N N 122 
GLY CA  C    sing N N 123 
GLY CA  HA2  sing N N 124 
GLY CA  HA3  sing N N 125 
GLY C   O    doub N N 126 
GLY C   OXT  sing N N 127 
GLY OXT HXT  sing N N 128 
HIS N   CA   sing N N 129 
HIS N   H    sing N N 130 
HIS N   H2   sing N N 131 
HIS CA  C    sing N N 132 
HIS CA  CB   sing N N 133 
HIS CA  HA   sing N N 134 
HIS C   O    doub N N 135 
HIS C   OXT  sing N N 136 
HIS CB  CG   sing N N 137 
HIS CB  HB2  sing N N 138 
HIS CB  HB3  sing N N 139 
HIS CG  ND1  sing Y N 140 
HIS CG  CD2  doub Y N 141 
HIS ND1 CE1  doub Y N 142 
HIS ND1 HD1  sing N N 143 
HIS CD2 NE2  sing Y N 144 
HIS CD2 HD2  sing N N 145 
HIS CE1 NE2  sing Y N 146 
HIS CE1 HE1  sing N N 147 
HIS NE2 HE2  sing N N 148 
HIS OXT HXT  sing N N 149 
HOH O   H1   sing N N 150 
HOH O   H2   sing N N 151 
ILE N   CA   sing N N 152 
ILE N   H    sing N N 153 
ILE N   H2   sing N N 154 
ILE CA  C    sing N N 155 
ILE CA  CB   sing N N 156 
ILE CA  HA   sing N N 157 
ILE C   O    doub N N 158 
ILE C   OXT  sing N N 159 
ILE CB  CG1  sing N N 160 
ILE CB  CG2  sing N N 161 
ILE CB  HB   sing N N 162 
ILE CG1 CD1  sing N N 163 
ILE CG1 HG12 sing N N 164 
ILE CG1 HG13 sing N N 165 
ILE CG2 HG21 sing N N 166 
ILE CG2 HG22 sing N N 167 
ILE CG2 HG23 sing N N 168 
ILE CD1 HD11 sing N N 169 
ILE CD1 HD12 sing N N 170 
ILE CD1 HD13 sing N N 171 
ILE OXT HXT  sing N N 172 
LEU N   CA   sing N N 173 
LEU N   H    sing N N 174 
LEU N   H2   sing N N 175 
LEU CA  C    sing N N 176 
LEU CA  CB   sing N N 177 
LEU CA  HA   sing N N 178 
LEU C   O    doub N N 179 
LEU C   OXT  sing N N 180 
LEU CB  CG   sing N N 181 
LEU CB  HB2  sing N N 182 
LEU CB  HB3  sing N N 183 
LEU CG  CD1  sing N N 184 
LEU CG  CD2  sing N N 185 
LEU CG  HG   sing N N 186 
LEU CD1 HD11 sing N N 187 
LEU CD1 HD12 sing N N 188 
LEU CD1 HD13 sing N N 189 
LEU CD2 HD21 sing N N 190 
LEU CD2 HD22 sing N N 191 
LEU CD2 HD23 sing N N 192 
LEU OXT HXT  sing N N 193 
LYS N   CA   sing N N 194 
LYS N   H    sing N N 195 
LYS N   H2   sing N N 196 
LYS CA  C    sing N N 197 
LYS CA  CB   sing N N 198 
LYS CA  HA   sing N N 199 
LYS C   O    doub N N 200 
LYS C   OXT  sing N N 201 
LYS CB  CG   sing N N 202 
LYS CB  HB2  sing N N 203 
LYS CB  HB3  sing N N 204 
LYS CG  CD   sing N N 205 
LYS CG  HG2  sing N N 206 
LYS CG  HG3  sing N N 207 
LYS CD  CE   sing N N 208 
LYS CD  HD2  sing N N 209 
LYS CD  HD3  sing N N 210 
LYS CE  NZ   sing N N 211 
LYS CE  HE2  sing N N 212 
LYS CE  HE3  sing N N 213 
LYS NZ  HZ1  sing N N 214 
LYS NZ  HZ2  sing N N 215 
LYS NZ  HZ3  sing N N 216 
LYS OXT HXT  sing N N 217 
MET N   CA   sing N N 218 
MET N   H    sing N N 219 
MET N   H2   sing N N 220 
MET CA  C    sing N N 221 
MET CA  CB   sing N N 222 
MET CA  HA   sing N N 223 
MET C   O    doub N N 224 
MET C   OXT  sing N N 225 
MET CB  CG   sing N N 226 
MET CB  HB2  sing N N 227 
MET CB  HB3  sing N N 228 
MET CG  SD   sing N N 229 
MET CG  HG2  sing N N 230 
MET CG  HG3  sing N N 231 
MET SD  CE   sing N N 232 
MET CE  HE1  sing N N 233 
MET CE  HE2  sing N N 234 
MET CE  HE3  sing N N 235 
MET OXT HXT  sing N N 236 
PHE N   CA   sing N N 237 
PHE N   H    sing N N 238 
PHE N   H2   sing N N 239 
PHE CA  C    sing N N 240 
PHE CA  CB   sing N N 241 
PHE CA  HA   sing N N 242 
PHE C   O    doub N N 243 
PHE C   OXT  sing N N 244 
PHE CB  CG   sing N N 245 
PHE CB  HB2  sing N N 246 
PHE CB  HB3  sing N N 247 
PHE CG  CD1  doub Y N 248 
PHE CG  CD2  sing Y N 249 
PHE CD1 CE1  sing Y N 250 
PHE CD1 HD1  sing N N 251 
PHE CD2 CE2  doub Y N 252 
PHE CD2 HD2  sing N N 253 
PHE CE1 CZ   doub Y N 254 
PHE CE1 HE1  sing N N 255 
PHE CE2 CZ   sing Y N 256 
PHE CE2 HE2  sing N N 257 
PHE CZ  HZ   sing N N 258 
PHE OXT HXT  sing N N 259 
PRO N   CA   sing N N 260 
PRO N   CD   sing N N 261 
PRO N   H    sing N N 262 
PRO CA  C    sing N N 263 
PRO CA  CB   sing N N 264 
PRO CA  HA   sing N N 265 
PRO C   O    doub N N 266 
PRO C   OXT  sing N N 267 
PRO CB  CG   sing N N 268 
PRO CB  HB2  sing N N 269 
PRO CB  HB3  sing N N 270 
PRO CG  CD   sing N N 271 
PRO CG  HG2  sing N N 272 
PRO CG  HG3  sing N N 273 
PRO CD  HD2  sing N N 274 
PRO CD  HD3  sing N N 275 
PRO OXT HXT  sing N N 276 
SER N   CA   sing N N 277 
SER N   H    sing N N 278 
SER N   H2   sing N N 279 
SER CA  C    sing N N 280 
SER CA  CB   sing N N 281 
SER CA  HA   sing N N 282 
SER C   O    doub N N 283 
SER C   OXT  sing N N 284 
SER CB  OG   sing N N 285 
SER CB  HB2  sing N N 286 
SER CB  HB3  sing N N 287 
SER OG  HG   sing N N 288 
SER OXT HXT  sing N N 289 
THR N   CA   sing N N 290 
THR N   H    sing N N 291 
THR N   H2   sing N N 292 
THR CA  C    sing N N 293 
THR CA  CB   sing N N 294 
THR CA  HA   sing N N 295 
THR C   O    doub N N 296 
THR C   OXT  sing N N 297 
THR CB  OG1  sing N N 298 
THR CB  CG2  sing N N 299 
THR CB  HB   sing N N 300 
THR OG1 HG1  sing N N 301 
THR CG2 HG21 sing N N 302 
THR CG2 HG22 sing N N 303 
THR CG2 HG23 sing N N 304 
THR OXT HXT  sing N N 305 
TRP N   CA   sing N N 306 
TRP N   H    sing N N 307 
TRP N   H2   sing N N 308 
TRP CA  C    sing N N 309 
TRP CA  CB   sing N N 310 
TRP CA  HA   sing N N 311 
TRP C   O    doub N N 312 
TRP C   OXT  sing N N 313 
TRP CB  CG   sing N N 314 
TRP CB  HB2  sing N N 315 
TRP CB  HB3  sing N N 316 
TRP CG  CD1  doub Y N 317 
TRP CG  CD2  sing Y N 318 
TRP CD1 NE1  sing Y N 319 
TRP CD1 HD1  sing N N 320 
TRP CD2 CE2  doub Y N 321 
TRP CD2 CE3  sing Y N 322 
TRP NE1 CE2  sing Y N 323 
TRP NE1 HE1  sing N N 324 
TRP CE2 CZ2  sing Y N 325 
TRP CE3 CZ3  doub Y N 326 
TRP CE3 HE3  sing N N 327 
TRP CZ2 CH2  doub Y N 328 
TRP CZ2 HZ2  sing N N 329 
TRP CZ3 CH2  sing Y N 330 
TRP CZ3 HZ3  sing N N 331 
TRP CH2 HH2  sing N N 332 
TRP OXT HXT  sing N N 333 
TYR N   CA   sing N N 334 
TYR N   H    sing N N 335 
TYR N   H2   sing N N 336 
TYR CA  C    sing N N 337 
TYR CA  CB   sing N N 338 
TYR CA  HA   sing N N 339 
TYR C   O    doub N N 340 
TYR C   OXT  sing N N 341 
TYR CB  CG   sing N N 342 
TYR CB  HB2  sing N N 343 
TYR CB  HB3  sing N N 344 
TYR CG  CD1  doub Y N 345 
TYR CG  CD2  sing Y N 346 
TYR CD1 CE1  sing Y N 347 
TYR CD1 HD1  sing N N 348 
TYR CD2 CE2  doub Y N 349 
TYR CD2 HD2  sing N N 350 
TYR CE1 CZ   doub Y N 351 
TYR CE1 HE1  sing N N 352 
TYR CE2 CZ   sing Y N 353 
TYR CE2 HE2  sing N N 354 
TYR CZ  OH   sing N N 355 
TYR OH  HH   sing N N 356 
TYR OXT HXT  sing N N 357 
VAL N   CA   sing N N 358 
VAL N   H    sing N N 359 
VAL N   H2   sing N N 360 
VAL CA  C    sing N N 361 
VAL CA  CB   sing N N 362 
VAL CA  HA   sing N N 363 
VAL C   O    doub N N 364 
VAL C   OXT  sing N N 365 
VAL CB  CG1  sing N N 366 
VAL CB  CG2  sing N N 367 
VAL CB  HB   sing N N 368 
VAL CG1 HG11 sing N N 369 
VAL CG1 HG12 sing N N 370 
VAL CG1 HG13 sing N N 371 
VAL CG2 HG21 sing N N 372 
VAL CG2 HG22 sing N N 373 
VAL CG2 HG23 sing N N 374 
VAL OXT HXT  sing N N 375 
# 
_atom_sites.entry_id                    3HAF 
_atom_sites.fract_transf_matrix[1][1]   -0.00309651 
_atom_sites.fract_transf_matrix[1][2]   -0.00927145 
_atom_sites.fract_transf_matrix[1][3]   -0.00647514 
_atom_sites.fract_transf_matrix[2][1]   0.00960105 
_atom_sites.fract_transf_matrix[2][2]   0.00123235 
_atom_sites.fract_transf_matrix[2][3]   -0.00635591 
_atom_sites.fract_transf_matrix[3][1]   0.01209690 
_atom_sites.fract_transf_matrix[3][2]   -0.01479822 
_atom_sites.fract_transf_matrix[3][3]   0.01540396 
_atom_sites.fract_transf_vector[1]      0.318668 
_atom_sites.fract_transf_vector[2]      0.072320 
_atom_sites.fract_transf_vector[3]      0.495489 
# 
loop_
_atom_type.symbol 
C  
CD 
CL 
N  
O  
S  
# 
loop_
_atom_site.group_PDB 
_atom_site.id 
_atom_site.type_symbol 
_atom_site.label_atom_id 
_atom_site.label_alt_id 
_atom_site.label_comp_id 
_atom_site.label_asym_id 
_atom_site.label_entity_id 
_atom_site.label_seq_id 
_atom_site.pdbx_PDB_ins_code 
_atom_site.Cartn_x 
_atom_site.Cartn_y 
_atom_site.Cartn_z 
_atom_site.occupancy 
_atom_site.B_iso_or_equiv 
_atom_site.pdbx_formal_charge 
_atom_site.auth_seq_id 
_atom_site.auth_comp_id 
_atom_site.auth_asym_id 
_atom_site.auth_atom_id 
_atom_site.pdbx_PDB_model_num 
ATOM   1   N  N   . ALA A 1 31  ? 7.158   11.870  8.551   1.00 65.98 ? 120 ALA A N   1 
ATOM   2   C  CA  . ALA A 1 31  ? 7.486   10.406  8.514   1.00 65.46 ? 120 ALA A CA  1 
ATOM   3   C  C   . ALA A 1 31  ? 8.586   10.127  7.489   1.00 64.81 ? 120 ALA A C   1 
ATOM   4   O  O   . ALA A 1 31  ? 8.290   9.653   6.393   1.00 64.97 ? 120 ALA A O   1 
ATOM   5   C  CB  . ALA A 1 31  ? 6.219   9.571   8.202   1.00 65.53 ? 120 ALA A CB  1 
ATOM   6   N  N   . VAL A 1 32  ? 9.838   10.434  7.848   1.00 63.99 ? 121 VAL A N   1 
ATOM   7   C  CA  . VAL A 1 32  ? 11.021  10.132  7.009   1.00 63.04 ? 121 VAL A CA  1 
ATOM   8   C  C   . VAL A 1 32  ? 11.852  8.931   7.524   1.00 62.34 ? 121 VAL A C   1 
ATOM   9   O  O   . VAL A 1 32  ? 12.351  8.939   8.654   1.00 62.05 ? 121 VAL A O   1 
ATOM   10  C  CB  . VAL A 1 32  ? 11.943  11.359  6.883   1.00 63.11 ? 121 VAL A CB  1 
ATOM   11  C  CG1 . VAL A 1 32  ? 13.116  11.066  5.939   1.00 63.52 ? 121 VAL A CG1 1 
ATOM   12  C  CG2 . VAL A 1 32  ? 11.150  12.565  6.414   1.00 63.00 ? 121 VAL A CG2 1 
ATOM   13  N  N   . VAL A 1 33  ? 11.992  7.894   6.695   1.00 61.46 ? 122 VAL A N   1 
ATOM   14  C  CA  . VAL A 1 33  ? 12.792  6.725   7.081   1.00 60.17 ? 122 VAL A CA  1 
ATOM   15  C  C   . VAL A 1 33  ? 14.249  7.204   7.250   1.00 59.48 ? 122 VAL A C   1 
ATOM   16  O  O   . VAL A 1 33  ? 14.643  8.199   6.627   1.00 59.18 ? 122 VAL A O   1 
ATOM   17  C  CB  . VAL A 1 33  ? 12.640  5.538   6.057   1.00 59.82 ? 122 VAL A CB  1 
ATOM   18  C  CG1 . VAL A 1 33  ? 13.764  5.536   5.033   1.00 59.69 ? 122 VAL A CG1 1 
ATOM   19  C  CG2 . VAL A 1 33  ? 12.568  4.205   6.781   1.00 59.09 ? 122 VAL A CG2 1 
ATOM   20  N  N   . GLY A 1 34  ? 15.028  6.545   8.115   1.00 58.29 ? 123 GLY A N   1 
ATOM   21  C  CA  . GLY A 1 34  ? 16.426  6.925   8.310   1.00 56.96 ? 123 GLY A CA  1 
ATOM   22  C  C   . GLY A 1 34  ? 17.295  6.868   7.046   1.00 56.09 ? 123 GLY A C   1 
ATOM   23  O  O   . GLY A 1 34  ? 17.071  6.031   6.156   1.00 56.34 ? 123 GLY A O   1 
ATOM   24  N  N   . GLY A 1 35  ? 18.293  7.756   6.975   1.00 54.74 ? 124 GLY A N   1 
ATOM   25  C  CA  . GLY A 1 35  ? 19.290  7.731   5.906   1.00 53.06 ? 124 GLY A CA  1 
ATOM   26  C  C   . GLY A 1 35  ? 18.673  7.931   4.538   1.00 52.03 ? 124 GLY A C   1 
ATOM   27  O  O   . GLY A 1 35  ? 18.983  7.201   3.581   1.00 51.53 ? 124 GLY A O   1 
ATOM   28  N  N   . LEU A 1 36  ? 17.791  8.930   4.473   1.00 50.83 ? 125 LEU A N   1 
ATOM   29  C  CA  . LEU A 1 36  ? 17.081  9.321   3.259   1.00 49.23 ? 125 LEU A CA  1 
ATOM   30  C  C   . LEU A 1 36  ? 17.885  10.402  2.536   1.00 48.34 ? 125 LEU A C   1 
ATOM   31  O  O   . LEU A 1 36  ? 17.709  10.630  1.335   1.00 48.35 ? 125 LEU A O   1 
ATOM   32  C  CB  . LEU A 1 36  ? 15.672  9.826   3.612   1.00 49.06 ? 125 LEU A CB  1 
ATOM   33  C  CG  . LEU A 1 36  ? 14.656  10.006  2.485   1.00 48.70 ? 125 LEU A CG  1 
ATOM   34  C  CD1 . LEU A 1 36  ? 14.565  8.739   1.663   1.00 47.53 ? 125 LEU A CD1 1 
ATOM   35  C  CD2 . LEU A 1 36  ? 13.300  10.383  3.042   1.00 48.63 ? 125 LEU A CD2 1 
ATOM   36  N  N   . GLY A 1 37  ? 18.788  11.052  3.268   1.00 46.95 ? 126 GLY A N   1 
ATOM   37  C  CA  . GLY A 1 37  ? 19.717  11.993  2.662   1.00 45.27 ? 126 GLY A CA  1 
ATOM   38  C  C   . GLY A 1 37  ? 20.381  11.473  1.394   1.00 44.33 ? 126 GLY A C   1 
ATOM   39  O  O   . GLY A 1 37  ? 20.918  10.345  1.343   1.00 44.75 ? 126 GLY A O   1 
ATOM   40  N  N   . GLY A 1 38  ? 20.362  12.300  0.359   1.00 42.91 ? 127 GLY A N   1 
ATOM   41  C  CA  . GLY A 1 38  ? 21.055  11.966  -0.877  1.00 41.28 ? 127 GLY A CA  1 
ATOM   42  C  C   . GLY A 1 38  ? 20.173  11.128  -1.769  1.00 40.19 ? 127 GLY A C   1 
ATOM   43  O  O   . GLY A 1 38  ? 20.584  10.749  -2.862  1.00 40.66 ? 127 GLY A O   1 
ATOM   44  N  N   . TYR A 1 39  ? 18.969  10.805  -1.289  1.00 39.00 ? 128 TYR A N   1 
ATOM   45  C  CA  . TYR A 1 39  ? 17.924  10.225  -2.149  1.00 37.60 ? 128 TYR A CA  1 
ATOM   46  C  C   . TYR A 1 39  ? 17.048  11.325  -2.715  1.00 37.58 ? 128 TYR A C   1 
ATOM   47  O  O   . TYR A 1 39  ? 16.708  12.287  -2.027  1.00 37.48 ? 128 TYR A O   1 
ATOM   48  C  CB  . TYR A 1 39  ? 17.043  9.246   -1.393  1.00 36.53 ? 128 TYR A CB  1 
ATOM   49  C  CG  . TYR A 1 39  ? 17.714  7.918   -1.238  1.00 35.39 ? 128 TYR A CG  1 
ATOM   50  C  CD1 . TYR A 1 39  ? 18.526  7.646   -0.117  1.00 32.08 ? 128 TYR A CD1 1 
ATOM   51  C  CD2 . TYR A 1 39  ? 17.575  6.936   -2.225  1.00 32.23 ? 128 TYR A CD2 1 
ATOM   52  C  CE1 . TYR A 1 39  ? 19.179  6.432   0.010   1.00 31.32 ? 128 TYR A CE1 1 
ATOM   53  C  CE2 . TYR A 1 39  ? 18.233  5.716   -2.110  1.00 33.60 ? 128 TYR A CE2 1 
ATOM   54  C  CZ  . TYR A 1 39  ? 19.036  5.473   -0.986  1.00 31.01 ? 128 TYR A CZ  1 
ATOM   55  O  OH  . TYR A 1 39  ? 19.651  4.265   -0.869  1.00 31.68 ? 128 TYR A OH  1 
ATOM   56  N  N   . VAL A 1 40  ? 16.685  11.171  -3.969  1.00 37.15 ? 129 VAL A N   1 
ATOM   57  C  CA  . VAL A 1 40  ? 15.838  12.123  -4.639  1.00 36.96 ? 129 VAL A CA  1 
ATOM   58  C  C   . VAL A 1 40  ? 14.544  11.402  -4.993  1.00 36.43 ? 129 VAL A C   1 
ATOM   59  O  O   . VAL A 1 40  ? 14.550  10.216  -5.305  1.00 35.92 ? 129 VAL A O   1 
ATOM   60  C  CB  . VAL A 1 40  ? 16.529  12.572  -5.922  1.00 36.85 ? 129 VAL A CB  1 
ATOM   61  C  CG1 . VAL A 1 40  ? 15.822  13.738  -6.518  1.00 38.95 ? 129 VAL A CG1 1 
ATOM   62  C  CG2 . VAL A 1 40  ? 17.966  12.926  -5.623  1.00 37.39 ? 129 VAL A CG2 1 
ATOM   63  N  N   . LEU A 1 41  ? 13.439  12.127  -4.945  1.00 36.12 ? 130 LEU A N   1 
ATOM   64  C  CA  . LEU A 1 41  ? 12.145  11.593  -5.305  1.00 35.84 ? 130 LEU A CA  1 
ATOM   65  C  C   . LEU A 1 41  ? 11.897  11.867  -6.750  1.00 35.29 ? 130 LEU A C   1 
ATOM   66  O  O   . LEU A 1 41  ? 11.837  13.014  -7.157  1.00 36.70 ? 130 LEU A O   1 
ATOM   67  C  CB  . LEU A 1 41  ? 11.062  12.289  -4.485  1.00 35.66 ? 130 LEU A CB  1 
ATOM   68  C  CG  . LEU A 1 41  ? 9.615   11.796  -4.636  1.00 36.18 ? 130 LEU A CG  1 
ATOM   69  C  CD1 . LEU A 1 41  ? 9.465   10.311  -4.322  1.00 34.29 ? 130 LEU A CD1 1 
ATOM   70  C  CD2 . LEU A 1 41  ? 8.711   12.617  -3.728  1.00 35.87 ? 130 LEU A CD2 1 
ATOM   71  N  N   . GLY A 1 42  ? 11.741  10.834  -7.542  1.00 34.84 ? 131 GLY A N   1 
ATOM   72  C  CA  . GLY A 1 42  ? 11.393  11.042  -8.939  1.00 34.96 ? 131 GLY A CA  1 
ATOM   73  C  C   . GLY A 1 42  ? 9.943   11.490  -9.184  1.00 34.78 ? 131 GLY A C   1 
ATOM   74  O  O   . GLY A 1 42  ? 9.163   11.671  -8.254  1.00 34.14 ? 131 GLY A O   1 
ATOM   75  N  N   . SER A 1 43  ? 9.590   11.684  -10.447 1.00 34.41 ? 132 SER A N   1 
ATOM   76  C  CA  . SER A 1 43  ? 8.258   12.180  -10.811 1.00 34.45 ? 132 SER A CA  1 
ATOM   77  C  C   . SER A 1 43  ? 7.265   11.048  -10.920 1.00 33.59 ? 132 SER A C   1 
ATOM   78  O  O   . SER A 1 43  ? 7.655   9.936   -11.245 1.00 32.64 ? 132 SER A O   1 
ATOM   79  C  CB  . SER A 1 43  ? 8.342   12.840  -12.164 1.00 33.83 ? 132 SER A CB  1 
ATOM   80  O  OG  . SER A 1 43  ? 9.381   13.782  -12.128 1.00 38.09 ? 132 SER A OG  1 
ATOM   81  N  N   . ALA A 1 44  ? 5.983   11.347  -10.700 1.00 33.52 ? 133 ALA A N   1 
ATOM   82  C  CA  . ALA A 1 44  ? 4.971   10.317  -10.755 1.00 33.81 ? 133 ALA A CA  1 
ATOM   83  C  C   . ALA A 1 44  ? 5.035   9.683   -12.112 1.00 34.55 ? 133 ALA A C   1 
ATOM   84  O  O   . ALA A 1 44  ? 5.434   10.335  -13.101 1.00 34.78 ? 133 ALA A O   1 
ATOM   85  C  CB  . ALA A 1 44  ? 3.596   10.874  -10.495 1.00 33.32 ? 133 ALA A CB  1 
ATOM   86  N  N   . MET A 1 45  ? 4.681   8.406   -12.160 1.00 35.16 ? 134 MET A N   1 
ATOM   87  C  CA  . MET A 1 45  ? 4.455   7.721   -13.427 1.00 36.82 ? 134 MET A CA  1 
ATOM   88  C  C   . MET A 1 45  ? 3.160   6.903   -13.334 1.00 38.22 ? 134 MET A C   1 
ATOM   89  O  O   . MET A 1 45  ? 2.506   6.878   -12.290 1.00 38.83 ? 134 MET A O   1 
ATOM   90  C  CB  . MET A 1 45  ? 5.656   6.850   -13.806 1.00 37.11 ? 134 MET A CB  1 
ATOM   91  C  CG  . MET A 1 45  ? 5.931   5.674   -12.870 1.00 36.41 ? 134 MET A CG  1 
ATOM   92  S  SD  . MET A 1 45  ? 7.556   4.923   -13.129 1.00 39.99 ? 134 MET A SD  1 
ATOM   93  C  CE  . MET A 1 45  ? 8.653   5.967   -12.126 1.00 33.47 ? 134 MET A CE  1 
ATOM   94  N  N   . SER A 1 46  ? 2.752   6.278   -14.430 1.00 39.71 ? 135 SER A N   1 
ATOM   95  C  CA  . SER A 1 46  ? 1.593   5.393   -14.406 1.00 41.19 ? 135 SER A CA  1 
ATOM   96  C  C   . SER A 1 46  ? 1.992   4.048   -13.862 1.00 41.91 ? 135 SER A C   1 
ATOM   97  O  O   . SER A 1 46  ? 2.931   3.436   -14.357 1.00 41.89 ? 135 SER A O   1 
ATOM   98  C  CB  . SER A 1 46  ? 1.084   5.187   -15.811 1.00 40.82 ? 135 SER A CB  1 
ATOM   99  O  OG  . SER A 1 46  ? 0.701   6.446   -16.303 1.00 44.35 ? 135 SER A OG  1 
ATOM   100 N  N   . ARG A 1 47  ? 1.264   3.567   -12.865 1.00 43.09 ? 136 ARG A N   1 
ATOM   101 C  CA  . ARG A 1 47  ? 1.584   2.291   -12.272 1.00 43.84 ? 136 ARG A CA  1 
ATOM   102 C  C   . ARG A 1 47  ? 1.489   1.228   -13.350 1.00 45.22 ? 136 ARG A C   1 
ATOM   103 O  O   . ARG A 1 47  ? 0.539   1.202   -14.105 1.00 44.94 ? 136 ARG A O   1 
ATOM   104 C  CB  . ARG A 1 47  ? 0.616   2.017   -11.130 1.00 43.96 ? 136 ARG A CB  1 
ATOM   105 C  CG  . ARG A 1 47  ? 0.809   2.957   -9.956  1.00 42.46 ? 136 ARG A CG  1 
ATOM   106 C  CD  . ARG A 1 47  ? -0.384  2.950   -9.068  1.00 41.09 ? 136 ARG A CD  1 
ATOM   107 N  NE  . ARG A 1 47  ? -0.169  3.708   -7.837  1.00 41.23 ? 136 ARG A NE  1 
ATOM   108 C  CZ  . ARG A 1 47  ? -0.699  4.903   -7.585  1.00 39.91 ? 136 ARG A CZ  1 
ATOM   109 N  NH1 . ARG A 1 47  ? -1.461  5.496   -8.479  1.00 39.98 ? 136 ARG A NH1 1 
ATOM   110 N  NH2 . ARG A 1 47  ? -0.467  5.515   -6.439  1.00 38.10 ? 136 ARG A NH2 1 
ATOM   111 N  N   . PRO A 1 48  ? 2.491   0.352   -13.446 1.00 46.91 ? 137 PRO A N   1 
ATOM   112 C  CA  . PRO A 1 48  ? 2.389   -0.644  -14.503 1.00 48.79 ? 137 PRO A CA  1 
ATOM   113 C  C   . PRO A 1 48  ? 1.155   -1.486  -14.290 1.00 50.92 ? 137 PRO A C   1 
ATOM   114 O  O   . PRO A 1 48  ? 0.706   -1.658  -13.155 1.00 51.38 ? 137 PRO A O   1 
ATOM   115 C  CB  . PRO A 1 48  ? 3.631   -1.526  -14.305 1.00 48.86 ? 137 PRO A CB  1 
ATOM   116 C  CG  . PRO A 1 48  ? 4.470   -0.833  -13.274 1.00 48.27 ? 137 PRO A CG  1 
ATOM   117 C  CD  . PRO A 1 48  ? 3.579   0.074   -12.503 1.00 47.04 ? 137 PRO A CD  1 
ATOM   118 N  N   . ILE A 1 49  ? 0.586   -2.006  -15.360 1.00 52.97 ? 138 ILE A N   1 
ATOM   119 C  CA  . ILE A 1 49  ? -0.457  -2.977  -15.173 1.00 54.91 ? 138 ILE A CA  1 
ATOM   120 C  C   . ILE A 1 49  ? 0.255   -4.305  -15.254 1.00 56.13 ? 138 ILE A C   1 
ATOM   121 O  O   . ILE A 1 49  ? 1.018   -4.556  -16.191 1.00 56.95 ? 138 ILE A O   1 
ATOM   122 C  CB  . ILE A 1 49  ? -1.561  -2.880  -16.230 1.00 55.11 ? 138 ILE A CB  1 
ATOM   123 C  CG1 . ILE A 1 49  ? -2.092  -1.435  -16.331 1.00 55.22 ? 138 ILE A CG1 1 
ATOM   124 C  CG2 . ILE A 1 49  ? -2.696  -3.840  -15.857 1.00 55.77 ? 138 ILE A CG2 1 
ATOM   125 C  CD1 . ILE A 1 49  ? -3.325  -1.160  -15.482 1.00 53.09 ? 138 ILE A CD1 1 
ATOM   126 N  N   . ILE A 1 50  ? 0.059   -5.137  -14.246 1.00 57.16 ? 139 ILE A N   1 
ATOM   127 C  CA  . ILE A 1 50  ? 0.761   -6.393  -14.215 1.00 58.20 ? 139 ILE A CA  1 
ATOM   128 C  C   . ILE A 1 50  ? -0.240  -7.523  -14.353 1.00 58.96 ? 139 ILE A C   1 
ATOM   129 O  O   . ILE A 1 50  ? -1.403  -7.404  -13.947 1.00 59.15 ? 139 ILE A O   1 
ATOM   130 C  CB  . ILE A 1 50  ? 1.588   -6.563  -12.926 1.00 58.34 ? 139 ILE A CB  1 
ATOM   131 C  CG1 . ILE A 1 50  ? 2.724   -5.538  -12.887 1.00 58.51 ? 139 ILE A CG1 1 
ATOM   132 C  CG2 . ILE A 1 50  ? 2.189   -7.968  -12.851 1.00 58.40 ? 139 ILE A CG2 1 
ATOM   133 C  CD1 . ILE A 1 50  ? 3.524   -5.559  -11.604 1.00 57.07 ? 139 ILE A CD1 1 
ATOM   134 N  N   . HIS A 1 51  ? 0.219   -8.610  -14.954 1.00 59.41 ? 140 HIS A N   1 
ATOM   135 C  CA  A HIS A 1 51  ? -0.594  -9.801  -15.088 0.50 59.67 ? 140 HIS A CA  1 
ATOM   136 C  CA  B HIS A 1 51  ? -0.594  -9.813  -15.114 0.50 59.65 ? 140 HIS A CA  1 
ATOM   137 C  C   . HIS A 1 51  ? 0.092   -10.949 -14.372 1.00 59.71 ? 140 HIS A C   1 
ATOM   138 O  O   . HIS A 1 51  ? 1.179   -11.392 -14.755 1.00 60.25 ? 140 HIS A O   1 
ATOM   139 C  CB  A HIS A 1 51  ? -0.820  -10.106 -16.563 0.50 59.56 ? 140 HIS A CB  1 
ATOM   140 C  CB  B HIS A 1 51  ? -0.763  -10.156 -16.601 0.50 59.54 ? 140 HIS A CB  1 
ATOM   141 C  CG  A HIS A 1 51  ? -0.995  -8.875  -17.396 0.50 59.68 ? 140 HIS A CG  1 
ATOM   142 C  CG  B HIS A 1 51  ? -1.842  -11.160 -16.885 0.50 59.54 ? 140 HIS A CG  1 
ATOM   143 N  ND1 A HIS A 1 51  ? -2.133  -8.101  -17.344 0.50 59.69 ? 140 HIS A ND1 1 
ATOM   144 N  ND1 B HIS A 1 51  ? -3.184  -10.866 -16.767 0.50 59.45 ? 140 HIS A ND1 1 
ATOM   145 C  CD2 A HIS A 1 51  ? -0.165  -8.269  -18.278 0.50 59.61 ? 140 HIS A CD2 1 
ATOM   146 C  CD2 B HIS A 1 51  ? -1.776  -12.443 -17.317 0.50 59.78 ? 140 HIS A CD2 1 
ATOM   147 C  CE1 A HIS A 1 51  ? -2.006  -7.081  -18.174 0.50 60.05 ? 140 HIS A CE1 1 
ATOM   148 C  CE1 B HIS A 1 51  ? -3.899  -11.927 -17.097 0.50 59.16 ? 140 HIS A CE1 1 
ATOM   149 N  NE2 A HIS A 1 51  ? -0.820  -7.159  -18.752 0.50 59.98 ? 140 HIS A NE2 1 
ATOM   150 N  NE2 B HIS A 1 51  ? -3.069  -12.897 -17.437 0.50 60.11 ? 140 HIS A NE2 1 
ATOM   151 N  N   . PHE A 1 52  ? -0.521  -11.393 -13.287 1.00 59.75 ? 141 PHE A N   1 
ATOM   152 C  CA  . PHE A 1 52  ? -0.011  -12.537 -12.581 1.00 59.73 ? 141 PHE A CA  1 
ATOM   153 C  C   . PHE A 1 52  ? -0.833  -13.679 -13.171 1.00 59.87 ? 141 PHE A C   1 
ATOM   154 O  O   . PHE A 1 52  ? -1.863  -13.425 -13.825 1.00 60.13 ? 141 PHE A O   1 
ATOM   155 C  CB  . PHE A 1 52  ? -0.282  -12.392 -11.086 1.00 59.59 ? 141 PHE A CB  1 
ATOM   156 C  CG  . PHE A 1 52  ? 0.015   -11.020 -10.536 1.00 59.18 ? 141 PHE A CG  1 
ATOM   157 C  CD1 . PHE A 1 52  ? 0.960   -10.848 -9.534  1.00 58.47 ? 141 PHE A CD1 1 
ATOM   158 C  CD2 . PHE A 1 52  ? -0.668  -9.904  -11.004 1.00 59.17 ? 141 PHE A CD2 1 
ATOM   159 C  CE1 . PHE A 1 52  ? 1.225   -9.581  -9.014  1.00 58.94 ? 141 PHE A CE1 1 
ATOM   160 C  CE2 . PHE A 1 52  ? -0.408  -8.639  -10.488 1.00 58.83 ? 141 PHE A CE2 1 
ATOM   161 C  CZ  . PHE A 1 52  ? 0.540   -8.479  -9.493  1.00 58.27 ? 141 PHE A CZ  1 
ATOM   162 N  N   . GLY A 1 53  ? -0.400  -14.925 -12.965 1.00 59.60 ? 142 GLY A N   1 
ATOM   163 C  CA  . GLY A 1 53  ? -1.188  -16.080 -13.443 1.00 58.84 ? 142 GLY A CA  1 
ATOM   164 C  C   . GLY A 1 53  ? -2.562  -16.127 -12.785 1.00 58.33 ? 142 GLY A C   1 
ATOM   165 O  O   . GLY A 1 53  ? -3.601  -16.001 -13.454 1.00 58.87 ? 142 GLY A O   1 
ATOM   166 N  N   . SER A 1 54  ? -2.541  -16.277 -11.459 1.00 57.17 ? 143 SER A N   1 
ATOM   167 C  CA  . SER A 1 54  ? -3.712  -16.362 -10.593 1.00 55.71 ? 143 SER A CA  1 
ATOM   168 C  C   . SER A 1 54  ? -4.774  -15.301 -10.774 1.00 54.16 ? 143 SER A C   1 
ATOM   169 O  O   . SER A 1 54  ? -4.472  -14.123 -10.914 1.00 53.95 ? 143 SER A O   1 
ATOM   170 C  CB  . SER A 1 54  ? -3.233  -16.289 -9.152  1.00 56.11 ? 143 SER A CB  1 
ATOM   171 O  OG  . SER A 1 54  ? -2.232  -17.271 -8.931  1.00 58.88 ? 143 SER A OG  1 
ATOM   172 N  N   . ASP A 1 55  ? -6.030  -15.714 -10.709 1.00 52.62 ? 144 ASP A N   1 
ATOM   173 C  CA  . ASP A 1 55  ? -7.112  -14.755 -10.817 1.00 51.90 ? 144 ASP A CA  1 
ATOM   174 C  C   . ASP A 1 55  ? -7.238  -13.896 -9.559  1.00 50.13 ? 144 ASP A C   1 
ATOM   175 O  O   . ASP A 1 55  ? -7.749  -12.777 -9.592  1.00 49.49 ? 144 ASP A O   1 
ATOM   176 C  CB  . ASP A 1 55  ? -8.433  -15.463 -11.133 1.00 52.62 ? 144 ASP A CB  1 
ATOM   177 C  CG  . ASP A 1 55  ? -8.409  -16.162 -12.481 1.00 55.50 ? 144 ASP A CG  1 
ATOM   178 O  OD1 . ASP A 1 55  ? -7.614  -15.750 -13.369 1.00 57.38 ? 144 ASP A OD1 1 
ATOM   179 O  OD2 . ASP A 1 55  ? -9.189  -17.130 -12.656 1.00 60.23 ? 144 ASP A OD2 1 
ATOM   180 N  N   . TYR A 1 56  ? -6.793  -14.432 -8.439  1.00 48.03 ? 145 TYR A N   1 
ATOM   181 C  CA  . TYR A 1 56  ? -6.883  -13.667 -7.244  1.00 46.09 ? 145 TYR A CA  1 
ATOM   182 C  C   . TYR A 1 56  ? -5.929  -12.490 -7.344  1.00 46.07 ? 145 TYR A C   1 
ATOM   183 O  O   . TYR A 1 56  ? -6.357  -11.337 -7.210  1.00 45.96 ? 145 TYR A O   1 
ATOM   184 C  CB  . TYR A 1 56  ? -6.596  -14.514 -6.002  1.00 45.64 ? 145 TYR A CB  1 
ATOM   185 C  CG  . TYR A 1 56  ? -6.746  -13.707 -4.730  1.00 41.56 ? 145 TYR A CG  1 
ATOM   186 C  CD1 . TYR A 1 56  ? -7.964  -13.602 -4.085  1.00 37.08 ? 145 TYR A CD1 1 
ATOM   187 C  CD2 . TYR A 1 56  ? -5.663  -13.022 -4.207  1.00 39.17 ? 145 TYR A CD2 1 
ATOM   188 C  CE1 . TYR A 1 56  ? -8.090  -12.829 -2.929  1.00 37.52 ? 145 TYR A CE1 1 
ATOM   189 C  CE2 . TYR A 1 56  ? -5.776  -12.261 -3.084  1.00 37.79 ? 145 TYR A CE2 1 
ATOM   190 C  CZ  . TYR A 1 56  ? -6.985  -12.164 -2.442  1.00 34.95 ? 145 TYR A CZ  1 
ATOM   191 O  OH  . TYR A 1 56  ? -7.037  -11.409 -1.309  1.00 34.46 ? 145 TYR A OH  1 
ATOM   192 N  N   . GLU A 1 57  ? -4.643  -12.776 -7.579  1.00 45.82 ? 146 GLU A N   1 
ATOM   193 C  CA  . GLU A 1 57  ? -3.617  -11.716 -7.713  1.00 45.45 ? 146 GLU A CA  1 
ATOM   194 C  C   . GLU A 1 57  ? -3.988  -10.638 -8.738  1.00 44.40 ? 146 GLU A C   1 
ATOM   195 O  O   . GLU A 1 57  ? -3.740  -9.452  -8.505  1.00 44.05 ? 146 GLU A O   1 
ATOM   196 C  CB  . GLU A 1 57  ? -2.240  -12.292 -8.065  1.00 45.80 ? 146 GLU A CB  1 
ATOM   197 C  CG  . GLU A 1 57  ? -1.384  -12.701 -6.891  1.00 48.00 ? 146 GLU A CG  1 
ATOM   198 C  CD  . GLU A 1 57  ? -1.807  -14.026 -6.324  1.00 52.19 ? 146 GLU A CD  1 
ATOM   199 O  OE1 . GLU A 1 57  ? -2.699  -14.662 -6.937  1.00 52.03 ? 146 GLU A OE1 1 
ATOM   200 O  OE2 . GLU A 1 57  ? -1.246  -14.433 -5.274  1.00 54.67 ? 146 GLU A OE2 1 
ATOM   201 N  N   . ASP A 1 58  ? -4.568  -11.051 -9.865  1.00 43.17 ? 147 ASP A N   1 
ATOM   202 C  CA  . ASP A 1 58  ? -4.899  -10.101 -10.925 1.00 42.24 ? 147 ASP A CA  1 
ATOM   203 C  C   . ASP A 1 58  ? -5.945  -9.144  -10.468 1.00 40.27 ? 147 ASP A C   1 
ATOM   204 O  O   . ASP A 1 58  ? -5.825  -7.944  -10.648 1.00 39.88 ? 147 ASP A O   1 
ATOM   205 C  CB  . ASP A 1 58  ? -5.394  -10.816 -12.169 1.00 43.19 ? 147 ASP A CB  1 
ATOM   206 C  CG  . ASP A 1 58  ? -4.279  -11.134 -13.123 1.00 46.88 ? 147 ASP A CG  1 
ATOM   207 O  OD1 . ASP A 1 58  ? -3.191  -10.535 -12.982 1.00 52.09 ? 147 ASP A OD1 1 
ATOM   208 O  OD2 . ASP A 1 58  ? -4.477  -11.978 -14.024 1.00 52.40 ? 147 ASP A OD2 1 
ATOM   209 N  N   . ARG A 1 59  ? -6.994  -9.674  -9.871  1.00 38.71 ? 148 ARG A N   1 
ATOM   210 C  CA  . ARG A 1 59  ? -8.067  -8.813  -9.438  1.00 37.25 ? 148 ARG A CA  1 
ATOM   211 C  C   . ARG A 1 59  ? -7.670  -7.974  -8.229  1.00 36.78 ? 148 ARG A C   1 
ATOM   212 O  O   . ARG A 1 59  ? -7.995  -6.778  -8.131  1.00 36.28 ? 148 ARG A O   1 
ATOM   213 C  CB  . ARG A 1 59  ? -9.273  -9.640  -9.097  1.00 36.87 ? 148 ARG A CB  1 
ATOM   214 C  CG  . ARG A 1 59  ? -10.308 -8.817  -8.431  1.00 36.81 ? 148 ARG A CG  1 
ATOM   215 C  CD  . ARG A 1 59  ? -11.518 -9.628  -8.253  1.00 37.80 ? 148 ARG A CD  1 
ATOM   216 N  NE  . ARG A 1 59  ? -12.506 -8.924  -7.461  1.00 39.71 ? 148 ARG A NE  1 
ATOM   217 C  CZ  . ARG A 1 59  ? -13.611 -9.502  -7.014  1.00 38.75 ? 148 ARG A CZ  1 
ATOM   218 N  NH1 . ARG A 1 59  ? -13.830 -10.778 -7.294  1.00 36.76 ? 148 ARG A NH1 1 
ATOM   219 N  NH2 . ARG A 1 59  ? -14.482 -8.809  -6.300  1.00 40.46 ? 148 ARG A NH2 1 
ATOM   220 N  N   . TYR A 1 60  ? -6.990  -8.622  -7.290  1.00 36.12 ? 149 TYR A N   1 
ATOM   221 C  CA  . TYR A 1 60  ? -6.472  -7.933  -6.141  1.00 35.58 ? 149 TYR A CA  1 
ATOM   222 C  C   . TYR A 1 60  ? -5.624  -6.745  -6.572  1.00 35.40 ? 149 TYR A C   1 
ATOM   223 O  O   . TYR A 1 60  ? -5.713  -5.659  -5.994  1.00 34.91 ? 149 TYR A O   1 
ATOM   224 C  CB  . TYR A 1 60  ? -5.613  -8.861  -5.293  1.00 35.18 ? 149 TYR A CB  1 
ATOM   225 C  CG  . TYR A 1 60  ? -5.235  -8.172  -4.013  1.00 35.38 ? 149 TYR A CG  1 
ATOM   226 C  CD1 . TYR A 1 60  ? -5.994  -8.353  -2.858  1.00 36.26 ? 149 TYR A CD1 1 
ATOM   227 C  CD2 . TYR A 1 60  ? -4.155  -7.299  -3.963  1.00 33.77 ? 149 TYR A CD2 1 
ATOM   228 C  CE1 . TYR A 1 60  ? -5.662  -7.696  -1.685  1.00 36.98 ? 149 TYR A CE1 1 
ATOM   229 C  CE2 . TYR A 1 60  ? -3.801  -6.657  -2.802  1.00 33.05 ? 149 TYR A CE2 1 
ATOM   230 C  CZ  . TYR A 1 60  ? -4.565  -6.851  -1.665  1.00 36.10 ? 149 TYR A CZ  1 
ATOM   231 O  OH  . TYR A 1 60  ? -4.254  -6.195  -0.497  1.00 37.42 ? 149 TYR A OH  1 
ATOM   232 N  N   . TYR A 1 61  ? -4.786  -6.954  -7.586  1.00 35.63 ? 150 TYR A N   1 
ATOM   233 C  CA  . TYR A 1 61  ? -3.897  -5.886  -8.049  1.00 36.28 ? 150 TYR A CA  1 
ATOM   234 C  C   . TYR A 1 61  ? -4.637  -4.708  -8.706  1.00 36.85 ? 150 TYR A C   1 
ATOM   235 O  O   . TYR A 1 61  ? -4.410  -3.551  -8.346  1.00 35.93 ? 150 TYR A O   1 
ATOM   236 C  CB  . TYR A 1 61  ? -2.785  -6.424  -8.951  1.00 36.66 ? 150 TYR A CB  1 
ATOM   237 C  CG  . TYR A 1 61  ? -1.850  -5.315  -9.361  1.00 37.83 ? 150 TYR A CG  1 
ATOM   238 C  CD1 . TYR A 1 61  ? -0.860  -4.852  -8.495  1.00 37.56 ? 150 TYR A CD1 1 
ATOM   239 C  CD2 . TYR A 1 61  ? -2.012  -4.676  -10.578 1.00 38.93 ? 150 TYR A CD2 1 
ATOM   240 C  CE1 . TYR A 1 61  ? -0.047  -3.820  -8.841  1.00 38.04 ? 150 TYR A CE1 1 
ATOM   241 C  CE2 . TYR A 1 61  ? -1.197  -3.637  -10.936 1.00 41.03 ? 150 TYR A CE2 1 
ATOM   242 C  CZ  . TYR A 1 61  ? -0.210  -3.211  -10.064 1.00 40.45 ? 150 TYR A CZ  1 
ATOM   243 O  OH  . TYR A 1 61  ? 0.601   -2.172  -10.456 1.00 40.64 ? 150 TYR A OH  1 
ATOM   244 N  N   . ARG A 1 62  ? -5.543  -4.996  -9.648  1.00 38.09 ? 151 ARG A N   1 
ATOM   245 C  CA  . ARG A 1 62  ? -6.441  -3.960  -10.168 1.00 38.36 ? 151 ARG A CA  1 
ATOM   246 C  C   . ARG A 1 62  ? -7.016  -3.173  -9.023  1.00 38.89 ? 151 ARG A C   1 
ATOM   247 O  O   . ARG A 1 62  ? -6.905  -1.940  -8.970  1.00 38.89 ? 151 ARG A O   1 
ATOM   248 C  CB  . ARG A 1 62  ? -7.668  -4.561  -10.821 1.00 38.67 ? 151 ARG A CB  1 
ATOM   249 C  CG  . ARG A 1 62  ? -7.466  -5.364  -12.069 1.00 41.82 ? 151 ARG A CG  1 
ATOM   250 C  CD  . ARG A 1 62  ? -8.808  -5.412  -12.800 1.00 44.12 ? 151 ARG A CD  1 
ATOM   251 N  NE  . ARG A 1 62  ? -9.724  -6.405  -12.246 1.00 46.06 ? 151 ARG A NE  1 
ATOM   252 C  CZ  . ARG A 1 62  ? -9.625  -7.709  -12.499 1.00 47.06 ? 151 ARG A CZ  1 
ATOM   253 N  NH1 . ARG A 1 62  ? -8.640  -8.155  -13.275 1.00 45.34 ? 151 ARG A NH1 1 
ATOM   254 N  NH2 . ARG A 1 62  ? -10.496 -8.572  -11.970 1.00 47.41 ? 151 ARG A NH2 1 
ATOM   255 N  N   . GLU A 1 63  ? -7.703  -3.888  -8.131  1.00 38.78 ? 152 GLU A N   1 
ATOM   256 C  CA  . GLU A 1 63  ? -8.489  -3.218  -7.103  1.00 38.96 ? 152 GLU A CA  1 
ATOM   257 C  C   . GLU A 1 63  ? -7.627  -2.478  -6.094  1.00 38.37 ? 152 GLU A C   1 
ATOM   258 O  O   . GLU A 1 63  ? -8.110  -1.589  -5.396  1.00 38.59 ? 152 GLU A O   1 
ATOM   259 C  CB  . GLU A 1 63  ? -9.390  -4.204  -6.347  1.00 39.18 ? 152 GLU A CB  1 
ATOM   260 C  CG  . GLU A 1 63  ? -10.477 -4.844  -7.185  1.00 42.48 ? 152 GLU A CG  1 
ATOM   261 C  CD  . GLU A 1 63  ? -11.471 -5.643  -6.338  1.00 45.75 ? 152 GLU A CD  1 
ATOM   262 O  OE1 . GLU A 1 63  ? -12.391 -6.262  -6.936  1.00 47.20 ? 152 GLU A OE1 1 
ATOM   263 O  OE2 . GLU A 1 63  ? -11.314 -5.668  -5.088  1.00 46.20 ? 152 GLU A OE2 1 
ATOM   264 N  N   . ASN A 1 64  ? -6.356  -2.848  -5.977  1.00 37.95 ? 153 ASN A N   1 
ATOM   265 C  CA  . ASN A 1 64  ? -5.554  -2.256  -4.921  1.00 36.93 ? 153 ASN A CA  1 
ATOM   266 C  C   . ASN A 1 64  ? -4.364  -1.458  -5.358  1.00 36.58 ? 153 ASN A C   1 
ATOM   267 O  O   . ASN A 1 64  ? -3.752  -0.773  -4.530  1.00 35.59 ? 153 ASN A O   1 
ATOM   268 C  CB  . ASN A 1 64  ? -5.157  -3.319  -3.906  1.00 37.01 ? 153 ASN A CB  1 
ATOM   269 C  CG  . ASN A 1 64  ? -6.335  -3.765  -3.090  1.00 36.86 ? 153 ASN A CG  1 
ATOM   270 O  OD1 . ASN A 1 64  ? -6.679  -3.137  -2.099  1.00 36.66 ? 153 ASN A OD1 1 
ATOM   271 N  ND2 . ASN A 1 64  ? -7.001  -4.817  -3.536  1.00 35.69 ? 153 ASN A ND2 1 
ATOM   272 N  N   . MET A 1 65  ? -4.060  -1.506  -6.653  1.00 36.30 ? 154 MET A N   1 
ATOM   273 C  CA  . MET A 1 65  ? -2.813  -0.906  -7.147  1.00 37.11 ? 154 MET A CA  1 
ATOM   274 C  C   . MET A 1 65  ? -2.604  0.556   -6.753  1.00 36.73 ? 154 MET A C   1 
ATOM   275 O  O   . MET A 1 65  ? -1.485  1.024   -6.751  1.00 37.36 ? 154 MET A O   1 
ATOM   276 C  CB  . MET A 1 65  ? -2.677  -1.073  -8.649  1.00 37.38 ? 154 MET A CB  1 
ATOM   277 C  CG  . MET A 1 65  ? -3.646  -0.228  -9.462  1.00 40.02 ? 154 MET A CG  1 
ATOM   278 S  SD  . MET A 1 65  ? -3.139  -0.314  -11.184 1.00 47.57 ? 154 MET A SD  1 
ATOM   279 C  CE  . MET A 1 65  ? -4.389  -1.410  -11.885 1.00 44.14 ? 154 MET A CE  1 
ATOM   280 N  N   . HIS A 1 66  ? -3.678  1.251   -6.404  1.00 36.83 ? 155 HIS A N   1 
ATOM   281 C  CA  . HIS A 1 66  ? -3.647  2.671   -6.034  1.00 36.64 ? 155 HIS A CA  1 
ATOM   282 C  C   . HIS A 1 66  ? -3.157  2.925   -4.615  1.00 36.43 ? 155 HIS A C   1 
ATOM   283 O  O   . HIS A 1 66  ? -2.920  4.080   -4.212  1.00 36.95 ? 155 HIS A O   1 
ATOM   284 C  CB  . HIS A 1 66  ? -5.046  3.293   -6.182  1.00 37.03 ? 155 HIS A CB  1 
ATOM   285 C  CG  . HIS A 1 66  ? -6.018  2.850   -5.129  1.00 37.10 ? 155 HIS A CG  1 
ATOM   286 N  ND1 . HIS A 1 66  ? -6.601  1.598   -5.132  1.00 39.21 ? 155 HIS A ND1 1 
ATOM   287 C  CD2 . HIS A 1 66  ? -6.513  3.491   -4.043  1.00 38.59 ? 155 HIS A CD2 1 
ATOM   288 C  CE1 . HIS A 1 66  ? -7.400  1.485   -4.084  1.00 39.09 ? 155 HIS A CE1 1 
ATOM   289 N  NE2 . HIS A 1 66  ? -7.365  2.619   -3.406  1.00 37.68 ? 155 HIS A NE2 1 
ATOM   290 N  N   . ARG A 1 67  ? -3.018  1.861   -3.846  1.00 35.53 ? 156 ARG A N   1 
ATOM   291 C  CA  . ARG A 1 67  ? -2.496  1.976   -2.507  1.00 34.67 ? 156 ARG A CA  1 
ATOM   292 C  C   . ARG A 1 67  ? -0.958  1.928   -2.519  1.00 34.29 ? 156 ARG A C   1 
ATOM   293 O  O   . ARG A 1 67  ? -0.309  2.054   -1.487  1.00 34.51 ? 156 ARG A O   1 
ATOM   294 C  CB  . ARG A 1 67  ? -3.095  0.849   -1.655  1.00 34.69 ? 156 ARG A CB  1 
ATOM   295 C  CG  . ARG A 1 67  ? -4.620  0.942   -1.468  1.00 34.73 ? 156 ARG A CG  1 
ATOM   296 C  CD  . ARG A 1 67  ? -5.186  -0.342  -0.819  1.00 36.33 ? 156 ARG A CD  1 
ATOM   297 N  NE  . ARG A 1 67  ? -4.484  -0.657  0.420   1.00 38.00 ? 156 ARG A NE  1 
ATOM   298 C  CZ  . ARG A 1 67  ? -4.318  -1.877  0.914   1.00 39.86 ? 156 ARG A CZ  1 
ATOM   299 N  NH1 . ARG A 1 67  ? -4.812  -2.936  0.286   1.00 41.18 ? 156 ARG A NH1 1 
ATOM   300 N  NH2 . ARG A 1 67  ? -3.637  -2.038  2.040   1.00 41.17 ? 156 ARG A NH2 1 
ATOM   301 N  N   . TYR A 1 68  ? -0.382  1.726   -3.697  1.00 33.28 ? 157 TYR A N   1 
ATOM   302 C  CA  . TYR A 1 68  ? 1.054   1.603   -3.843  1.00 32.69 ? 157 TYR A CA  1 
ATOM   303 C  C   . TYR A 1 68  ? 1.661   2.871   -4.429  1.00 32.17 ? 157 TYR A C   1 
ATOM   304 O  O   . TYR A 1 68  ? 0.951   3.747   -4.912  1.00 32.16 ? 157 TYR A O   1 
ATOM   305 C  CB  . TYR A 1 68  ? 1.399   0.397   -4.725  1.00 32.72 ? 157 TYR A CB  1 
ATOM   306 C  CG  . TYR A 1 68  ? 0.709   -0.877  -4.291  1.00 34.19 ? 157 TYR A CG  1 
ATOM   307 C  CD1 . TYR A 1 68  ? 0.311   -1.819  -5.224  1.00 35.59 ? 157 TYR A CD1 1 
ATOM   308 C  CD2 . TYR A 1 68  ? 0.425   -1.135  -2.947  1.00 35.32 ? 157 TYR A CD2 1 
ATOM   309 C  CE1 . TYR A 1 68  ? -0.332  -2.977  -4.848  1.00 35.02 ? 157 TYR A CE1 1 
ATOM   310 C  CE2 . TYR A 1 68  ? -0.228  -2.313  -2.571  1.00 34.96 ? 157 TYR A CE2 1 
ATOM   311 C  CZ  . TYR A 1 68  ? -0.592  -3.215  -3.540  1.00 35.22 ? 157 TYR A CZ  1 
ATOM   312 O  OH  . TYR A 1 68  ? -1.225  -4.374  -3.236  1.00 39.05 ? 157 TYR A OH  1 
ATOM   313 N  N   . PRO A 1 69  ? 2.982   2.977   -4.391  1.00 31.95 ? 158 PRO A N   1 
ATOM   314 C  CA  . PRO A 1 69  ? 3.589   4.255   -4.780  1.00 31.88 ? 158 PRO A CA  1 
ATOM   315 C  C   . PRO A 1 69  ? 3.392   4.456   -6.270  1.00 32.02 ? 158 PRO A C   1 
ATOM   316 O  O   . PRO A 1 69  ? 3.226   3.458   -6.976  1.00 32.20 ? 158 PRO A O   1 
ATOM   317 C  CB  . PRO A 1 69  ? 5.086   4.034   -4.494  1.00 30.96 ? 158 PRO A CB  1 
ATOM   318 C  CG  . PRO A 1 69  ? 5.138   2.832   -3.573  1.00 31.27 ? 158 PRO A CG  1 
ATOM   319 C  CD  . PRO A 1 69  ? 3.986   1.971   -4.009  1.00 31.51 ? 158 PRO A CD  1 
ATOM   320 N  N   . ASN A 1 70  ? 3.414   5.708   -6.747  1.00 31.81 ? 159 ASN A N   1 
ATOM   321 C  CA  . ASN A 1 70  ? 3.534   6.000   -8.191  1.00 32.36 ? 159 ASN A CA  1 
ATOM   322 C  C   . ASN A 1 70  ? 4.785   6.833   -8.558  1.00 32.98 ? 159 ASN A C   1 
ATOM   323 O  O   . ASN A 1 70  ? 4.895   7.406   -9.650  1.00 32.32 ? 159 ASN A O   1 
ATOM   324 C  CB  . ASN A 1 70  ? 2.268   6.617   -8.793  1.00 32.82 ? 159 ASN A CB  1 
ATOM   325 C  CG  . ASN A 1 70  ? 1.985   8.017   -8.298  1.00 34.56 ? 159 ASN A CG  1 
ATOM   326 O  OD1 . ASN A 1 70  ? 2.592   8.518   -7.343  1.00 34.72 ? 159 ASN A OD1 1 
ATOM   327 N  ND2 . ASN A 1 70  ? 1.026   8.662   -8.949  1.00 34.40 ? 159 ASN A ND2 1 
ATOM   328 N  N   . GLN A 1 71  ? 5.739   6.852   -7.631  1.00 32.01 ? 160 GLN A N   1 
ATOM   329 C  CA  . GLN A 1 71  ? 7.017   7.465   -7.856  1.00 31.71 ? 160 GLN A CA  1 
ATOM   330 C  C   . GLN A 1 71  ? 7.985   6.764   -6.906  1.00 30.83 ? 160 GLN A C   1 
ATOM   331 O  O   . GLN A 1 71  ? 7.583   6.146   -5.921  1.00 30.32 ? 160 GLN A O   1 
ATOM   332 C  CB  . GLN A 1 71  ? 6.931   8.979   -7.613  1.00 31.60 ? 160 GLN A CB  1 
ATOM   333 C  CG  . GLN A 1 71  ? 5.992   9.364   -6.518  1.00 32.66 ? 160 GLN A CG  1 
ATOM   334 C  CD  . GLN A 1 71  ? 5.780   10.877  -6.395  1.00 34.48 ? 160 GLN A CD  1 
ATOM   335 O  OE1 . GLN A 1 71  ? 5.071   11.344  -5.501  1.00 35.69 ? 160 GLN A OE1 1 
ATOM   336 N  NE2 . GLN A 1 71  ? 6.409   11.638  -7.267  1.00 34.44 ? 160 GLN A NE2 1 
ATOM   337 N  N   . VAL A 1 72  ? 9.258   6.831   -7.222  1.00 30.51 ? 161 VAL A N   1 
ATOM   338 C  CA  . VAL A 1 72  ? 10.279  6.213   -6.394  1.00 30.08 ? 161 VAL A CA  1 
ATOM   339 C  C   . VAL A 1 72  ? 11.372  7.207   -5.915  1.00 30.72 ? 161 VAL A C   1 
ATOM   340 O  O   . VAL A 1 72  ? 11.577  8.271   -6.515  1.00 30.51 ? 161 VAL A O   1 
ATOM   341 C  CB  . VAL A 1 72  ? 10.950  5.120   -7.203  1.00 29.60 ? 161 VAL A CB  1 
ATOM   342 C  CG1 . VAL A 1 72  ? 9.893   4.176   -7.843  1.00 26.74 ? 161 VAL A CG1 1 
ATOM   343 C  CG2 . VAL A 1 72  ? 11.792  5.778   -8.270  1.00 30.60 ? 161 VAL A CG2 1 
ATOM   344 N  N   . TYR A 1 73  ? 12.081  6.825   -4.852  1.00 31.23 ? 162 TYR A N   1 
ATOM   345 C  CA  . TYR A 1 73  ? 13.298  7.498   -4.408  1.00 31.45 ? 162 TYR A CA  1 
ATOM   346 C  C   . TYR A 1 73  ? 14.522  6.817   -5.020  1.00 32.28 ? 162 TYR A C   1 
ATOM   347 O  O   . TYR A 1 73  ? 14.551  5.593   -5.147  1.00 31.11 ? 162 TYR A O   1 
ATOM   348 C  CB  . TYR A 1 73  ? 13.423  7.370   -2.909  1.00 31.55 ? 162 TYR A CB  1 
ATOM   349 C  CG  . TYR A 1 73  ? 12.477  8.232   -2.164  1.00 30.80 ? 162 TYR A CG  1 
ATOM   350 C  CD1 . TYR A 1 73  ? 11.273  7.727   -1.736  1.00 32.49 ? 162 TYR A CD1 1 
ATOM   351 C  CD2 . TYR A 1 73  ? 12.791  9.567   -1.876  1.00 30.21 ? 162 TYR A CD2 1 
ATOM   352 C  CE1 . TYR A 1 73  ? 10.366  8.518   -1.050  1.00 33.22 ? 162 TYR A CE1 1 
ATOM   353 C  CE2 . TYR A 1 73  ? 11.897  10.376  -1.194  1.00 30.58 ? 162 TYR A CE2 1 
ATOM   354 C  CZ  . TYR A 1 73  ? 10.685  9.837   -0.781  1.00 33.87 ? 162 TYR A CZ  1 
ATOM   355 O  OH  . TYR A 1 73  ? 9.766   10.592  -0.085  1.00 37.97 ? 162 TYR A OH  1 
ATOM   356 N  N   . TYR A 1 74  ? 15.535  7.599   -5.383  1.00 32.84 ? 163 TYR A N   1 
ATOM   357 C  CA  . TYR A 1 74  ? 16.719  7.014   -5.949  1.00 34.45 ? 163 TYR A CA  1 
ATOM   358 C  C   . TYR A 1 74  ? 17.879  7.906   -5.695  1.00 35.70 ? 163 TYR A C   1 
ATOM   359 O  O   . TYR A 1 74  ? 17.711  9.052   -5.289  1.00 35.17 ? 163 TYR A O   1 
ATOM   360 C  CB  . TYR A 1 74  ? 16.574  6.838   -7.424  1.00 34.82 ? 163 TYR A CB  1 
ATOM   361 C  CG  . TYR A 1 74  ? 16.400  8.144   -8.154  1.00 35.62 ? 163 TYR A CG  1 
ATOM   362 C  CD1 . TYR A 1 74  ? 17.502  8.830   -8.650  1.00 36.70 ? 163 TYR A CD1 1 
ATOM   363 C  CD2 . TYR A 1 74  ? 15.140  8.694   -8.346  1.00 34.80 ? 163 TYR A CD2 1 
ATOM   364 C  CE1 . TYR A 1 74  ? 17.349  10.038  -9.325  1.00 37.81 ? 163 TYR A CE1 1 
ATOM   365 C  CE2 . TYR A 1 74  ? 14.969  9.898   -9.015  1.00 35.77 ? 163 TYR A CE2 1 
ATOM   366 C  CZ  . TYR A 1 74  ? 16.079  10.558  -9.512  1.00 37.58 ? 163 TYR A CZ  1 
ATOM   367 O  OH  . TYR A 1 74  ? 15.942  11.741  -10.191 1.00 40.02 ? 163 TYR A OH  1 
ATOM   368 N  N   . ARG A 1 75  ? 19.064  7.330   -5.865  1.00 38.13 ? 164 ARG A N   1 
ATOM   369 C  CA  . ARG A 1 75  ? 20.328  8.059   -5.757  1.00 40.32 ? 164 ARG A CA  1 
ATOM   370 C  C   . ARG A 1 75  ? 20.823  8.406   -7.165  1.00 42.34 ? 164 ARG A C   1 
ATOM   371 O  O   . ARG A 1 75  ? 20.568  7.668   -8.131  1.00 41.81 ? 164 ARG A O   1 
ATOM   372 C  CB  . ARG A 1 75  ? 21.403  7.234   -4.987  1.00 40.13 ? 164 ARG A CB  1 
ATOM   373 C  CG  . ARG A 1 75  ? 21.101  6.973   -3.502  1.00 37.96 ? 164 ARG A CG  1 
ATOM   374 C  CD  . ARG A 1 75  ? 22.287  6.421   -2.713  1.00 37.90 ? 164 ARG A CD  1 
ATOM   375 N  NE  . ARG A 1 75  ? 23.263  7.447   -2.309  1.00 39.94 ? 164 ARG A NE  1 
ATOM   376 C  CZ  . ARG A 1 75  ? 23.135  8.267   -1.254  1.00 40.82 ? 164 ARG A CZ  1 
ATOM   377 N  NH1 . ARG A 1 75  ? 22.069  8.202   -0.442  1.00 40.62 ? 164 ARG A NH1 1 
ATOM   378 N  NH2 . ARG A 1 75  ? 24.092  9.162   -1.000  1.00 40.35 ? 164 ARG A NH2 1 
ATOM   379 N  N   . PRO A 1 76  ? 21.507  9.546   -7.292  1.00 44.82 ? 165 PRO A N   1 
ATOM   380 C  CA  . PRO A 1 76  ? 22.174  9.949   -8.516  1.00 47.23 ? 165 PRO A CA  1 
ATOM   381 C  C   . PRO A 1 76  ? 22.873  8.793   -9.224  1.00 49.66 ? 165 PRO A C   1 
ATOM   382 O  O   . PRO A 1 76  ? 23.524  7.970   -8.592  1.00 49.93 ? 165 PRO A O   1 
ATOM   383 C  CB  . PRO A 1 76  ? 23.201  10.949  -8.014  1.00 47.07 ? 165 PRO A CB  1 
ATOM   384 C  CG  . PRO A 1 76  ? 22.485  11.645  -6.891  1.00 46.11 ? 165 PRO A CG  1 
ATOM   385 C  CD  . PRO A 1 76  ? 21.491  10.635  -6.306  1.00 45.34 ? 165 PRO A CD  1 
ATOM   386 N  N   . MET A 1 77  ? 22.727  8.754   -10.542 1.00 52.66 ? 166 MET A N   1 
ATOM   387 C  CA  . MET A 1 77  ? 23.392  7.791   -11.418 1.00 55.70 ? 166 MET A CA  1 
ATOM   388 C  C   . MET A 1 77  ? 24.924  7.822   -11.359 1.00 57.15 ? 166 MET A C   1 
ATOM   389 O  O   . MET A 1 77  ? 25.576  6.777   -11.488 1.00 56.67 ? 166 MET A O   1 
ATOM   390 C  CB  . MET A 1 77  ? 22.967  8.080   -12.845 1.00 56.08 ? 166 MET A CB  1 
ATOM   391 C  CG  . MET A 1 77  ? 21.667  7.463   -13.185 1.00 59.06 ? 166 MET A CG  1 
ATOM   392 S  SD  . MET A 1 77  ? 22.033  5.973   -14.093 1.00 66.02 ? 166 MET A SD  1 
ATOM   393 C  CE  . MET A 1 77  ? 22.671  6.630   -15.654 1.00 64.66 ? 166 MET A CE  1 
ATOM   394 N  N   . ASP A 1 78  ? 25.495  9.020   -11.192 1.00 59.33 ? 167 ASP A N   1 
ATOM   395 C  CA  . ASP A 1 78  ? 26.957  9.163   -11.084 1.00 61.57 ? 167 ASP A CA  1 
ATOM   396 C  C   . ASP A 1 78  ? 27.567  8.332   -9.940  1.00 62.18 ? 167 ASP A C   1 
ATOM   397 O  O   . ASP A 1 78  ? 28.785  8.349   -9.723  1.00 62.66 ? 167 ASP A O   1 
ATOM   398 C  CB  . ASP A 1 78  ? 27.392  10.639  -10.973 1.00 62.37 ? 167 ASP A CB  1 
ATOM   399 C  CG  . ASP A 1 78  ? 26.358  11.515  -10.275 1.00 64.84 ? 167 ASP A CG  1 
ATOM   400 O  OD1 . ASP A 1 78  ? 26.603  11.929  -9.106  1.00 66.19 ? 167 ASP A OD1 1 
ATOM   401 O  OD2 . ASP A 1 78  ? 25.306  11.801  -10.910 1.00 67.45 ? 167 ASP A OD2 1 
ATOM   402 N  N   . GLU A 1 79  ? 26.709  7.594   -9.239  1.00 62.47 ? 168 GLU A N   1 
ATOM   403 C  CA  . GLU A 1 79  ? 27.097  6.814   -8.086  1.00 62.30 ? 168 GLU A CA  1 
ATOM   404 C  C   . GLU A 1 79  ? 27.013  5.332   -8.330  1.00 62.21 ? 168 GLU A C   1 
ATOM   405 O  O   . GLU A 1 79  ? 27.404  4.557   -7.472  1.00 62.49 ? 168 GLU A O   1 
ATOM   406 C  CB  . GLU A 1 79  ? 26.135  7.093   -6.956  1.00 62.47 ? 168 GLU A CB  1 
ATOM   407 C  CG  . GLU A 1 79  ? 26.351  8.377   -6.270  1.00 63.55 ? 168 GLU A CG  1 
ATOM   408 C  CD  . GLU A 1 79  ? 25.636  8.386   -4.947  1.00 65.77 ? 168 GLU A CD  1 
ATOM   409 O  OE1 . GLU A 1 79  ? 25.313  9.499   -4.474  1.00 67.94 ? 168 GLU A OE1 1 
ATOM   410 O  OE2 . GLU A 1 79  ? 25.392  7.284   -4.384  1.00 64.58 ? 168 GLU A OE2 1 
ATOM   411 N  N   . TYR A 1 80  ? 26.457  4.920   -9.464  1.00 62.22 ? 169 TYR A N   1 
ATOM   412 C  CA  . TYR A 1 80  ? 26.245  3.485   -9.706  1.00 62.16 ? 169 TYR A CA  1 
ATOM   413 C  C   . TYR A 1 80  ? 27.090  2.923   -10.838 1.00 62.57 ? 169 TYR A C   1 
ATOM   414 O  O   . TYR A 1 80  ? 27.503  3.643   -11.749 1.00 62.66 ? 169 TYR A O   1 
ATOM   415 C  CB  . TYR A 1 80  ? 24.761  3.166   -9.939  1.00 61.94 ? 169 TYR A CB  1 
ATOM   416 C  CG  . TYR A 1 80  ? 23.917  3.398   -8.713  1.00 60.49 ? 169 TYR A CG  1 
ATOM   417 C  CD1 . TYR A 1 80  ? 23.804  2.421   -7.740  1.00 59.52 ? 169 TYR A CD1 1 
ATOM   418 C  CD2 . TYR A 1 80  ? 23.254  4.608   -8.515  1.00 59.23 ? 169 TYR A CD2 1 
ATOM   419 C  CE1 . TYR A 1 80  ? 23.036  2.621   -6.616  1.00 59.08 ? 169 TYR A CE1 1 
ATOM   420 C  CE2 . TYR A 1 80  ? 22.490  4.823   -7.377  1.00 58.32 ? 169 TYR A CE2 1 
ATOM   421 C  CZ  . TYR A 1 80  ? 22.381  3.820   -6.436  1.00 57.90 ? 169 TYR A CZ  1 
ATOM   422 O  OH  . TYR A 1 80  ? 21.633  4.003   -5.305  1.00 57.14 ? 169 TYR A OH  1 
ATOM   423 N  N   . SER A 1 81  ? 27.351  1.627   -10.766 1.00 62.64 ? 170 SER A N   1 
ATOM   424 C  CA  . SER A 1 81  ? 28.108  0.969   -11.799 1.00 62.98 ? 170 SER A CA  1 
ATOM   425 C  C   . SER A 1 81  ? 27.147  0.158   -12.648 1.00 62.91 ? 170 SER A C   1 
ATOM   426 O  O   . SER A 1 81  ? 27.459  -0.198  -13.793 1.00 63.44 ? 170 SER A O   1 
ATOM   427 C  CB  . SER A 1 81  ? 29.165  0.067   -11.176 1.00 63.41 ? 170 SER A CB  1 
ATOM   428 O  OG  . SER A 1 81  ? 29.986  0.818   -10.298 1.00 64.52 ? 170 SER A OG  1 
ATOM   429 N  N   . ASN A 1 82  ? 25.973  -0.137  -12.093 1.00 61.90 ? 171 ASN A N   1 
ATOM   430 C  CA  . ASN A 1 82  ? 24.948  -0.806  -12.883 1.00 60.57 ? 171 ASN A CA  1 
ATOM   431 C  C   . ASN A 1 82  ? 23.519  -0.536  -12.461 1.00 58.96 ? 171 ASN A C   1 
ATOM   432 O  O   . ASN A 1 82  ? 23.251  0.125   -11.458 1.00 58.81 ? 171 ASN A O   1 
ATOM   433 C  CB  . ASN A 1 82  ? 25.209  -2.317  -13.007 1.00 61.29 ? 171 ASN A CB  1 
ATOM   434 C  CG  . ASN A 1 82  ? 25.500  -2.978  -11.674 1.00 62.78 ? 171 ASN A CG  1 
ATOM   435 O  OD1 . ASN A 1 82  ? 25.898  -2.319  -10.707 1.00 65.05 ? 171 ASN A OD1 1 
ATOM   436 N  ND2 . ASN A 1 82  ? 25.306  -4.292  -11.618 1.00 63.75 ? 171 ASN A ND2 1 
ATOM   437 N  N   . GLN A 1 83  ? 22.618  -1.054  -13.279 1.00 56.82 ? 172 GLN A N   1 
ATOM   438 C  CA  . GLN A 1 83  ? 21.201  -0.899  -13.124 1.00 55.11 ? 172 GLN A CA  1 
ATOM   439 C  C   . GLN A 1 83  ? 20.746  -1.615  -11.852 1.00 53.68 ? 172 GLN A C   1 
ATOM   440 O  O   . GLN A 1 83  ? 19.992  -1.059  -11.041 1.00 53.32 ? 172 GLN A O   1 
ATOM   441 C  CB  . GLN A 1 83  ? 20.530  -1.504  -14.360 1.00 55.36 ? 172 GLN A CB  1 
ATOM   442 C  CG  . GLN A 1 83  ? 19.029  -1.567  -14.338 1.00 55.70 ? 172 GLN A CG  1 
ATOM   443 C  CD  . GLN A 1 83  ? 18.457  -1.739  -15.721 1.00 57.20 ? 172 GLN A CD  1 
ATOM   444 O  OE1 . GLN A 1 83  ? 19.144  -1.517  -16.718 1.00 58.70 ? 172 GLN A OE1 1 
ATOM   445 N  NE2 . GLN A 1 83  ? 17.195  -2.134  -15.796 1.00 58.38 ? 172 GLN A NE2 1 
ATOM   446 N  N   . ASN A 1 84  ? 21.230  -2.844  -11.687 1.00 51.53 ? 173 ASN A N   1 
ATOM   447 C  CA  . ASN A 1 84  ? 20.914  -3.660  -10.522 1.00 49.55 ? 173 ASN A CA  1 
ATOM   448 C  C   . ASN A 1 84  ? 21.150  -3.006  -9.159  1.00 47.12 ? 173 ASN A C   1 
ATOM   449 O  O   . ASN A 1 84  ? 20.308  -3.084  -8.280  1.00 46.61 ? 173 ASN A O   1 
ATOM   450 C  CB  . ASN A 1 84  ? 21.574  -5.045  -10.628 1.00 50.11 ? 173 ASN A CB  1 
ATOM   451 C  CG  . ASN A 1 84  ? 20.761  -5.987  -11.516 1.00 52.59 ? 173 ASN A CG  1 
ATOM   452 O  OD1 . ASN A 1 84  ? 20.177  -6.966  -11.051 1.00 54.08 ? 173 ASN A OD1 1 
ATOM   453 N  ND2 . ASN A 1 84  ? 20.664  -5.644  -12.795 1.00 56.08 ? 173 ASN A ND2 1 
ATOM   454 N  N   . ASN A 1 85  ? 22.275  -2.345  -8.971  1.00 44.29 ? 174 ASN A N   1 
ATOM   455 C  CA  . ASN A 1 85  ? 22.467  -1.663  -7.719  1.00 42.32 ? 174 ASN A CA  1 
ATOM   456 C  C   . ASN A 1 85  ? 21.537  -0.473  -7.564  1.00 40.37 ? 174 ASN A C   1 
ATOM   457 O  O   . ASN A 1 85  ? 20.999  -0.212  -6.488  1.00 39.49 ? 174 ASN A O   1 
ATOM   458 C  CB  . ASN A 1 85  ? 23.926  -1.255  -7.564  1.00 43.07 ? 174 ASN A CB  1 
ATOM   459 C  CG  . ASN A 1 85  ? 24.843  -2.462  -7.321  1.00 46.51 ? 174 ASN A CG  1 
ATOM   460 O  OD1 . ASN A 1 85  ? 24.382  -3.621  -7.249  1.00 47.47 ? 174 ASN A OD1 1 
ATOM   461 N  ND2 . ASN A 1 85  ? 26.146  -2.197  -7.193  1.00 48.72 ? 174 ASN A ND2 1 
ATOM   462 N  N   . PHE A 1 86  ? 21.348  0.249   -8.656  1.00 38.36 ? 175 PHE A N   1 
ATOM   463 C  CA  . PHE A 1 86  ? 20.494  1.422   -8.654  1.00 36.69 ? 175 PHE A CA  1 
ATOM   464 C  C   . PHE A 1 86  ? 19.133  0.992   -8.156  1.00 35.19 ? 175 PHE A C   1 
ATOM   465 O  O   . PHE A 1 86  ? 18.541  1.604   -7.272  1.00 33.50 ? 175 PHE A O   1 
ATOM   466 C  CB  . PHE A 1 86  ? 20.364  1.983   -10.088 1.00 36.12 ? 175 PHE A CB  1 
ATOM   467 C  CG  . PHE A 1 86  ? 19.494  3.203   -10.183 1.00 35.30 ? 175 PHE A CG  1 
ATOM   468 C  CD1 . PHE A 1 86  ? 20.046  4.470   -10.075 1.00 34.37 ? 175 PHE A CD1 1 
ATOM   469 C  CD2 . PHE A 1 86  ? 18.114  3.082   -10.375 1.00 35.15 ? 175 PHE A CD2 1 
ATOM   470 C  CE1 . PHE A 1 86  ? 19.243  5.600   -10.169 1.00 35.65 ? 175 PHE A CE1 1 
ATOM   471 C  CE2 . PHE A 1 86  ? 17.306  4.202   -10.474 1.00 34.62 ? 175 PHE A CE2 1 
ATOM   472 C  CZ  . PHE A 1 86  ? 17.871  5.463   -10.373 1.00 35.25 ? 175 PHE A CZ  1 
ATOM   473 N  N   . VAL A 1 87  ? 18.650  -0.069  -8.785  1.00 34.36 ? 176 VAL A N   1 
ATOM   474 C  CA  . VAL A 1 87  ? 17.333  -0.604  -8.553  1.00 33.59 ? 176 VAL A CA  1 
ATOM   475 C  C   . VAL A 1 87  ? 17.143  -1.310  -7.210  1.00 34.21 ? 176 VAL A C   1 
ATOM   476 O  O   . VAL A 1 87  ? 16.017  -1.437  -6.723  1.00 34.29 ? 176 VAL A O   1 
ATOM   477 C  CB  . VAL A 1 87  ? 17.000  -1.573  -9.666  1.00 33.80 ? 176 VAL A CB  1 
ATOM   478 C  CG1 . VAL A 1 87  ? 15.784  -2.450  -9.281  1.00 32.43 ? 176 VAL A CG1 1 
ATOM   479 C  CG2 . VAL A 1 87  ? 16.779  -0.781  -10.956 1.00 32.98 ? 176 VAL A CG2 1 
ATOM   480 N  N   . HIS A 1 88  ? 18.233  -1.783  -6.619  1.00 33.98 ? 177 HIS A N   1 
ATOM   481 C  CA  . HIS A 1 88  ? 18.191  -2.363  -5.296  1.00 34.16 ? 177 HIS A CA  1 
ATOM   482 C  C   . HIS A 1 88  ? 17.911  -1.289  -4.251  1.00 34.25 ? 177 HIS A C   1 
ATOM   483 O  O   . HIS A 1 88  ? 17.030  -1.442  -3.406  1.00 34.17 ? 177 HIS A O   1 
ATOM   484 C  CB  . HIS A 1 88  ? 19.533  -3.024  -4.990  1.00 34.58 ? 177 HIS A CB  1 
ATOM   485 C  CG  . HIS A 1 88  ? 19.695  -3.437  -3.564  1.00 35.39 ? 177 HIS A CG  1 
ATOM   486 N  ND1 . HIS A 1 88  ? 19.243  -4.650  -3.083  1.00 35.08 ? 177 HIS A ND1 1 
ATOM   487 C  CD2 . HIS A 1 88  ? 20.264  -2.797  -2.511  1.00 36.08 ? 177 HIS A CD2 1 
ATOM   488 C  CE1 . HIS A 1 88  ? 19.520  -4.735  -1.795  1.00 37.18 ? 177 HIS A CE1 1 
ATOM   489 N  NE2 . HIS A 1 88  ? 20.140  -3.625  -1.422  1.00 37.47 ? 177 HIS A NE2 1 
ATOM   490 N  N   . ASP A 1 89  ? 18.677  -0.207  -4.283  1.00 34.07 ? 178 ASP A N   1 
ATOM   491 C  CA  . ASP A 1 89  ? 18.470  0.855   -3.318  1.00 34.17 ? 178 ASP A CA  1 
ATOM   492 C  C   . ASP A 1 89  ? 17.080  1.503   -3.511  1.00 34.73 ? 178 ASP A C   1 
ATOM   493 O  O   . ASP A 1 89  ? 16.382  1.843   -2.555  1.00 34.71 ? 178 ASP A O   1 
ATOM   494 C  CB  . ASP A 1 89  ? 19.553  1.928   -3.489  1.00 34.25 ? 178 ASP A CB  1 
ATOM   495 C  CG  . ASP A 1 89  ? 20.933  1.422   -3.188  1.00 34.19 ? 178 ASP A CG  1 
ATOM   496 O  OD1 . ASP A 1 89  ? 21.032  0.382   -2.523  1.00 35.15 ? 178 ASP A OD1 1 
ATOM   497 O  OD2 . ASP A 1 89  ? 21.928  2.060   -3.609  1.00 34.92 ? 178 ASP A OD2 1 
ATOM   498 N  N   . CYS A 1 90  ? 16.689  1.678   -4.768  1.00 34.62 ? 179 CYS A N   1 
ATOM   499 C  CA  . CYS A 1 90  ? 15.480  2.381   -5.091  1.00 34.04 ? 179 CYS A CA  1 
ATOM   500 C  C   . CYS A 1 90  ? 14.273  1.571   -4.603  1.00 33.56 ? 179 CYS A C   1 
ATOM   501 O  O   . CYS A 1 90  ? 13.360  2.087   -3.977  1.00 32.91 ? 179 CYS A O   1 
ATOM   502 C  CB  . CYS A 1 90  ? 15.445  2.608   -6.606  1.00 34.27 ? 179 CYS A CB  1 
ATOM   503 S  SG  . CYS A 1 90  ? 13.871  3.248   -7.178  1.00 37.55 ? 179 CYS A SG  1 
ATOM   504 N  N   . VAL A 1 91  ? 14.267  0.280   -4.866  1.00 33.17 ? 180 VAL A N   1 
ATOM   505 C  CA  . VAL A 1 91  ? 13.137  -0.505  -4.444  1.00 33.04 ? 180 VAL A CA  1 
ATOM   506 C  C   . VAL A 1 91  ? 13.050  -0.587  -2.927  1.00 33.39 ? 180 VAL A C   1 
ATOM   507 O  O   . VAL A 1 91  ? 11.979  -0.501  -2.350  1.00 33.87 ? 180 VAL A O   1 
ATOM   508 C  CB  . VAL A 1 91  ? 13.231  -1.941  -4.945  1.00 32.93 ? 180 VAL A CB  1 
ATOM   509 C  CG1 . VAL A 1 91  ? 12.072  -2.753  -4.357  1.00 33.13 ? 180 VAL A CG1 1 
ATOM   510 C  CG2 . VAL A 1 91  ? 13.194  -1.970  -6.448  1.00 31.97 ? 180 VAL A CG2 1 
ATOM   511 N  N   . ASN A 1 92  ? 14.180  -0.772  -2.273  1.00 33.66 ? 181 ASN A N   1 
ATOM   512 C  CA  . ASN A 1 92  ? 14.193  -0.917  -0.826  1.00 33.79 ? 181 ASN A CA  1 
ATOM   513 C  C   . ASN A 1 92  ? 13.732  0.303   -0.094  1.00 33.46 ? 181 ASN A C   1 
ATOM   514 O  O   . ASN A 1 92  ? 12.955  0.220   0.849   1.00 33.98 ? 181 ASN A O   1 
ATOM   515 C  CB  . ASN A 1 92  ? 15.603  -1.217  -0.368  1.00 33.80 ? 181 ASN A CB  1 
ATOM   516 C  CG  . ASN A 1 92  ? 15.905  -2.664  -0.440  1.00 35.42 ? 181 ASN A CG  1 
ATOM   517 O  OD1 . ASN A 1 92  ? 15.096  -3.487  -0.031  1.00 35.32 ? 181 ASN A OD1 1 
ATOM   518 N  ND2 . ASN A 1 92  ? 17.080  -3.003  -0.954  1.00 40.00 ? 181 ASN A ND2 1 
ATOM   519 N  N   . ILE A 1 93  ? 14.251  1.444   -0.498  1.00 33.05 ? 182 ILE A N   1 
ATOM   520 C  CA  . ILE A 1 93  ? 14.018  2.660   0.246   1.00 33.01 ? 182 ILE A CA  1 
ATOM   521 C  C   . ILE A 1 93  ? 12.646  3.210   -0.112  1.00 32.75 ? 182 ILE A C   1 
ATOM   522 O  O   . ILE A 1 93  ? 11.962  3.767   0.721   1.00 32.54 ? 182 ILE A O   1 
ATOM   523 C  CB  . ILE A 1 93  ? 15.112  3.690   -0.042  1.00 33.11 ? 182 ILE A CB  1 
ATOM   524 C  CG1 . ILE A 1 93  ? 16.276  3.499   0.951   1.00 35.21 ? 182 ILE A CG1 1 
ATOM   525 C  CG2 . ILE A 1 93  ? 14.580  5.072   0.168   1.00 33.72 ? 182 ILE A CG2 1 
ATOM   526 C  CD1 . ILE A 1 93  ? 15.962  3.994   2.435   1.00 31.85 ? 182 ILE A CD1 1 
ATOM   527 N  N   . THR A 1 94  ? 12.229  2.995   -1.348  1.00 32.47 ? 183 THR A N   1 
ATOM   528 C  CA  . THR A 1 94  ? 10.931  3.466   -1.787  1.00 32.27 ? 183 THR A CA  1 
ATOM   529 C  C   . THR A 1 94  ? 9.828   2.787   -1.007  1.00 32.78 ? 183 THR A C   1 
ATOM   530 O  O   . THR A 1 94  ? 8.834   3.411   -0.627  1.00 32.33 ? 183 THR A O   1 
ATOM   531 C  CB  . THR A 1 94  ? 10.724  3.186   -3.279  1.00 32.25 ? 183 THR A CB  1 
ATOM   532 O  OG1 . THR A 1 94  ? 11.623  4.010   -4.021  1.00 28.85 ? 183 THR A OG1 1 
ATOM   533 C  CG2 . THR A 1 94  ? 9.284   3.531   -3.675  1.00 32.19 ? 183 THR A CG2 1 
ATOM   534 N  N   . ILE A 1 95  ? 10.005  1.495   -0.764  1.00 33.03 ? 184 ILE A N   1 
ATOM   535 C  CA  . ILE A 1 95  ? 8.991   0.739   -0.058  1.00 32.67 ? 184 ILE A CA  1 
ATOM   536 C  C   . ILE A 1 95  ? 9.055   1.010   1.417   1.00 32.91 ? 184 ILE A C   1 
ATOM   537 O  O   . ILE A 1 95  ? 8.045   1.138   2.067   1.00 32.81 ? 184 ILE A O   1 
ATOM   538 C  CB  . ILE A 1 95  ? 9.145   -0.747  -0.297  1.00 33.16 ? 184 ILE A CB  1 
ATOM   539 C  CG1 . ILE A 1 95  ? 8.787   -1.084  -1.747  1.00 31.62 ? 184 ILE A CG1 1 
ATOM   540 C  CG2 . ILE A 1 95  ? 8.278   -1.510  0.663   1.00 33.52 ? 184 ILE A CG2 1 
ATOM   541 C  CD1 . ILE A 1 95  ? 8.851   -2.587  -2.089  1.00 30.91 ? 184 ILE A CD1 1 
ATOM   542 N  N   . LYS A 1 96  ? 10.245  1.140   1.968   1.00 33.91 ? 185 LYS A N   1 
ATOM   543 C  CA  . LYS A 1 96  ? 10.325  1.494   3.374   1.00 34.60 ? 185 LYS A CA  1 
ATOM   544 C  C   . LYS A 1 96  ? 9.654   2.818   3.598   1.00 35.39 ? 185 LYS A C   1 
ATOM   545 O  O   . LYS A 1 96  ? 8.834   2.975   4.491   1.00 35.39 ? 185 LYS A O   1 
ATOM   546 C  CB  . LYS A 1 96  ? 11.766  1.574   3.829   1.00 34.58 ? 185 LYS A CB  1 
ATOM   547 C  CG  . LYS A 1 96  ? 12.345  0.225   4.170   1.00 35.66 ? 185 LYS A CG  1 
ATOM   548 C  CD  . LYS A 1 96  ? 13.813  0.339   4.545   1.00 38.38 ? 185 LYS A CD  1 
ATOM   549 C  CE  . LYS A 1 96  ? 14.201  -0.822  5.415   1.00 39.73 ? 185 LYS A CE  1 
ATOM   550 N  NZ  . LYS A 1 96  ? 14.233  -2.071  4.611   1.00 38.79 ? 185 LYS A NZ  1 
ATOM   551 N  N   . GLN A 1 97  ? 10.016  3.792   2.783   1.00 36.84 ? 186 GLN A N   1 
ATOM   552 C  CA  . GLN A 1 97  ? 9.451   5.120   2.912   1.00 38.11 ? 186 GLN A CA  1 
ATOM   553 C  C   . GLN A 1 97  ? 7.932   5.130   2.718   1.00 38.89 ? 186 GLN A C   1 
ATOM   554 O  O   . GLN A 1 97  ? 7.205   5.844   3.407   1.00 39.31 ? 186 GLN A O   1 
ATOM   555 C  CB  . GLN A 1 97  ? 10.113  6.030   1.895   1.00 38.35 ? 186 GLN A CB  1 
ATOM   556 C  CG  . GLN A 1 97  ? 9.608   7.450   1.934   1.00 41.44 ? 186 GLN A CG  1 
ATOM   557 C  CD  . GLN A 1 97  ? 9.911   8.102   3.239   1.00 44.55 ? 186 GLN A CD  1 
ATOM   558 O  OE1 . GLN A 1 97  ? 10.828  7.694   3.958   1.00 47.60 ? 186 GLN A OE1 1 
ATOM   559 N  NE2 . GLN A 1 97  ? 9.142   9.116   3.570   1.00 46.75 ? 186 GLN A NE2 1 
ATOM   560 N  N   . HIS A 1 98  ? 7.443   4.354   1.768   1.00 39.87 ? 187 HIS A N   1 
ATOM   561 C  CA  . HIS A 1 98  ? 6.022   4.280   1.560   1.00 41.32 ? 187 HIS A CA  1 
ATOM   562 C  C   . HIS A 1 98  ? 5.319   3.648   2.750   1.00 42.86 ? 187 HIS A C   1 
ATOM   563 O  O   . HIS A 1 98  ? 4.233   4.066   3.144   1.00 43.75 ? 187 HIS A O   1 
ATOM   564 C  CB  . HIS A 1 98  ? 5.719   3.471   0.323   1.00 41.07 ? 187 HIS A CB  1 
ATOM   565 C  CG  . HIS A 1 98  ? 4.316   3.633   -0.172  1.00 41.37 ? 187 HIS A CG  1 
ATOM   566 N  ND1 . HIS A 1 98  ? 3.830   4.832   -0.657  1.00 40.03 ? 187 HIS A ND1 1 
ATOM   567 C  CD2 . HIS A 1 98  ? 3.301   2.741   -0.283  1.00 41.16 ? 187 HIS A CD2 1 
ATOM   568 C  CE1 . HIS A 1 98  ? 2.582   4.669   -1.050  1.00 38.82 ? 187 HIS A CE1 1 
ATOM   569 N  NE2 . HIS A 1 98  ? 2.236   3.411   -0.832  1.00 41.21 ? 187 HIS A NE2 1 
ATOM   570 N  N   . THR A 1 99  ? 5.931   2.633   3.328   1.00 44.41 ? 188 THR A N   1 
ATOM   571 C  CA  . THR A 1 99  ? 5.415   2.029   4.547   1.00 45.62 ? 188 THR A CA  1 
ATOM   572 C  C   . THR A 1 99  ? 5.266   2.967   5.752   1.00 46.82 ? 188 THR A C   1 
ATOM   573 O  O   . THR A 1 99  ? 4.252   2.907   6.447   1.00 47.32 ? 188 THR A O   1 
ATOM   574 C  CB  . THR A 1 99  ? 6.297   0.886   4.945   1.00 45.40 ? 188 THR A CB  1 
ATOM   575 O  OG1 . THR A 1 99  ? 6.012   -0.217  4.083   1.00 45.96 ? 188 THR A OG1 1 
ATOM   576 C  CG2 . THR A 1 99  ? 6.048   0.508   6.382   1.00 46.16 ? 188 THR A CG2 1 
ATOM   577 N  N   . VAL A 1 100 ? 6.254   3.817   6.031   1.00 48.21 ? 189 VAL A N   1 
ATOM   578 C  CA  . VAL A 1 100 ? 6.140   4.688   7.218   1.00 50.16 ? 189 VAL A CA  1 
ATOM   579 C  C   . VAL A 1 100 ? 5.101   5.798   7.068   1.00 51.98 ? 189 VAL A C   1 
ATOM   580 O  O   . VAL A 1 100 ? 4.693   6.408   8.057   1.00 52.72 ? 189 VAL A O   1 
ATOM   581 C  CB  . VAL A 1 100 ? 7.487   5.357   7.664   1.00 49.78 ? 189 VAL A CB  1 
ATOM   582 C  CG1 . VAL A 1 100 ? 8.511   4.315   8.045   1.00 49.80 ? 189 VAL A CG1 1 
ATOM   583 C  CG2 . VAL A 1 100 ? 8.020   6.295   6.604   1.00 48.38 ? 189 VAL A CG2 1 
ATOM   584 N  N   . THR A 1 101 ? 4.697   6.077   5.833   1.00 54.03 ? 190 THR A N   1 
ATOM   585 C  CA  . THR A 1 101 ? 3.730   7.133   5.551   1.00 56.30 ? 190 THR A CA  1 
ATOM   586 C  C   . THR A 1 101 ? 2.354   6.949   6.215   1.00 57.66 ? 190 THR A C   1 
ATOM   587 O  O   . THR A 1 101 ? 1.676   5.926   6.021   1.00 57.63 ? 190 THR A O   1 
ATOM   588 C  CB  . THR A 1 101 ? 3.501   7.278   4.052   1.00 56.30 ? 190 THR A CB  1 
ATOM   589 O  OG1 . THR A 1 101 ? 4.695   7.775   3.436   1.00 56.78 ? 190 THR A OG1 1 
ATOM   590 C  CG2 . THR A 1 101 ? 2.346   8.238   3.799   1.00 56.79 ? 190 THR A CG2 1 
ATOM   591 N  N   . THR A 1 102 ? 1.955   7.969   6.978   1.00 59.48 ? 191 THR A N   1 
ATOM   592 C  CA  . THR A 1 102 ? 0.640   8.045   7.634   1.00 61.16 ? 191 THR A CA  1 
ATOM   593 C  C   . THR A 1 102 ? -0.489  8.153   6.611   1.00 62.00 ? 191 THR A C   1 
ATOM   594 O  O   . THR A 1 102 ? -0.299  8.703   5.516   1.00 62.16 ? 191 THR A O   1 
ATOM   595 C  CB  . THR A 1 102 ? 0.546   9.302   8.555   1.00 61.25 ? 191 THR A CB  1 
ATOM   596 O  OG1 . THR A 1 102 ? 1.865   9.753   8.887   1.00 62.51 ? 191 THR A OG1 1 
ATOM   597 C  CG2 . THR A 1 102 ? -0.265  9.022   9.846   1.00 61.17 ? 191 THR A CG2 1 
ATOM   598 N  N   . THR A 1 103 ? -1.659  7.634   6.983   1.00 63.16 ? 192 THR A N   1 
ATOM   599 C  CA  . THR A 1 103 ? -2.898  7.832   6.237   1.00 64.28 ? 192 THR A CA  1 
ATOM   600 C  C   . THR A 1 103 ? -4.070  7.497   7.161   1.00 64.94 ? 192 THR A C   1 
ATOM   601 O  O   . THR A 1 103 ? -3.862  6.944   8.237   1.00 65.13 ? 192 THR A O   1 
ATOM   602 C  CB  . THR A 1 103 ? -2.938  6.934   4.973   1.00 64.47 ? 192 THR A CB  1 
ATOM   603 O  OG1 . THR A 1 103 ? -3.952  7.401   4.058   1.00 65.15 ? 192 THR A OG1 1 
ATOM   604 C  CG2 . THR A 1 103 ? -3.184  5.476   5.350   1.00 63.84 ? 192 THR A CG2 1 
ATOM   605 N  N   . THR A 1 104 ? -5.296  7.830   6.759   1.00 65.88 ? 193 THR A N   1 
ATOM   606 C  CA  . THR A 1 104 ? -6.492  7.356   7.487   1.00 66.74 ? 193 THR A CA  1 
ATOM   607 C  C   . THR A 1 104 ? -6.860  5.944   7.035   1.00 67.44 ? 193 THR A C   1 
ATOM   608 O  O   . THR A 1 104 ? -6.625  5.578   5.875   1.00 67.69 ? 193 THR A O   1 
ATOM   609 C  CB  . THR A 1 104 ? -7.718  8.282   7.298   1.00 66.59 ? 193 THR A CB  1 
ATOM   610 O  OG1 . THR A 1 104 ? -7.998  8.447   5.898   1.00 66.18 ? 193 THR A OG1 1 
ATOM   611 C  CG2 . THR A 1 104 ? -7.452  9.638   7.933   1.00 66.32 ? 193 THR A CG2 1 
ATOM   612 N  N   . LYS A 1 105 ? -7.409  5.137   7.944   1.00 67.94 ? 194 LYS A N   1 
ATOM   613 C  CA  . LYS A 1 105 ? -7.804  3.785   7.563   1.00 68.31 ? 194 LYS A CA  1 
ATOM   614 C  C   . LYS A 1 105 ? -8.779  3.880   6.396   1.00 68.37 ? 194 LYS A C   1 
ATOM   615 O  O   . LYS A 1 105 ? -8.706  3.084   5.463   1.00 69.04 ? 194 LYS A O   1 
ATOM   616 C  CB  . LYS A 1 105 ? -8.430  3.022   8.729   1.00 68.28 ? 194 LYS A CB  1 
ATOM   617 C  CG  . LYS A 1 105 ? -7.472  2.719   9.866   1.00 69.29 ? 194 LYS A CG  1 
ATOM   618 C  CD  . LYS A 1 105 ? -8.206  2.035   11.020  1.00 70.80 ? 194 LYS A CD  1 
ATOM   619 C  CE  . LYS A 1 105 ? -7.278  1.646   12.183  1.00 71.61 ? 194 LYS A CE  1 
ATOM   620 N  NZ  . LYS A 1 105 ? -6.528  0.348   11.995  1.00 71.92 ? 194 LYS A NZ  1 
ATOM   621 N  N   . GLY A 1 106 ? -9.669  4.873   6.438   1.00 68.00 ? 195 GLY A N   1 
ATOM   622 C  CA  . GLY A 1 106 ? -10.672 5.082   5.388   1.00 67.29 ? 195 GLY A CA  1 
ATOM   623 C  C   . GLY A 1 106 ? -10.106 5.424   4.024   1.00 66.82 ? 195 GLY A C   1 
ATOM   624 O  O   . GLY A 1 106 ? -10.689 5.080   3.003   1.00 66.43 ? 195 GLY A O   1 
ATOM   625 N  N   . GLU A 1 107 ? -8.973  6.120   4.017   1.00 67.05 ? 196 GLU A N   1 
ATOM   626 C  CA  . GLU A 1 107 ? -8.189  6.378   2.796   1.00 67.31 ? 196 GLU A CA  1 
ATOM   627 C  C   . GLU A 1 107 ? -7.871  5.093   2.001   1.00 66.62 ? 196 GLU A C   1 
ATOM   628 O  O   . GLU A 1 107 ? -7.955  5.071   0.762   1.00 66.26 ? 196 GLU A O   1 
ATOM   629 C  CB  . GLU A 1 107 ? -6.863  7.053   3.183   1.00 67.70 ? 196 GLU A CB  1 
ATOM   630 C  CG  . GLU A 1 107 ? -5.999  7.492   2.009   1.00 69.89 ? 196 GLU A CG  1 
ATOM   631 C  CD  . GLU A 1 107 ? -6.309  8.915   1.590   1.00 73.56 ? 196 GLU A CD  1 
ATOM   632 O  OE1 . GLU A 1 107 ? -6.771  9.126   0.437   1.00 73.98 ? 196 GLU A OE1 1 
ATOM   633 O  OE2 . GLU A 1 107 ? -6.114  9.821   2.440   1.00 75.01 ? 196 GLU A OE2 1 
ATOM   634 N  N   . ASN A 1 108 ? -7.490  4.042   2.740   1.00 65.66 ? 197 ASN A N   1 
ATOM   635 C  CA  . ASN A 1 108 ? -7.099  2.741   2.188   1.00 64.76 ? 197 ASN A CA  1 
ATOM   636 C  C   . ASN A 1 108 ? -8.221  1.873   1.642   1.00 63.32 ? 197 ASN A C   1 
ATOM   637 O  O   . ASN A 1 108 ? -8.029  1.176   0.646   1.00 63.91 ? 197 ASN A O   1 
ATOM   638 C  CB  . ASN A 1 108 ? -6.358  1.922   3.242   1.00 65.35 ? 197 ASN A CB  1 
ATOM   639 C  CG  . ASN A 1 108 ? -4.938  2.377   3.420   1.00 67.50 ? 197 ASN A CG  1 
ATOM   640 O  OD1 . ASN A 1 108 ? -4.000  1.788   2.845   1.00 68.57 ? 197 ASN A OD1 1 
ATOM   641 N  ND2 . ASN A 1 108 ? -4.757  3.453   4.200   1.00 68.73 ? 197 ASN A ND2 1 
ATOM   642 N  N   . PHE A 1 109 ? -9.377  1.901   2.298   1.00 60.90 ? 198 PHE A N   1 
ATOM   643 C  CA  . PHE A 1 109 ? -10.483 1.011   1.953   1.00 58.75 ? 198 PHE A CA  1 
ATOM   644 C  C   . PHE A 1 109 ? -10.998 1.183   0.535   1.00 57.49 ? 198 PHE A C   1 
ATOM   645 O  O   . PHE A 1 109 ? -10.929 2.258   -0.046  1.00 57.48 ? 198 PHE A O   1 
ATOM   646 C  CB  . PHE A 1 109 ? -11.635 1.127   2.961   1.00 58.45 ? 198 PHE A CB  1 
ATOM   647 C  CG  . PHE A 1 109 ? -11.237 0.778   4.351   1.00 58.10 ? 198 PHE A CG  1 
ATOM   648 C  CD1 . PHE A 1 109 ? -11.574 1.593   5.409   1.00 59.63 ? 198 PHE A CD1 1 
ATOM   649 C  CD2 . PHE A 1 109 ? -10.487 -0.352  4.599   1.00 59.23 ? 198 PHE A CD2 1 
ATOM   650 C  CE1 . PHE A 1 109 ? -11.185 1.272   6.696   1.00 59.52 ? 198 PHE A CE1 1 
ATOM   651 C  CE2 . PHE A 1 109 ? -10.098 -0.687  5.879   1.00 59.67 ? 198 PHE A CE2 1 
ATOM   652 C  CZ  . PHE A 1 109 ? -10.444 0.125   6.926   1.00 60.21 ? 198 PHE A CZ  1 
ATOM   653 N  N   . THR A 1 110 ? -11.523 0.091   0.003   1.00 55.76 ? 199 THR A N   1 
ATOM   654 C  CA  . THR A 1 110 ? -12.063 0.045   -1.324  1.00 53.81 ? 199 THR A CA  1 
ATOM   655 C  C   . THR A 1 110 ? -13.520 -0.374  -1.205  1.00 53.53 ? 199 THR A C   1 
ATOM   656 O  O   . THR A 1 110 ? -13.998 -0.728  -0.123  1.00 53.57 ? 199 THR A O   1 
ATOM   657 C  CB  . THR A 1 110 ? -11.278 -0.984  -2.193  1.00 53.58 ? 199 THR A CB  1 
ATOM   658 O  OG1 . THR A 1 110 ? -11.521 -2.314  -1.729  1.00 51.85 ? 199 THR A OG1 1 
ATOM   659 C  CG2 . THR A 1 110 ? -9.783  -0.724  -2.099  1.00 53.36 ? 199 THR A CG2 1 
ATOM   660 N  N   . GLU A 1 111 ? -14.231 -0.317  -2.320  1.00 52.67 ? 200 GLU A N   1 
ATOM   661 C  CA  . GLU A 1 111 ? -15.546 -0.909  -2.416  1.00 51.90 ? 200 GLU A CA  1 
ATOM   662 C  C   . GLU A 1 111 ? -15.575 -2.264  -1.675  1.00 49.83 ? 200 GLU A C   1 
ATOM   663 O  O   . GLU A 1 111 ? -16.480 -2.529  -0.879  1.00 50.15 ? 200 GLU A O   1 
ATOM   664 C  CB  . GLU A 1 111 ? -15.887 -1.093  -3.899  1.00 52.74 ? 200 GLU A CB  1 
ATOM   665 C  CG  . GLU A 1 111 ? -17.373 -0.915  -4.287  1.00 57.58 ? 200 GLU A CG  1 
ATOM   666 C  CD  . GLU A 1 111 ? -17.621 -1.104  -5.810  1.00 62.52 ? 200 GLU A CD  1 
ATOM   667 O  OE1 . GLU A 1 111 ? -18.396 -2.028  -6.185  1.00 64.09 ? 200 GLU A OE1 1 
ATOM   668 O  OE2 . GLU A 1 111 ? -17.028 -0.342  -6.624  1.00 63.82 ? 200 GLU A OE2 1 
ATOM   669 N  N   . THR A 1 112 ? -14.595 -3.127  -1.929  1.00 47.58 ? 201 THR A N   1 
ATOM   670 C  CA  . THR A 1 112 ? -14.588 -4.470  -1.304  1.00 45.27 ? 201 THR A CA  1 
ATOM   671 C  C   . THR A 1 112 ? -14.497 -4.397  0.224   1.00 43.92 ? 201 THR A C   1 
ATOM   672 O  O   . THR A 1 112 ? -15.283 -4.999  0.931   1.00 43.11 ? 201 THR A O   1 
ATOM   673 C  CB  . THR A 1 112 ? -13.456 -5.352  -1.881  1.00 44.96 ? 201 THR A CB  1 
ATOM   674 O  OG1 . THR A 1 112 ? -13.576 -5.357  -3.297  1.00 43.14 ? 201 THR A OG1 1 
ATOM   675 C  CG2 . THR A 1 112 ? -13.554 -6.775  -1.394  1.00 43.24 ? 201 THR A CG2 1 
ATOM   676 N  N   . ASP A 1 113 ? -13.526 -3.645  0.720   1.00 43.18 ? 202 ASP A N   1 
ATOM   677 C  CA  . ASP A 1 113 ? -13.402 -3.433  2.141   1.00 42.32 ? 202 ASP A CA  1 
ATOM   678 C  C   . ASP A 1 113 ? -14.713 -2.921  2.674   1.00 41.69 ? 202 ASP A C   1 
ATOM   679 O  O   . ASP A 1 113 ? -15.195 -3.383  3.694   1.00 41.41 ? 202 ASP A O   1 
ATOM   680 C  CB  . ASP A 1 113 ? -12.309 -2.425  2.446   1.00 41.75 ? 202 ASP A CB  1 
ATOM   681 C  CG  . ASP A 1 113 ? -10.951 -2.897  1.998   1.00 42.75 ? 202 ASP A CG  1 
ATOM   682 O  OD1 . ASP A 1 113 ? -10.596 -4.074  2.233   1.00 42.34 ? 202 ASP A OD1 1 
ATOM   683 O  OD2 . ASP A 1 113 ? -10.220 -2.072  1.414   1.00 44.32 ? 202 ASP A OD2 1 
ATOM   684 N  N   . VAL A 1 114 ? -15.299 -1.966  1.977   1.00 41.72 ? 203 VAL A N   1 
ATOM   685 C  CA  . VAL A 1 114 ? -16.514 -1.350  2.482   1.00 41.84 ? 203 VAL A CA  1 
ATOM   686 C  C   . VAL A 1 114 ? -17.636 -2.370  2.582   1.00 42.16 ? 203 VAL A C   1 
ATOM   687 O  O   . VAL A 1 114 ? -18.330 -2.465  3.597   1.00 41.88 ? 203 VAL A O   1 
ATOM   688 C  CB  . VAL A 1 114 ? -16.944 -0.133  1.626   1.00 41.98 ? 203 VAL A CB  1 
ATOM   689 C  CG1 . VAL A 1 114 ? -18.323 0.388   2.071   1.00 41.09 ? 203 VAL A CG1 1 
ATOM   690 C  CG2 . VAL A 1 114 ? -15.906 0.967   1.736   1.00 41.94 ? 203 VAL A CG2 1 
ATOM   691 N  N   . LYS A 1 115 ? -17.821 -3.136  1.526   1.00 42.95 ? 204 LYS A N   1 
ATOM   692 C  CA  . LYS A 1 115 ? -18.838 -4.170  1.565   1.00 44.44 ? 204 LYS A CA  1 
ATOM   693 C  C   . LYS A 1 115 ? -18.508 -5.132  2.718   1.00 44.13 ? 204 LYS A C   1 
ATOM   694 O  O   . LYS A 1 115 ? -19.393 -5.633  3.422   1.00 45.00 ? 204 LYS A O   1 
ATOM   695 C  CB  . LYS A 1 115 ? -18.923 -4.878  0.191   1.00 45.08 ? 204 LYS A CB  1 
ATOM   696 C  CG  . LYS A 1 115 ? -19.924 -6.077  0.063   1.00 49.49 ? 204 LYS A CG  1 
ATOM   697 C  CD  . LYS A 1 115 ? -19.212 -7.472  -0.130  1.00 54.81 ? 204 LYS A CD  1 
ATOM   698 C  CE  . LYS A 1 115 ? -20.209 -8.627  -0.398  1.00 55.69 ? 204 LYS A CE  1 
ATOM   699 N  NZ  . LYS A 1 115 ? -21.245 -8.776  0.687   1.00 57.16 ? 204 LYS A NZ  1 
ATOM   700 N  N   . MET A 1 116 ? -17.234 -5.371  2.953   1.00 43.46 ? 205 MET A N   1 
ATOM   701 C  CA  . MET A 1 116 ? -16.900 -6.380  3.943   1.00 43.05 ? 205 MET A CA  1 
ATOM   702 C  C   . MET A 1 116 ? -17.053 -5.933  5.385   1.00 42.39 ? 205 MET A C   1 
ATOM   703 O  O   . MET A 1 116 ? -17.399 -6.716  6.266   1.00 41.26 ? 205 MET A O   1 
ATOM   704 C  CB  . MET A 1 116 ? -15.517 -6.937  3.688   1.00 43.48 ? 205 MET A CB  1 
ATOM   705 C  CG  . MET A 1 116 ? -15.655 -8.253  3.016   1.00 44.68 ? 205 MET A CG  1 
ATOM   706 S  SD  . MET A 1 116 ? -14.128 -8.700  2.299   1.00 49.02 ? 205 MET A SD  1 
ATOM   707 C  CE  . MET A 1 116 ? -14.730 -9.901  1.093   1.00 47.31 ? 205 MET A CE  1 
ATOM   708 N  N   . MET A 1 117 ? -16.802 -4.658  5.617   1.00 42.23 ? 206 MET A N   1 
ATOM   709 C  CA  . MET A 1 117 ? -17.030 -4.098  6.917   1.00 41.86 ? 206 MET A CA  1 
ATOM   710 C  C   . MET A 1 117 ? -18.513 -3.995  7.248   1.00 41.85 ? 206 MET A C   1 
ATOM   711 O  O   . MET A 1 117 ? -18.912 -4.170  8.380   1.00 41.52 ? 206 MET A O   1 
ATOM   712 C  CB  . MET A 1 117 ? -16.354 -2.755  6.997   1.00 41.57 ? 206 MET A CB  1 
ATOM   713 C  CG  . MET A 1 117 ? -14.969 -2.911  7.434   1.00 41.18 ? 206 MET A CG  1 
ATOM   714 S  SD  . MET A 1 117 ? -14.380 -1.333  7.886   1.00 42.70 ? 206 MET A SD  1 
ATOM   715 C  CE  . MET A 1 117 ? -15.053 -0.413  6.501   1.00 42.69 ? 206 MET A CE  1 
ATOM   716 N  N   . GLU A 1 118 ? -19.333 -3.745  6.255   1.00 41.99 ? 207 GLU A N   1 
ATOM   717 C  CA  . GLU A 1 118 ? -20.721 -3.590  6.545   1.00 43.47 ? 207 GLU A CA  1 
ATOM   718 C  C   . GLU A 1 118 ? -21.302 -4.894  7.024   1.00 43.65 ? 207 GLU A C   1 
ATOM   719 O  O   . GLU A 1 118 ? -22.239 -4.898  7.822   1.00 44.21 ? 207 GLU A O   1 
ATOM   720 C  CB  . GLU A 1 118 ? -21.465 -3.043  5.332   1.00 43.68 ? 207 GLU A CB  1 
ATOM   721 C  CG  . GLU A 1 118 ? -20.844 -1.718  4.858   1.00 47.68 ? 207 GLU A CG  1 
ATOM   722 C  CD  . GLU A 1 118 ? -21.753 -0.872  3.971   1.00 51.96 ? 207 GLU A CD  1 
ATOM   723 O  OE1 . GLU A 1 118 ? -21.810 0.377   4.176   1.00 53.51 ? 207 GLU A OE1 1 
ATOM   724 O  OE2 . GLU A 1 118 ? -22.394 -1.458  3.069   1.00 53.00 ? 207 GLU A OE2 1 
ATOM   725 N  N   . ARG A 1 119 ? -20.757 -5.997  6.538   1.00 43.69 ? 208 ARG A N   1 
ATOM   726 C  CA  . ARG A 1 119 ? -21.241 -7.309  6.917   1.00 43.90 ? 208 ARG A CA  1 
ATOM   727 C  C   . ARG A 1 119 ? -20.724 -7.706  8.294   1.00 43.23 ? 208 ARG A C   1 
ATOM   728 O  O   . ARG A 1 119 ? -21.475 -8.178  9.146   1.00 42.81 ? 208 ARG A O   1 
ATOM   729 C  CB  . ARG A 1 119 ? -20.839 -8.364  5.873   1.00 44.82 ? 208 ARG A CB  1 
ATOM   730 C  CG  . ARG A 1 119 ? -21.811 -8.419  4.664   1.00 48.59 ? 208 ARG A CG  1 
ATOM   731 C  CD  . ARG A 1 119 ? -21.679 -9.686  3.789   1.00 53.64 ? 208 ARG A CD  1 
ATOM   732 N  NE  . ARG A 1 119 ? -22.014 -10.924 4.501   1.00 58.05 ? 208 ARG A NE  1 
ATOM   733 C  CZ  . ARG A 1 119 ? -22.135 -12.118 3.912   1.00 59.88 ? 208 ARG A CZ  1 
ATOM   734 N  NH1 . ARG A 1 119 ? -21.960 -12.226 2.607   1.00 61.56 ? 208 ARG A NH1 1 
ATOM   735 N  NH2 . ARG A 1 119 ? -22.424 -13.210 4.617   1.00 60.54 ? 208 ARG A NH2 1 
ATOM   736 N  N   . VAL A 1 120 ? -19.434 -7.522  8.513   1.00 42.57 ? 209 VAL A N   1 
ATOM   737 C  CA  . VAL A 1 120 ? -18.854 -7.966  9.768   1.00 42.20 ? 209 VAL A CA  1 
ATOM   738 C  C   . VAL A 1 120 ? -19.244 -7.026  10.904  1.00 41.66 ? 209 VAL A C   1 
ATOM   739 O  O   . VAL A 1 120 ? -19.589 -7.490  11.991  1.00 41.85 ? 209 VAL A O   1 
ATOM   740 C  CB  . VAL A 1 120 ? -17.301 -8.155  9.682   1.00 42.47 ? 209 VAL A CB  1 
ATOM   741 C  CG1 . VAL A 1 120 ? -16.642 -6.967  9.062   1.00 41.19 ? 209 VAL A CG1 1 
ATOM   742 C  CG2 . VAL A 1 120 ? -16.702 -8.418  11.067  1.00 44.06 ? 209 VAL A CG2 1 
ATOM   743 N  N   . VAL A 1 121 ? -19.221 -5.716  10.651  1.00 41.18 ? 210 VAL A N   1 
ATOM   744 C  CA  . VAL A 1 121 ? -19.663 -4.760  11.664  1.00 40.45 ? 210 VAL A CA  1 
ATOM   745 C  C   . VAL A 1 121 ? -21.139 -4.968  11.992  1.00 41.37 ? 210 VAL A C   1 
ATOM   746 O  O   . VAL A 1 121 ? -21.520 -4.791  13.145  1.00 42.11 ? 210 VAL A O   1 
ATOM   747 C  CB  . VAL A 1 121 ? -19.348 -3.275  11.338  1.00 40.11 ? 210 VAL A CB  1 
ATOM   748 C  CG1 . VAL A 1 121 ? -20.070 -2.371  12.292  1.00 39.13 ? 210 VAL A CG1 1 
ATOM   749 C  CG2 . VAL A 1 121 ? -17.870 -3.009  11.443  1.00 38.68 ? 210 VAL A CG2 1 
ATOM   750 N  N   . GLU A 1 122 ? -21.974 -5.369  11.026  1.00 41.75 ? 211 GLU A N   1 
ATOM   751 C  CA  . GLU A 1 122 ? -23.361 -5.738  11.383  1.00 41.80 ? 211 GLU A CA  1 
ATOM   752 C  C   . GLU A 1 122 ? -23.430 -6.940  12.330  1.00 41.36 ? 211 GLU A C   1 
ATOM   753 O  O   . GLU A 1 122 ? -24.098 -6.875  13.350  1.00 41.41 ? 211 GLU A O   1 
ATOM   754 C  CB  . GLU A 1 122 ? -24.261 -5.974  10.181  1.00 41.92 ? 211 GLU A CB  1 
ATOM   755 C  CG  . GLU A 1 122 ? -25.678 -6.421  10.578  1.00 44.57 ? 211 GLU A CG  1 
ATOM   756 C  CD  . GLU A 1 122 ? -26.649 -6.520  9.393   1.00 50.50 ? 211 GLU A CD  1 
ATOM   757 O  OE1 . GLU A 1 122 ? -27.107 -5.459  8.903   1.00 53.76 ? 211 GLU A OE1 1 
ATOM   758 O  OE2 . GLU A 1 122 ? -26.970 -7.651  8.957   1.00 51.20 ? 211 GLU A OE2 1 
ATOM   759 N  N   . GLN A 1 123 ? -22.751 -8.034  12.020  1.00 41.20 ? 212 GLN A N   1 
ATOM   760 C  CA  . GLN A 1 123 ? -22.715 -9.155  12.960  1.00 41.56 ? 212 GLN A CA  1 
ATOM   761 C  C   . GLN A 1 123 ? -22.299 -8.734  14.375  1.00 40.37 ? 212 GLN A C   1 
ATOM   762 O  O   . GLN A 1 123 ? -22.905 -9.133  15.367  1.00 40.39 ? 212 GLN A O   1 
ATOM   763 C  CB  . GLN A 1 123 ? -21.761 -10.236 12.463  1.00 42.51 ? 212 GLN A CB  1 
ATOM   764 C  CG  . GLN A 1 123 ? -22.180 -10.849 11.127  1.00 47.55 ? 212 GLN A CG  1 
ATOM   765 C  CD  . GLN A 1 123 ? -23.688 -11.079 11.045  1.00 53.70 ? 212 GLN A CD  1 
ATOM   766 O  OE1 . GLN A 1 123 ? -24.195 -12.061 11.586  1.00 58.08 ? 212 GLN A OE1 1 
ATOM   767 N  NE2 . GLN A 1 123 ? -24.413 -10.175 10.367  1.00 56.25 ? 212 GLN A NE2 1 
ATOM   768 N  N   . MET A 1 124 ? -21.248 -7.932  14.454  1.00 39.30 ? 213 MET A N   1 
ATOM   769 C  CA  . MET A 1 124 ? -20.684 -7.528  15.726  1.00 37.92 ? 213 MET A CA  1 
ATOM   770 C  C   . MET A 1 124 ? -21.627 -6.645  16.504  1.00 36.83 ? 213 MET A C   1 
ATOM   771 O  O   . MET A 1 124 ? -21.643 -6.670  17.710  1.00 35.74 ? 213 MET A O   1 
ATOM   772 C  CB  . MET A 1 124 ? -19.337 -6.823  15.513  1.00 37.85 ? 213 MET A CB  1 
ATOM   773 C  CG  . MET A 1 124 ? -18.263 -7.783  15.054  1.00 38.11 ? 213 MET A CG  1 
ATOM   774 S  SD  . MET A 1 124 ? -16.603 -7.105  15.087  1.00 39.97 ? 213 MET A SD  1 
ATOM   775 C  CE  . MET A 1 124 ? -16.642 -5.858  13.790  1.00 36.92 ? 213 MET A CE  1 
ATOM   776 N  N   . CYS A 1 125 ? -22.425 -5.867  15.800  1.00 36.79 ? 214 CYS A N   1 
ATOM   777 C  CA  . CYS A 1 125 ? -23.342 -4.962  16.462  1.00 37.25 ? 214 CYS A CA  1 
ATOM   778 C  C   . CYS A 1 125 ? -24.498 -5.771  16.972  1.00 37.66 ? 214 CYS A C   1 
ATOM   779 O  O   . CYS A 1 125 ? -25.122 -5.402  17.940  1.00 38.02 ? 214 CYS A O   1 
ATOM   780 C  CB  . CYS A 1 125 ? -23.869 -3.867  15.521  1.00 36.89 ? 214 CYS A CB  1 
ATOM   781 S  SG  . CYS A 1 125 ? -22.708 -2.581  15.155  1.00 37.17 ? 214 CYS A SG  1 
ATOM   782 N  N   . ILE A 1 126 ? -24.808 -6.864  16.293  1.00 38.64 ? 215 ILE A N   1 
ATOM   783 C  CA  . ILE A 1 126 ? -25.852 -7.753  16.760  1.00 39.19 ? 215 ILE A CA  1 
ATOM   784 C  C   . ILE A 1 126 ? -25.378 -8.433  18.034  1.00 39.84 ? 215 ILE A C   1 
ATOM   785 O  O   . ILE A 1 126 ? -26.137 -8.582  18.978  1.00 40.39 ? 215 ILE A O   1 
ATOM   786 C  CB  . ILE A 1 126 ? -26.242 -8.774  15.673  1.00 39.81 ? 215 ILE A CB  1 
ATOM   787 C  CG1 . ILE A 1 126 ? -27.029 -8.056  14.563  1.00 39.32 ? 215 ILE A CG1 1 
ATOM   788 C  CG2 . ILE A 1 126 ? -27.063 -9.926  16.265  1.00 38.60 ? 215 ILE A CG2 1 
ATOM   789 C  CD1 . ILE A 1 126 ? -27.228 -8.875  13.295  1.00 37.87 ? 215 ILE A CD1 1 
ATOM   790 N  N   . THR A 1 127 ? -24.102 -8.792  18.087  1.00 40.59 ? 216 THR A N   1 
ATOM   791 C  CA  . THR A 1 127 ? -23.543 -9.387  19.296  1.00 40.80 ? 216 THR A CA  1 
ATOM   792 C  C   . THR A 1 127 ? -23.516 -8.390  20.442  1.00 41.18 ? 216 THR A C   1 
ATOM   793 O  O   . THR A 1 127 ? -23.820 -8.736  21.572  1.00 41.51 ? 216 THR A O   1 
ATOM   794 C  CB  . THR A 1 127 ? -22.122 -9.874  19.067  1.00 41.22 ? 216 THR A CB  1 
ATOM   795 O  OG1 . THR A 1 127 ? -22.135 -10.915 18.080  1.00 41.53 ? 216 THR A OG1 1 
ATOM   796 C  CG2 . THR A 1 127 ? -21.516 -10.410 20.386  1.00 41.04 ? 216 THR A CG2 1 
ATOM   797 N  N   . GLN A 1 128 ? -23.136 -7.149  20.156  1.00 41.28 ? 217 GLN A N   1 
ATOM   798 C  CA  . GLN A 1 128 ? -23.106 -6.134  21.198  1.00 41.21 ? 217 GLN A CA  1 
ATOM   799 C  C   . GLN A 1 128 ? -24.528 -5.945  21.716  1.00 41.79 ? 217 GLN A C   1 
ATOM   800 O  O   . GLN A 1 128 ? -24.755 -5.646  22.878  1.00 41.35 ? 217 GLN A O   1 
ATOM   801 C  CB  . GLN A 1 128 ? -22.564 -4.814  20.661  1.00 40.67 ? 217 GLN A CB  1 
ATOM   802 C  CG  . GLN A 1 128 ? -22.276 -3.823  21.736  1.00 39.01 ? 217 GLN A CG  1 
ATOM   803 C  CD  . GLN A 1 128 ? -21.219 -4.348  22.671  1.00 40.95 ? 217 GLN A CD  1 
ATOM   804 O  OE1 . GLN A 1 128 ? -20.221 -4.923  22.225  1.00 40.22 ? 217 GLN A OE1 1 
ATOM   805 N  NE2 . GLN A 1 128 ? -21.427 -4.170  23.975  1.00 38.52 ? 217 GLN A NE2 1 
ATOM   806 N  N   . TYR A 1 129 ? -25.488 -6.120  20.822  1.00 42.60 ? 218 TYR A N   1 
ATOM   807 C  CA  . TYR A 1 129 ? -26.879 -5.970  21.173  1.00 43.06 ? 218 TYR A CA  1 
ATOM   808 C  C   . TYR A 1 129 ? -27.248 -7.025  22.208  1.00 43.55 ? 218 TYR A C   1 
ATOM   809 O  O   . TYR A 1 129 ? -27.862 -6.742  23.238  1.00 43.44 ? 218 TYR A O   1 
ATOM   810 C  CB  . TYR A 1 129 ? -27.749 -6.167  19.939  1.00 42.87 ? 218 TYR A CB  1 
ATOM   811 C  CG  . TYR A 1 129 ? -29.203 -6.024  20.277  1.00 43.63 ? 218 TYR A CG  1 
ATOM   812 C  CD1 . TYR A 1 129 ? -29.699 -4.813  20.733  1.00 44.49 ? 218 TYR A CD1 1 
ATOM   813 C  CD2 . TYR A 1 129 ? -30.073 -7.099  20.176  1.00 45.39 ? 218 TYR A CD2 1 
ATOM   814 C  CE1 . TYR A 1 129 ? -31.017 -4.669  21.059  1.00 46.38 ? 218 TYR A CE1 1 
ATOM   815 C  CE2 . TYR A 1 129 ? -31.405 -6.970  20.512  1.00 45.84 ? 218 TYR A CE2 1 
ATOM   816 C  CZ  . TYR A 1 129 ? -31.867 -5.754  20.949  1.00 47.18 ? 218 TYR A CZ  1 
ATOM   817 O  OH  . TYR A 1 129 ? -33.191 -5.605  21.284  1.00 50.54 ? 218 TYR A OH  1 
ATOM   818 N  N   . GLU A 1 130 ? -26.885 -8.257  21.897  1.00 44.07 ? 219 GLU A N   1 
ATOM   819 C  CA  . GLU A 1 130 ? -27.120 -9.362  22.799  1.00 45.02 ? 219 GLU A CA  1 
ATOM   820 C  C   . GLU A 1 130 ? -26.370 -9.178  24.113  1.00 45.01 ? 219 GLU A C   1 
ATOM   821 O  O   . GLU A 1 130 ? -26.925 -9.441  25.172  1.00 45.41 ? 219 GLU A O   1 
ATOM   822 C  CB  . GLU A 1 130 ? -26.768 -10.660 22.102  1.00 44.92 ? 219 GLU A CB  1 
ATOM   823 C  CG  . GLU A 1 130 ? -27.711 -10.895 20.933  1.00 47.13 ? 219 GLU A CG  1 
ATOM   824 C  CD  . GLU A 1 130 ? -27.166 -11.861 19.892  1.00 50.81 ? 219 GLU A CD  1 
ATOM   825 O  OE1 . GLU A 1 130 ? -26.047 -12.408 20.118  1.00 50.45 ? 219 GLU A OE1 1 
ATOM   826 O  OE2 . GLU A 1 130 ? -27.880 -12.067 18.857  1.00 52.05 ? 219 GLU A OE2 1 
ATOM   827 N  N   . ARG A 1 131 ? -25.135 -8.695  24.049  1.00 45.02 ? 220 ARG A N   1 
ATOM   828 C  CA  . ARG A 1 131 ? -24.417 -8.336  25.259  1.00 45.39 ? 220 ARG A CA  1 
ATOM   829 C  C   . ARG A 1 131 ? -25.240 -7.352  26.128  1.00 46.53 ? 220 ARG A C   1 
ATOM   830 O  O   . ARG A 1 131 ? -25.331 -7.496  27.340  1.00 46.47 ? 220 ARG A O   1 
ATOM   831 C  CB  . ARG A 1 131 ? -23.052 -7.734  24.920  1.00 44.93 ? 220 ARG A CB  1 
ATOM   832 C  CG  . ARG A 1 131 ? -22.014 -8.706  24.376  1.00 42.69 ? 220 ARG A CG  1 
ATOM   833 C  CD  . ARG A 1 131 ? -20.717 -7.950  24.160  1.00 40.62 ? 220 ARG A CD  1 
ATOM   834 N  NE  . ARG A 1 131 ? -19.558 -8.809  23.923  1.00 38.02 ? 220 ARG A NE  1 
ATOM   835 C  CZ  . ARG A 1 131 ? -18.373 -8.367  23.497  1.00 36.07 ? 220 ARG A CZ  1 
ATOM   836 N  NH1 . ARG A 1 131 ? -18.192 -7.078  23.233  1.00 33.23 ? 220 ARG A NH1 1 
ATOM   837 N  NH2 . ARG A 1 131 ? -17.362 -9.217  23.342  1.00 33.77 ? 220 ARG A NH2 1 
ATOM   838 N  N   . GLU A 1 132 ? -25.837 -6.353  25.498  1.00 48.33 ? 221 GLU A N   1 
ATOM   839 C  CA  . GLU A 1 132 ? -26.618 -5.334  26.204  1.00 50.01 ? 221 GLU A CA  1 
ATOM   840 C  C   . GLU A 1 132 ? -27.986 -5.800  26.738  1.00 52.32 ? 221 GLU A C   1 
ATOM   841 O  O   . GLU A 1 132 ? -28.413 -5.336  27.784  1.00 52.77 ? 221 GLU A O   1 
ATOM   842 C  CB  . GLU A 1 132 ? -26.814 -4.144  25.291  1.00 49.11 ? 221 GLU A CB  1 
ATOM   843 C  CG  . GLU A 1 132 ? -25.511 -3.550  24.869  1.00 47.36 ? 221 GLU A CG  1 
ATOM   844 C  CD  . GLU A 1 132 ? -24.673 -3.212  26.048  1.00 43.69 ? 221 GLU A CD  1 
ATOM   845 O  OE1 . GLU A 1 132 ? -25.259 -2.937  27.082  1.00 43.83 ? 221 GLU A OE1 1 
ATOM   846 O  OE2 . GLU A 1 132 ? -23.437 -3.217  25.968  1.00 44.00 ? 221 GLU A OE2 1 
ATOM   847 N  N   . SER A 1 133 ? -28.670 -6.687  26.008  1.00 55.13 ? 222 SER A N   1 
ATOM   848 C  CA  . SER A 1 133 ? -29.965 -7.225  26.423  1.00 57.70 ? 222 SER A CA  1 
ATOM   849 C  C   . SER A 1 133 ? -29.798 -8.177  27.574  1.00 59.59 ? 222 SER A C   1 
ATOM   850 O  O   . SER A 1 133 ? -30.567 -8.146  28.512  1.00 59.88 ? 222 SER A O   1 
ATOM   851 C  CB  . SER A 1 133 ? -30.631 -8.011  25.297  1.00 57.39 ? 222 SER A CB  1 
ATOM   852 O  OG  . SER A 1 133 ? -30.474 -7.345  24.077  1.00 57.86 ? 222 SER A OG  1 
ATOM   853 N  N   . GLN A 1 134 ? -28.816 -9.059  27.480  1.00 62.40 ? 223 GLN A N   1 
ATOM   854 C  CA  . GLN A 1 134 ? -28.573 -10.014 28.553  1.00 65.04 ? 223 GLN A CA  1 
ATOM   855 C  C   . GLN A 1 134 ? -28.217 -9.297  29.839  1.00 66.54 ? 223 GLN A C   1 
ATOM   856 O  O   . GLN A 1 134 ? -28.816 -9.573  30.868  1.00 67.00 ? 223 GLN A O   1 
ATOM   857 C  CB  . GLN A 1 134 ? -27.462 -10.988 28.180  1.00 65.03 ? 223 GLN A CB  1 
ATOM   858 C  CG  . GLN A 1 134 ? -27.919 -12.094 27.261  1.00 67.65 ? 223 GLN A CG  1 
ATOM   859 C  CD  . GLN A 1 134 ? -26.911 -12.422 26.157  1.00 71.89 ? 223 GLN A CD  1 
ATOM   860 O  OE1 . GLN A 1 134 ? -25.729 -12.030 26.204  1.00 73.08 ? 223 GLN A OE1 1 
ATOM   861 N  NE2 . GLN A 1 134 ? -27.384 -13.144 25.143  1.00 73.30 ? 223 GLN A NE2 1 
ATOM   862 N  N   . ALA A 1 135 ? -27.260 -8.372  29.770  1.00 68.58 ? 224 ALA A N   1 
ATOM   863 C  CA  . ALA A 1 135 ? -26.720 -7.705  30.959  1.00 70.83 ? 224 ALA A CA  1 
ATOM   864 C  C   . ALA A 1 135 ? -27.593 -6.545  31.448  1.00 72.61 ? 224 ALA A C   1 
ATOM   865 O  O   . ALA A 1 135 ? -27.214 -5.784  32.349  1.00 72.82 ? 224 ALA A O   1 
ATOM   866 C  CB  . ALA A 1 135 ? -25.302 -7.221  30.688  1.00 70.56 ? 224 ALA A CB  1 
ATOM   867 N  N   . TYR A 1 136 ? -28.775 -6.423  30.859  1.00 74.68 ? 225 TYR A N   1 
ATOM   868 C  CA  . TYR A 1 136 ? -29.623 -5.276  31.109  1.00 76.63 ? 225 TYR A CA  1 
ATOM   869 C  C   . TYR A 1 136 ? -31.071 -5.649  31.465  1.00 77.18 ? 225 TYR A C   1 
ATOM   870 O  O   . TYR A 1 136 ? -31.850 -4.821  31.972  1.00 77.63 ? 225 TYR A O   1 
ATOM   871 C  CB  . TYR A 1 136 ? -29.613 -4.380  29.882  1.00 77.21 ? 225 TYR A CB  1 
ATOM   872 C  CG  . TYR A 1 136 ? -30.419 -3.134  30.078  1.00 80.26 ? 225 TYR A CG  1 
ATOM   873 C  CD1 . TYR A 1 136 ? -29.982 -2.139  30.965  1.00 82.28 ? 225 TYR A CD1 1 
ATOM   874 C  CD2 . TYR A 1 136 ? -31.630 -2.947  29.396  1.00 82.18 ? 225 TYR A CD2 1 
ATOM   875 C  CE1 . TYR A 1 136 ? -30.727 -0.989  31.160  1.00 83.88 ? 225 TYR A CE1 1 
ATOM   876 C  CE2 . TYR A 1 136 ? -32.381 -1.794  29.581  1.00 83.49 ? 225 TYR A CE2 1 
ATOM   877 C  CZ  . TYR A 1 136 ? -31.922 -0.820  30.465  1.00 84.16 ? 225 TYR A CZ  1 
ATOM   878 O  OH  . TYR A 1 136 ? -32.648 0.331   30.657  1.00 85.17 ? 225 TYR A OH  1 
HETATM 879 CD CD  . CD  B 2 .   ? -5.143  -9.105  -15.813 0.50 92.35 ? 300 CD  A CD  1 
HETATM 880 CL CL  . CL  C 3 .   ? 11.918  12.258  -12.791 1.00 34.27 ? 301 CL  A CL  1 
HETATM 881 O  O   . HOH D 4 .   ? 4.670   2.837   -15.974 1.00 51.82 ? 302 HOH A O   1 
HETATM 882 O  O   . HOH D 4 .   ? -6.635  0.329   -7.950  1.00 38.40 ? 303 HOH A O   1 
HETATM 883 O  O   . HOH D 4 .   ? 16.028  10.729  6.468   1.00 78.56 ? 304 HOH A O   1 
HETATM 884 O  O   . HOH D 4 .   ? 7.016   1.352   -14.940 1.00 52.60 ? 305 HOH A O   1 
HETATM 885 O  O   . HOH D 4 .   ? -10.802 -13.451 -8.792  1.00 63.71 ? 306 HOH A O   1 
HETATM 886 O  O   . HOH D 4 .   ? -6.375  2.347   -9.819  1.00 63.30 ? 307 HOH A O   1 
HETATM 887 O  O   . HOH D 4 .   ? 13.489  15.740  -7.646  1.00 55.54 ? 308 HOH A O   1 
HETATM 888 O  O   . HOH D 4 .   ? -0.371  5.907   -19.251 1.00 66.76 ? 309 HOH A O   1 
HETATM 889 O  O   . HOH D 4 .   ? -7.219  -17.103 -8.170  1.00 45.48 ? 310 HOH A O   1 
HETATM 890 O  O   . HOH D 4 .   ? 14.598  9.277   10.115  1.00 77.69 ? 311 HOH A O   1 
HETATM 891 O  O   . HOH D 4 .   ? -6.074  -18.458 -10.868 1.00 57.05 ? 312 HOH A O   1 
HETATM 892 O  O   . HOH D 4 .   ? -10.453 -0.461  -6.122  1.00 43.65 ? 313 HOH A O   1 
HETATM 893 O  O   . HOH D 4 .   ? 23.019  11.750  -3.512  1.00 57.05 ? 314 HOH A O   1 
HETATM 894 O  O   . HOH D 4 .   ? 21.499  8.706   3.105   1.00 45.91 ? 315 HOH A O   1 
HETATM 895 O  O   . HOH D 4 .   ? 20.821  10.935  -11.687 1.00 60.38 ? 316 HOH A O   1 
HETATM 896 O  O   . HOH D 4 .   ? 18.953  4.142   -6.398  1.00 25.47 ? 317 HOH A O   1 
HETATM 897 O  O   . HOH D 4 .   ? 15.753  13.436  0.311   1.00 73.89 ? 318 HOH A O   1 
HETATM 898 O  O   . HOH D 4 .   ? 17.238  12.700  -12.015 1.00 42.10 ? 319 HOH A O   1 
HETATM 899 O  O   . HOH D 4 .   ? -11.795 1.670   -4.574  1.00 67.03 ? 320 HOH A O   1 
HETATM 900 O  O   . HOH D 4 .   ? -0.628  4.924   -2.776  1.00 45.28 ? 321 HOH A O   1 
HETATM 901 O  O   . HOH D 4 .   ? 3.540   7.458   -4.695  1.00 35.59 ? 322 HOH A O   1 
HETATM 902 O  O   . HOH D 4 .   ? -12.986 -2.578  -4.641  1.00 45.12 ? 323 HOH A O   1 
HETATM 903 O  O   . HOH D 4 .   ? -1.637  4.939   -12.161 1.00 39.83 ? 324 HOH A O   1 
HETATM 904 O  O   . HOH D 4 .   ? 19.466  15.037  1.686   1.00 82.84 ? 325 HOH A O   1 
HETATM 905 O  O   . HOH D 4 .   ? -4.307  -8.053  1.015   1.00 52.03 ? 326 HOH A O   1 
HETATM 906 O  O   . HOH D 4 .   ? -9.566  -11.957 -12.080 1.00 60.44 ? 327 HOH A O   1 
HETATM 907 O  O   . HOH D 4 .   ? -10.688 -15.490 -7.381  0.50 21.50 ? 328 HOH A O   1 
HETATM 908 O  O   . HOH D 4 .   ? 30.773  9.175   -10.967 1.00 77.15 ? 329 HOH A O   1 
HETATM 909 O  O   . HOH D 4 .   ? -13.847 3.980   0.582   1.00 54.07 ? 330 HOH A O   1 
HETATM 910 O  O   . HOH D 4 .   ? 0.866   7.097   -3.265  1.00 45.14 ? 331 HOH A O   1 
HETATM 911 O  O   . HOH D 4 .   ? -17.906 -4.310  20.738  1.00 37.59 ? 332 HOH A O   1 
HETATM 912 O  O   . HOH D 4 .   ? -2.492  -17.040 -5.670  1.00 68.69 ? 333 HOH A O   1 
HETATM 913 O  O   . HOH D 4 .   ? -3.900  -7.086  -12.417 1.00 49.63 ? 334 HOH A O   1 
HETATM 914 O  O   . HOH D 4 .   ? 14.353  -4.484  3.311   1.00 70.26 ? 335 HOH A O   1 
HETATM 915 O  O   . HOH D 4 .   ? 13.639  15.293  -4.296  1.00 44.90 ? 336 HOH A O   1 
HETATM 916 O  O   . HOH D 4 .   ? 26.968  0.207   -8.703  1.00 61.39 ? 337 HOH A O   1 
HETATM 917 O  O   . HOH D 4 .   ? -34.417 -2.753  21.908  1.00 57.52 ? 338 HOH A O   1 
HETATM 918 O  O   . HOH D 4 .   ? -5.014  5.344   -0.938  1.00 66.56 ? 339 HOH A O   1 
HETATM 919 O  O   . HOH D 4 .   ? -17.508 -4.294  -4.466  1.00 72.62 ? 340 HOH A O   1 
HETATM 920 O  O   . HOH D 4 .   ? -10.541 9.274   6.008   1.00 76.66 ? 341 HOH A O   1 
HETATM 921 O  O   . HOH D 4 .   ? 23.433  -2.874  -15.654 1.00 85.12 ? 342 HOH A O   1 
HETATM 922 O  O   . HOH D 4 .   ? 13.215  13.252  -10.666 1.00 65.89 ? 343 HOH A O   1 
HETATM 923 O  O   . HOH D 4 .   ? -21.596 2.402   5.899   1.00 50.15 ? 344 HOH A O   1 
HETATM 924 O  O   . HOH D 4 .   ? 3.101   9.840   -5.281  1.00 47.32 ? 345 HOH A O   1 
HETATM 925 O  O   . HOH D 4 .   ? 7.159   6.796   -3.250  1.00 52.48 ? 346 HOH A O   1 
HETATM 926 O  O   . HOH D 4 .   ? 5.985   8.328   -1.680  1.00 56.85 ? 347 HOH A O   1 
HETATM 927 O  O   . HOH D 4 .   ? -2.248  3.501   0.857   1.00 62.28 ? 348 HOH A O   1 
HETATM 928 O  O   . HOH D 4 .   ? 18.127  -4.085  -12.277 1.00 63.95 ? 349 HOH A O   1 
HETATM 929 O  O   . HOH D 4 .   ? 16.254  -6.292  -10.571 1.00 60.55 ? 350 HOH A O   1 
HETATM 930 O  O   . HOH D 4 .   ? 4.698   14.244  -5.791  1.00 77.53 ? 351 HOH A O   1 
HETATM 931 O  O   . HOH D 4 .   ? -7.636  -9.717  -18.225 1.00 63.72 ? 352 HOH A O   1 
HETATM 932 O  O   . HOH D 4 .   ? 18.241  -5.309  -8.575  1.00 46.28 ? 353 HOH A O   1 
# 
